data_1UHU
#
_entry.id   1UHU
#
_cell.length_a   1.000
_cell.length_b   1.000
_cell.length_c   1.000
_cell.angle_alpha   90.00
_cell.angle_beta   90.00
_cell.angle_gamma   90.00
#
_symmetry.space_group_name_H-M   'P 1'
#
_entity_poly.entity_id   1
_entity_poly.type   'polypeptide(L)'
_entity_poly.pdbx_seq_one_letter_code
;GSSGSSGTPLSLTLDHWSEIRSRAHNLSVEIKKGPWRTFCASEWPTFDVGWPPEGTFDLTVIFEVKAIVFQDGPGSHPDQ
QPYITVWQDLVQNSPPWIKSGPSSG
;
_entity_poly.pdbx_strand_id   A
#
# COMPACT_ATOMS: atom_id res chain seq x y z
N GLY A 1 -2.74 -9.85 -19.66
CA GLY A 1 -3.37 -9.09 -18.60
C GLY A 1 -3.18 -9.77 -17.24
N SER A 2 -3.21 -8.97 -16.20
CA SER A 2 -3.04 -9.48 -14.85
C SER A 2 -4.32 -10.19 -14.39
N SER A 3 -4.15 -11.45 -14.02
CA SER A 3 -5.28 -12.25 -13.57
C SER A 3 -4.79 -13.52 -12.88
N GLY A 4 -5.05 -13.60 -11.58
CA GLY A 4 -4.63 -14.75 -10.80
C GLY A 4 -5.27 -14.73 -9.41
N SER A 5 -5.27 -15.89 -8.77
CA SER A 5 -5.84 -16.02 -7.45
C SER A 5 -4.84 -16.70 -6.51
N SER A 6 -3.83 -15.94 -6.11
CA SER A 6 -2.80 -16.45 -5.23
C SER A 6 -1.90 -15.31 -4.76
N GLY A 7 -1.39 -15.46 -3.54
CA GLY A 7 -0.51 -14.46 -2.97
C GLY A 7 -1.23 -13.11 -2.83
N THR A 8 -1.07 -12.51 -1.66
CA THR A 8 -1.70 -11.22 -1.40
C THR A 8 -0.63 -10.12 -1.32
N PRO A 9 -1.11 -8.86 -1.47
CA PRO A 9 -0.21 -7.72 -1.43
C PRO A 9 0.22 -7.42 0.01
N LEU A 10 -0.76 -7.41 0.90
CA LEU A 10 -0.50 -7.15 2.31
C LEU A 10 0.57 -8.12 2.81
N SER A 11 0.44 -9.36 2.38
CA SER A 11 1.39 -10.39 2.78
C SER A 11 2.72 -10.19 2.07
N LEU A 12 2.62 -9.86 0.79
CA LEU A 12 3.81 -9.63 -0.02
C LEU A 12 4.58 -8.44 0.54
N THR A 13 3.84 -7.44 0.98
CA THR A 13 4.44 -6.24 1.54
C THR A 13 5.03 -6.54 2.92
N LEU A 14 4.17 -7.08 3.79
CA LEU A 14 4.60 -7.41 5.14
C LEU A 14 5.80 -8.35 5.08
N ASP A 15 5.78 -9.23 4.09
CA ASP A 15 6.86 -10.18 3.90
C ASP A 15 8.16 -9.42 3.61
N HIS A 16 8.02 -8.35 2.83
CA HIS A 16 9.17 -7.55 2.46
C HIS A 16 9.11 -6.21 3.22
N TRP A 17 8.69 -6.30 4.47
CA TRP A 17 8.59 -5.11 5.31
C TRP A 17 9.89 -4.32 5.17
N SER A 18 10.99 -5.06 5.06
CA SER A 18 12.30 -4.44 4.92
C SER A 18 12.29 -3.47 3.74
N GLU A 19 11.67 -3.91 2.66
CA GLU A 19 11.58 -3.09 1.46
C GLU A 19 10.68 -1.88 1.70
N ILE A 20 9.57 -2.14 2.37
CA ILE A 20 8.61 -1.09 2.68
C ILE A 20 9.29 -0.04 3.56
N ARG A 21 10.13 -0.51 4.46
CA ARG A 21 10.85 0.37 5.36
C ARG A 21 11.91 1.16 4.60
N SER A 22 12.46 0.53 3.57
CA SER A 22 13.47 1.16 2.75
C SER A 22 12.87 2.34 1.97
N ARG A 23 11.71 2.09 1.39
CA ARG A 23 11.02 3.11 0.62
C ARG A 23 10.69 4.31 1.51
N ALA A 24 10.48 4.01 2.78
CA ALA A 24 10.15 5.06 3.75
C ALA A 24 11.39 5.90 4.03
N HIS A 25 12.52 5.22 4.13
CA HIS A 25 13.79 5.89 4.39
C HIS A 25 14.13 6.81 3.22
N ASN A 26 13.99 6.26 2.02
CA ASN A 26 14.28 7.02 0.81
C ASN A 26 13.29 8.18 0.69
N LEU A 27 12.11 7.97 1.26
CA LEU A 27 11.07 8.99 1.22
C LEU A 27 11.22 9.91 2.44
N SER A 28 12.05 9.47 3.38
CA SER A 28 12.29 10.25 4.58
C SER A 28 11.07 10.18 5.49
N VAL A 29 10.53 8.98 5.63
CA VAL A 29 9.36 8.76 6.46
C VAL A 29 9.55 7.48 7.27
N GLU A 30 8.78 7.38 8.35
CA GLU A 30 8.85 6.21 9.22
C GLU A 30 7.47 5.57 9.35
N ILE A 31 7.47 4.25 9.37
CA ILE A 31 6.23 3.50 9.50
C ILE A 31 6.47 2.25 10.33
N LYS A 32 5.38 1.67 10.81
CA LYS A 32 5.46 0.47 11.63
C LYS A 32 4.83 -0.69 10.87
N LYS A 33 5.09 -1.90 11.37
CA LYS A 33 4.55 -3.09 10.75
C LYS A 33 3.23 -3.46 11.42
N GLY A 34 2.99 -2.82 12.55
CA GLY A 34 1.76 -3.07 13.30
C GLY A 34 0.59 -2.29 12.71
N PRO A 35 0.82 -0.96 12.49
CA PRO A 35 -0.20 -0.10 11.94
C PRO A 35 -0.37 -0.35 10.43
N TRP A 36 0.76 -0.58 9.78
CA TRP A 36 0.76 -0.82 8.34
C TRP A 36 -0.30 -1.90 8.05
N ARG A 37 -0.38 -2.87 8.95
CA ARG A 37 -1.33 -3.95 8.80
C ARG A 37 -2.74 -3.47 9.19
N THR A 38 -2.80 -2.81 10.34
CA THR A 38 -4.07 -2.30 10.84
C THR A 38 -4.73 -1.41 9.78
N PHE A 39 -3.97 -0.44 9.30
CA PHE A 39 -4.46 0.48 8.30
C PHE A 39 -4.93 -0.27 7.05
N CYS A 40 -4.30 -1.41 6.81
CA CYS A 40 -4.63 -2.23 5.66
C CYS A 40 -5.48 -3.41 6.14
N ALA A 41 -5.96 -3.29 7.37
CA ALA A 41 -6.79 -4.34 7.95
C ALA A 41 -8.26 -3.97 7.79
N SER A 42 -8.63 -2.85 8.36
CA SER A 42 -10.00 -2.38 8.29
C SER A 42 -10.05 -0.85 8.39
N GLU A 43 -9.03 -0.22 7.81
CA GLU A 43 -8.95 1.23 7.83
C GLU A 43 -9.06 1.79 6.41
N TRP A 44 -8.25 1.23 5.51
CA TRP A 44 -8.26 1.65 4.13
C TRP A 44 -9.50 1.08 3.45
N PRO A 45 -9.76 -0.22 3.75
CA PRO A 45 -10.91 -0.91 3.18
C PRO A 45 -12.21 -0.46 3.86
N THR A 46 -12.06 0.47 4.79
CA THR A 46 -13.21 0.99 5.53
C THR A 46 -13.35 2.49 5.28
N PHE A 47 -12.67 2.96 4.25
CA PHE A 47 -12.72 4.38 3.90
C PHE A 47 -13.83 4.65 2.89
N ASP A 48 -14.26 3.59 2.22
CA ASP A 48 -15.32 3.71 1.23
C ASP A 48 -14.74 4.25 -0.06
N VAL A 49 -14.19 3.35 -0.86
CA VAL A 49 -13.59 3.73 -2.13
C VAL A 49 -13.50 2.51 -3.04
N GLY A 50 -13.05 1.41 -2.45
CA GLY A 50 -12.91 0.16 -3.20
C GLY A 50 -11.59 -0.51 -2.89
N TRP A 51 -11.22 -0.48 -1.61
CA TRP A 51 -9.97 -1.08 -1.18
C TRP A 51 -10.30 -2.40 -0.47
N PRO A 52 -9.67 -3.50 -0.96
CA PRO A 52 -9.89 -4.81 -0.38
C PRO A 52 -9.17 -4.95 0.97
N PRO A 53 -9.60 -5.98 1.74
CA PRO A 53 -9.01 -6.23 3.05
C PRO A 53 -7.63 -6.86 2.90
N GLU A 54 -7.39 -7.46 1.74
CA GLU A 54 -6.12 -8.10 1.47
C GLU A 54 -5.13 -7.09 0.90
N GLY A 55 -5.67 -6.05 0.27
CA GLY A 55 -4.84 -5.01 -0.31
C GLY A 55 -4.86 -5.09 -1.85
N THR A 56 -4.26 -4.09 -2.46
CA THR A 56 -4.21 -4.04 -3.92
C THR A 56 -3.14 -3.05 -4.38
N PHE A 57 -2.45 -3.42 -5.45
CA PHE A 57 -1.41 -2.58 -6.00
C PHE A 57 -1.91 -1.76 -7.18
N ASP A 58 -3.15 -1.29 -7.06
CA ASP A 58 -3.77 -0.51 -8.12
C ASP A 58 -3.68 0.97 -7.75
N LEU A 59 -2.84 1.68 -8.49
CA LEU A 59 -2.65 3.10 -8.25
C LEU A 59 -4.03 3.78 -8.11
N THR A 60 -4.97 3.30 -8.91
CA THR A 60 -6.32 3.84 -8.88
C THR A 60 -6.92 3.70 -7.49
N VAL A 61 -6.86 2.48 -6.96
CA VAL A 61 -7.39 2.20 -5.64
C VAL A 61 -6.53 2.91 -4.59
N ILE A 62 -5.24 2.99 -4.89
CA ILE A 62 -4.30 3.62 -3.98
C ILE A 62 -4.62 5.11 -3.89
N PHE A 63 -4.67 5.74 -5.06
CA PHE A 63 -4.96 7.17 -5.13
C PHE A 63 -6.28 7.49 -4.42
N GLU A 64 -7.15 6.49 -4.37
CA GLU A 64 -8.44 6.66 -3.73
C GLU A 64 -8.27 6.86 -2.22
N VAL A 65 -7.53 5.94 -1.62
CA VAL A 65 -7.27 6.00 -0.19
C VAL A 65 -6.39 7.21 0.11
N LYS A 66 -5.42 7.43 -0.76
CA LYS A 66 -4.50 8.54 -0.59
C LYS A 66 -5.28 9.85 -0.65
N ALA A 67 -6.30 9.86 -1.50
CA ALA A 67 -7.13 11.04 -1.67
C ALA A 67 -7.76 11.41 -0.31
N ILE A 68 -8.41 10.44 0.30
CA ILE A 68 -9.04 10.64 1.59
C ILE A 68 -7.97 10.92 2.64
N VAL A 69 -6.90 10.16 2.55
CA VAL A 69 -5.79 10.31 3.49
C VAL A 69 -5.22 11.72 3.38
N PHE A 70 -4.95 12.13 2.16
CA PHE A 70 -4.40 13.44 1.91
C PHE A 70 -5.52 14.46 1.66
N GLN A 71 -6.57 14.35 2.47
CA GLN A 71 -7.70 15.24 2.36
C GLN A 71 -7.46 16.52 3.17
N ASP A 72 -8.48 17.34 3.23
CA ASP A 72 -8.39 18.60 3.97
C ASP A 72 -9.18 18.47 5.28
N GLY A 73 -8.60 19.03 6.33
CA GLY A 73 -9.23 18.98 7.64
C GLY A 73 -8.55 17.95 8.54
N PRO A 74 -9.21 17.66 9.69
CA PRO A 74 -8.69 16.70 10.64
C PRO A 74 -8.87 15.27 10.13
N GLY A 75 -9.52 15.15 8.98
CA GLY A 75 -9.77 13.86 8.39
C GLY A 75 -8.49 13.27 7.78
N SER A 76 -7.66 14.16 7.26
CA SER A 76 -6.40 13.76 6.65
C SER A 76 -5.67 12.80 7.59
N HIS A 77 -4.92 11.89 6.97
CA HIS A 77 -4.17 10.91 7.74
C HIS A 77 -2.68 11.14 7.54
N PRO A 78 -2.08 11.91 8.49
CA PRO A 78 -0.67 12.23 8.42
C PRO A 78 0.18 11.02 8.83
N ASP A 79 -0.50 10.04 9.44
CA ASP A 79 0.18 8.84 9.88
C ASP A 79 0.18 7.81 8.74
N GLN A 80 -0.93 7.78 8.01
CA GLN A 80 -1.08 6.86 6.90
C GLN A 80 -0.53 7.48 5.61
N GLN A 81 -0.37 8.79 5.65
CA GLN A 81 0.15 9.52 4.50
C GLN A 81 1.41 8.85 3.99
N PRO A 82 2.35 8.55 4.93
CA PRO A 82 3.61 7.92 4.58
C PRO A 82 3.39 6.43 4.28
N TYR A 83 2.32 5.89 4.82
CA TYR A 83 1.98 4.49 4.61
C TYR A 83 1.38 4.26 3.23
N ILE A 84 0.40 5.08 2.90
CA ILE A 84 -0.26 4.98 1.61
C ILE A 84 0.71 5.41 0.51
N THR A 85 1.61 6.31 0.88
CA THR A 85 2.60 6.80 -0.06
C THR A 85 3.45 5.65 -0.61
N VAL A 86 4.00 4.89 0.32
CA VAL A 86 4.84 3.76 -0.04
C VAL A 86 4.06 2.83 -0.98
N TRP A 87 2.82 2.58 -0.62
CA TRP A 87 1.96 1.72 -1.41
C TRP A 87 1.96 2.25 -2.85
N GLN A 88 1.97 3.57 -2.95
CA GLN A 88 1.98 4.21 -4.26
C GLN A 88 3.32 3.99 -4.95
N ASP A 89 4.39 4.10 -4.17
CA ASP A 89 5.73 3.92 -4.70
C ASP A 89 5.89 2.47 -5.18
N LEU A 90 5.28 1.57 -4.43
CA LEU A 90 5.34 0.15 -4.77
C LEU A 90 4.82 -0.06 -6.19
N VAL A 91 3.61 0.43 -6.41
CA VAL A 91 2.99 0.31 -7.72
C VAL A 91 3.96 0.81 -8.80
N GLN A 92 4.25 2.10 -8.74
CA GLN A 92 5.16 2.70 -9.68
C GLN A 92 6.33 1.77 -9.97
N ASN A 93 7.15 1.58 -8.96
CA ASN A 93 8.32 0.72 -9.08
C ASN A 93 7.94 -0.71 -8.68
N SER A 94 7.16 -1.34 -9.56
CA SER A 94 6.72 -2.70 -9.32
C SER A 94 7.92 -3.61 -9.06
N PRO A 95 8.00 -4.14 -7.81
CA PRO A 95 9.10 -5.02 -7.44
C PRO A 95 8.90 -6.41 -8.06
N PRO A 96 10.02 -7.19 -8.04
CA PRO A 96 9.98 -8.54 -8.58
C PRO A 96 9.26 -9.50 -7.65
N TRP A 97 9.23 -9.12 -6.37
CA TRP A 97 8.57 -9.94 -5.36
C TRP A 97 7.06 -9.66 -5.46
N ILE A 98 6.72 -8.65 -6.22
CA ILE A 98 5.33 -8.27 -6.40
C ILE A 98 4.82 -8.81 -7.73
N LYS A 99 5.46 -8.34 -8.80
CA LYS A 99 5.08 -8.76 -10.14
C LYS A 99 6.21 -9.62 -10.73
N SER A 100 5.86 -10.87 -11.01
CA SER A 100 6.83 -11.80 -11.57
C SER A 100 6.48 -12.10 -13.03
N GLY A 101 7.50 -12.08 -13.87
CA GLY A 101 7.31 -12.34 -15.29
C GLY A 101 8.66 -12.58 -15.97
N PRO A 102 8.57 -13.21 -17.18
CA PRO A 102 9.78 -13.50 -17.95
C PRO A 102 10.33 -12.23 -18.60
N SER A 103 9.44 -11.50 -19.24
CA SER A 103 9.82 -10.26 -19.90
C SER A 103 10.79 -10.56 -21.05
N SER A 104 10.22 -10.95 -22.18
CA SER A 104 11.02 -11.26 -23.35
C SER A 104 11.80 -10.03 -23.80
N GLY A 105 13.11 -10.10 -23.61
CA GLY A 105 13.97 -8.99 -23.99
C GLY A 105 14.31 -8.12 -22.79
N GLY A 1 -1.35 -7.17 -9.27
CA GLY A 1 -1.62 -5.95 -10.03
C GLY A 1 -2.95 -6.05 -10.76
N SER A 2 -4.00 -5.62 -10.08
CA SER A 2 -5.34 -5.64 -10.65
C SER A 2 -5.72 -7.09 -10.99
N SER A 3 -6.54 -7.67 -10.12
CA SER A 3 -7.00 -9.04 -10.32
C SER A 3 -5.81 -9.99 -10.28
N GLY A 4 -5.81 -10.85 -9.27
CA GLY A 4 -4.74 -11.82 -9.09
C GLY A 4 -5.31 -13.23 -8.90
N SER A 5 -4.43 -14.13 -8.50
CA SER A 5 -4.82 -15.51 -8.28
C SER A 5 -4.43 -15.94 -6.86
N SER A 6 -3.13 -15.88 -6.60
CA SER A 6 -2.62 -16.26 -5.28
C SER A 6 -1.66 -15.18 -4.78
N GLY A 7 -1.36 -15.28 -3.48
CA GLY A 7 -0.45 -14.33 -2.86
C GLY A 7 -1.14 -12.98 -2.65
N THR A 8 -1.10 -12.52 -1.41
CA THR A 8 -1.71 -11.25 -1.07
C THR A 8 -0.66 -10.13 -1.05
N PRO A 9 -1.15 -8.88 -1.24
CA PRO A 9 -0.26 -7.73 -1.25
C PRO A 9 0.18 -7.36 0.17
N LEU A 10 -0.79 -7.33 1.06
CA LEU A 10 -0.51 -7.01 2.46
C LEU A 10 0.60 -7.93 2.98
N SER A 11 0.42 -9.22 2.73
CA SER A 11 1.39 -10.20 3.16
C SER A 11 2.72 -9.98 2.45
N LEU A 12 2.63 -9.79 1.15
CA LEU A 12 3.81 -9.56 0.33
C LEU A 12 4.60 -8.37 0.90
N THR A 13 3.88 -7.28 1.10
CA THR A 13 4.49 -6.07 1.64
C THR A 13 5.01 -6.32 3.05
N LEU A 14 4.31 -7.20 3.76
CA LEU A 14 4.70 -7.54 5.12
C LEU A 14 5.95 -8.42 5.09
N ASP A 15 5.94 -9.36 4.18
CA ASP A 15 7.07 -10.28 4.04
C ASP A 15 8.33 -9.48 3.71
N HIS A 16 8.14 -8.43 2.92
CA HIS A 16 9.25 -7.59 2.52
C HIS A 16 9.16 -6.24 3.26
N TRP A 17 8.72 -6.32 4.51
CA TRP A 17 8.57 -5.12 5.32
C TRP A 17 9.87 -4.31 5.20
N SER A 18 10.98 -5.04 5.12
CA SER A 18 12.28 -4.40 4.99
C SER A 18 12.29 -3.45 3.80
N GLU A 19 11.75 -3.93 2.69
CA GLU A 19 11.69 -3.14 1.47
C GLU A 19 10.79 -1.92 1.69
N ILE A 20 9.69 -2.15 2.37
CA ILE A 20 8.74 -1.08 2.65
C ILE A 20 9.40 -0.06 3.59
N ARG A 21 10.21 -0.57 4.50
CA ARG A 21 10.89 0.28 5.45
C ARG A 21 11.99 1.08 4.75
N SER A 22 12.49 0.51 3.67
CA SER A 22 13.54 1.16 2.89
C SER A 22 12.97 2.34 2.10
N ARG A 23 11.86 2.07 1.44
CA ARG A 23 11.20 3.10 0.64
C ARG A 23 10.88 4.32 1.50
N ALA A 24 10.62 4.05 2.77
CA ALA A 24 10.30 5.11 3.71
C ALA A 24 11.56 5.94 3.99
N HIS A 25 12.68 5.24 4.07
CA HIS A 25 13.96 5.89 4.33
C HIS A 25 14.32 6.80 3.15
N ASN A 26 14.09 6.27 1.95
CA ASN A 26 14.38 7.03 0.75
C ASN A 26 13.45 8.23 0.65
N LEU A 27 12.22 8.03 1.10
CA LEU A 27 11.23 9.09 1.08
C LEU A 27 11.42 9.98 2.30
N SER A 28 12.11 9.44 3.29
CA SER A 28 12.36 10.17 4.53
C SER A 28 11.12 10.15 5.41
N VAL A 29 10.60 8.95 5.63
CA VAL A 29 9.41 8.78 6.45
C VAL A 29 9.55 7.49 7.26
N GLU A 30 8.84 7.47 8.38
CA GLU A 30 8.88 6.31 9.26
C GLU A 30 7.49 5.67 9.35
N ILE A 31 7.48 4.35 9.34
CA ILE A 31 6.23 3.61 9.41
C ILE A 31 6.44 2.35 10.26
N LYS A 32 5.33 1.85 10.79
CA LYS A 32 5.38 0.65 11.61
C LYS A 32 4.73 -0.52 10.87
N LYS A 33 4.96 -1.71 11.38
CA LYS A 33 4.41 -2.91 10.77
C LYS A 33 3.08 -3.24 11.43
N GLY A 34 2.82 -2.56 12.54
CA GLY A 34 1.59 -2.77 13.28
C GLY A 34 0.43 -2.01 12.66
N PRO A 35 0.67 -0.69 12.41
CA PRO A 35 -0.35 0.16 11.81
C PRO A 35 -0.49 -0.12 10.32
N TRP A 36 0.66 -0.31 9.68
CA TRP A 36 0.68 -0.58 8.25
C TRP A 36 -0.31 -1.71 7.97
N ARG A 37 -0.34 -2.68 8.89
CA ARG A 37 -1.23 -3.82 8.76
C ARG A 37 -2.65 -3.42 9.14
N THR A 38 -2.77 -2.78 10.29
CA THR A 38 -4.06 -2.34 10.78
C THR A 38 -4.76 -1.46 9.75
N PHE A 39 -4.01 -0.50 9.24
CA PHE A 39 -4.54 0.42 8.24
C PHE A 39 -5.07 -0.35 7.02
N CYS A 40 -4.33 -1.37 6.64
CA CYS A 40 -4.71 -2.19 5.50
C CYS A 40 -5.61 -3.33 6.01
N ALA A 41 -5.99 -3.22 7.27
CA ALA A 41 -6.84 -4.23 7.88
C ALA A 41 -8.31 -3.82 7.68
N SER A 42 -8.68 -2.73 8.31
CA SER A 42 -10.04 -2.22 8.20
C SER A 42 -10.05 -0.70 8.36
N GLU A 43 -9.08 -0.07 7.76
CA GLU A 43 -8.97 1.38 7.83
C GLU A 43 -9.08 1.98 6.43
N TRP A 44 -8.30 1.42 5.50
CA TRP A 44 -8.30 1.90 4.13
C TRP A 44 -9.58 1.38 3.45
N PRO A 45 -9.88 0.08 3.71
CA PRO A 45 -11.05 -0.54 3.14
C PRO A 45 -12.32 -0.07 3.86
N THR A 46 -12.13 0.81 4.82
CA THR A 46 -13.24 1.33 5.59
C THR A 46 -13.44 2.82 5.29
N PHE A 47 -12.91 3.24 4.16
CA PHE A 47 -13.02 4.62 3.73
C PHE A 47 -14.11 4.79 2.68
N ASP A 48 -14.49 3.66 2.08
CA ASP A 48 -15.51 3.67 1.04
C ASP A 48 -14.94 4.26 -0.25
N VAL A 49 -14.37 3.37 -1.06
CA VAL A 49 -13.78 3.79 -2.32
C VAL A 49 -13.64 2.57 -3.23
N GLY A 50 -13.18 1.48 -2.65
CA GLY A 50 -13.00 0.25 -3.40
C GLY A 50 -11.65 -0.40 -3.08
N TRP A 51 -11.30 -0.36 -1.80
CA TRP A 51 -10.05 -0.95 -1.35
C TRP A 51 -10.36 -2.27 -0.66
N PRO A 52 -9.66 -3.34 -1.14
CA PRO A 52 -9.86 -4.67 -0.57
C PRO A 52 -9.18 -4.79 0.80
N PRO A 53 -9.59 -5.85 1.54
CA PRO A 53 -9.02 -6.08 2.87
C PRO A 53 -7.62 -6.67 2.76
N GLU A 54 -7.42 -7.49 1.75
CA GLU A 54 -6.13 -8.11 1.52
C GLU A 54 -5.15 -7.10 0.93
N GLY A 55 -5.70 -6.02 0.42
CA GLY A 55 -4.89 -4.97 -0.18
C GLY A 55 -4.88 -5.09 -1.70
N THR A 56 -4.26 -4.11 -2.35
CA THR A 56 -4.17 -4.09 -3.80
C THR A 56 -3.05 -3.16 -4.25
N PHE A 57 -2.51 -3.47 -5.43
CA PHE A 57 -1.44 -2.68 -5.98
C PHE A 57 -1.92 -1.88 -7.20
N ASP A 58 -3.11 -1.33 -7.08
CA ASP A 58 -3.69 -0.55 -8.15
C ASP A 58 -3.61 0.94 -7.80
N LEU A 59 -2.75 1.64 -8.53
CA LEU A 59 -2.56 3.07 -8.31
C LEU A 59 -3.93 3.73 -8.16
N THR A 60 -4.85 3.34 -9.03
CA THR A 60 -6.19 3.89 -9.01
C THR A 60 -6.82 3.72 -7.62
N VAL A 61 -6.74 2.49 -7.12
CA VAL A 61 -7.29 2.17 -5.82
C VAL A 61 -6.47 2.87 -4.73
N ILE A 62 -5.18 3.02 -5.02
CA ILE A 62 -4.27 3.66 -4.09
C ILE A 62 -4.61 5.15 -4.01
N PHE A 63 -4.66 5.78 -5.17
CA PHE A 63 -4.98 7.20 -5.26
C PHE A 63 -6.28 7.52 -4.52
N GLU A 64 -7.15 6.52 -4.47
CA GLU A 64 -8.43 6.68 -3.81
C GLU A 64 -8.24 6.92 -2.32
N VAL A 65 -7.48 6.02 -1.70
CA VAL A 65 -7.20 6.13 -0.28
C VAL A 65 -6.34 7.37 -0.02
N LYS A 66 -5.41 7.60 -0.93
CA LYS A 66 -4.52 8.74 -0.80
C LYS A 66 -5.35 10.02 -0.76
N ALA A 67 -6.42 10.03 -1.54
CA ALA A 67 -7.30 11.18 -1.59
C ALA A 67 -7.85 11.47 -0.19
N ILE A 68 -8.44 10.44 0.40
CA ILE A 68 -9.00 10.57 1.73
C ILE A 68 -7.88 10.82 2.74
N VAL A 69 -6.79 10.08 2.56
CA VAL A 69 -5.64 10.22 3.44
C VAL A 69 -5.13 11.66 3.38
N PHE A 70 -4.91 12.13 2.16
CA PHE A 70 -4.43 13.49 1.95
C PHE A 70 -5.58 14.46 1.79
N GLN A 71 -6.59 14.29 2.63
CA GLN A 71 -7.76 15.15 2.59
C GLN A 71 -7.59 16.32 3.56
N ASP A 72 -8.67 17.08 3.70
CA ASP A 72 -8.66 18.22 4.60
C ASP A 72 -9.46 17.89 5.87
N GLY A 73 -9.10 18.56 6.94
CA GLY A 73 -9.77 18.35 8.21
C GLY A 73 -8.96 17.41 9.11
N PRO A 74 -9.53 17.12 10.31
CA PRO A 74 -8.87 16.24 11.26
C PRO A 74 -8.98 14.78 10.82
N GLY A 75 -9.71 14.58 9.73
CA GLY A 75 -9.89 13.24 9.19
C GLY A 75 -8.65 12.77 8.43
N SER A 76 -7.93 13.74 7.89
CA SER A 76 -6.72 13.45 7.14
C SER A 76 -5.88 12.41 7.88
N HIS A 77 -5.12 11.64 7.11
CA HIS A 77 -4.27 10.61 7.69
C HIS A 77 -2.81 10.95 7.41
N PRO A 78 -2.22 11.74 8.35
CA PRO A 78 -0.83 12.14 8.22
C PRO A 78 0.11 10.97 8.56
N ASP A 79 -0.43 10.02 9.29
CA ASP A 79 0.34 8.85 9.68
C ASP A 79 0.35 7.83 8.55
N GLN A 80 -0.77 7.80 7.82
CA GLN A 80 -0.90 6.89 6.70
C GLN A 80 -0.36 7.53 5.42
N GLN A 81 -0.23 8.84 5.47
CA GLN A 81 0.28 9.59 4.33
C GLN A 81 1.56 8.94 3.80
N PRO A 82 2.50 8.67 4.74
CA PRO A 82 3.77 8.05 4.37
C PRO A 82 3.59 6.56 4.07
N TYR A 83 2.54 6.00 4.63
CA TYR A 83 2.24 4.59 4.43
C TYR A 83 1.68 4.35 3.02
N ILE A 84 0.67 5.14 2.68
CA ILE A 84 0.04 5.02 1.38
C ILE A 84 1.05 5.40 0.29
N THR A 85 1.90 6.37 0.62
CA THR A 85 2.90 6.83 -0.32
C THR A 85 3.75 5.65 -0.81
N VAL A 86 4.26 4.88 0.15
CA VAL A 86 5.08 3.73 -0.17
C VAL A 86 4.28 2.79 -1.08
N TRP A 87 3.03 2.57 -0.72
CA TRP A 87 2.16 1.69 -1.48
C TRP A 87 2.18 2.17 -2.94
N GLN A 88 2.08 3.47 -3.12
CA GLN A 88 2.09 4.06 -4.44
C GLN A 88 3.42 3.77 -5.13
N ASP A 89 4.49 4.02 -4.41
CA ASP A 89 5.83 3.80 -4.94
C ASP A 89 5.96 2.34 -5.39
N LEU A 90 5.39 1.45 -4.60
CA LEU A 90 5.43 0.03 -4.91
C LEU A 90 4.85 -0.19 -6.31
N VAL A 91 3.64 0.30 -6.50
CA VAL A 91 2.97 0.16 -7.78
C VAL A 91 3.91 0.65 -8.90
N GLN A 92 4.26 1.92 -8.81
CA GLN A 92 5.14 2.51 -9.80
C GLN A 92 6.30 1.57 -10.12
N ASN A 93 7.16 1.38 -9.11
CA ASN A 93 8.31 0.51 -9.27
C ASN A 93 7.94 -0.90 -8.80
N SER A 94 7.03 -1.51 -9.54
CA SER A 94 6.58 -2.85 -9.21
C SER A 94 7.80 -3.76 -8.99
N PRO A 95 7.89 -4.29 -7.74
CA PRO A 95 8.99 -5.17 -7.38
C PRO A 95 8.79 -6.56 -7.98
N PRO A 96 9.90 -7.35 -7.98
CA PRO A 96 9.86 -8.71 -8.52
C PRO A 96 9.13 -9.66 -7.57
N TRP A 97 9.11 -9.28 -6.30
CA TRP A 97 8.45 -10.08 -5.29
C TRP A 97 6.95 -9.80 -5.36
N ILE A 98 6.61 -8.78 -6.15
CA ILE A 98 5.22 -8.40 -6.31
C ILE A 98 4.70 -8.93 -7.65
N LYS A 99 5.34 -8.47 -8.71
CA LYS A 99 4.96 -8.89 -10.06
C LYS A 99 6.23 -9.04 -10.91
N SER A 100 6.46 -10.26 -11.36
CA SER A 100 7.62 -10.56 -12.18
C SER A 100 7.19 -10.73 -13.64
N GLY A 101 7.94 -10.10 -14.52
CA GLY A 101 7.65 -10.19 -15.95
C GLY A 101 7.88 -11.60 -16.47
N PRO A 102 7.30 -11.87 -17.67
CA PRO A 102 7.43 -13.18 -18.30
C PRO A 102 8.83 -13.36 -18.89
N SER A 103 9.47 -14.45 -18.49
CA SER A 103 10.81 -14.76 -18.97
C SER A 103 10.73 -15.78 -20.10
N SER A 104 11.06 -15.31 -21.31
CA SER A 104 11.03 -16.17 -22.47
C SER A 104 9.61 -16.66 -22.73
N GLY A 105 9.04 -16.18 -23.82
CA GLY A 105 7.68 -16.56 -24.20
C GLY A 105 6.66 -15.67 -23.50
N GLY A 1 -7.30 -26.55 -4.63
CA GLY A 1 -6.21 -27.48 -4.79
C GLY A 1 -5.05 -27.14 -3.85
N SER A 2 -3.84 -27.36 -4.34
CA SER A 2 -2.66 -27.08 -3.56
C SER A 2 -2.19 -25.65 -3.82
N SER A 3 -2.85 -24.72 -3.16
CA SER A 3 -2.52 -23.31 -3.31
C SER A 3 -2.33 -22.98 -4.80
N GLY A 4 -3.47 -22.80 -5.47
CA GLY A 4 -3.43 -22.47 -6.89
C GLY A 4 -3.37 -20.97 -7.11
N SER A 5 -2.14 -20.44 -7.07
CA SER A 5 -1.92 -19.03 -7.26
C SER A 5 -2.69 -18.23 -6.20
N SER A 6 -2.12 -18.20 -5.00
CA SER A 6 -2.74 -17.48 -3.91
C SER A 6 -1.70 -16.61 -3.18
N GLY A 7 -1.73 -15.32 -3.50
CA GLY A 7 -0.80 -14.38 -2.90
C GLY A 7 -1.43 -13.00 -2.75
N THR A 8 -1.36 -12.48 -1.54
CA THR A 8 -1.93 -11.17 -1.25
C THR A 8 -0.82 -10.11 -1.24
N PRO A 9 -1.26 -8.83 -1.40
CA PRO A 9 -0.32 -7.71 -1.40
C PRO A 9 0.17 -7.41 0.02
N LEU A 10 -0.77 -7.36 0.95
CA LEU A 10 -0.46 -7.08 2.33
C LEU A 10 0.62 -8.06 2.81
N SER A 11 0.41 -9.32 2.49
CA SER A 11 1.36 -10.36 2.87
C SER A 11 2.69 -10.15 2.15
N LEU A 12 2.59 -9.89 0.86
CA LEU A 12 3.78 -9.67 0.05
C LEU A 12 4.55 -8.47 0.59
N THR A 13 3.81 -7.42 0.91
CA THR A 13 4.42 -6.21 1.44
C THR A 13 5.07 -6.49 2.80
N LEU A 14 4.30 -7.13 3.67
CA LEU A 14 4.78 -7.47 5.00
C LEU A 14 6.01 -8.37 4.87
N ASP A 15 5.90 -9.37 4.01
CA ASP A 15 6.99 -10.30 3.78
C ASP A 15 8.24 -9.53 3.39
N HIS A 16 8.02 -8.32 2.89
CA HIS A 16 9.12 -7.47 2.48
C HIS A 16 9.06 -6.14 3.23
N TRP A 17 8.76 -6.24 4.52
CA TRP A 17 8.66 -5.06 5.36
C TRP A 17 9.94 -4.24 5.17
N SER A 18 11.05 -4.95 5.01
CA SER A 18 12.33 -4.31 4.81
C SER A 18 12.26 -3.33 3.65
N GLU A 19 11.67 -3.80 2.55
CA GLU A 19 11.52 -2.97 1.36
C GLU A 19 10.61 -1.78 1.65
N ILE A 20 9.55 -2.05 2.40
CA ILE A 20 8.60 -1.01 2.74
C ILE A 20 9.27 0.00 3.68
N ARG A 21 10.11 -0.53 4.55
CA ARG A 21 10.83 0.30 5.51
C ARG A 21 11.89 1.13 4.79
N SER A 22 12.38 0.59 3.68
CA SER A 22 13.40 1.27 2.90
C SER A 22 12.78 2.44 2.13
N ARG A 23 11.67 2.14 1.47
CA ARG A 23 10.97 3.16 0.69
C ARG A 23 10.66 4.38 1.57
N ALA A 24 10.40 4.10 2.83
CA ALA A 24 10.08 5.14 3.79
C ALA A 24 11.35 5.96 4.08
N HIS A 25 12.48 5.27 4.06
CA HIS A 25 13.75 5.92 4.31
C HIS A 25 14.08 6.88 3.18
N ASN A 26 13.80 6.42 1.96
CA ASN A 26 14.06 7.23 0.78
C ASN A 26 13.03 8.37 0.71
N LEU A 27 11.87 8.11 1.27
CA LEU A 27 10.81 9.10 1.29
C LEU A 27 10.95 9.99 2.52
N SER A 28 11.87 9.58 3.40
CA SER A 28 12.11 10.32 4.62
C SER A 28 10.87 10.29 5.52
N VAL A 29 10.39 9.06 5.75
CA VAL A 29 9.22 8.88 6.59
C VAL A 29 9.38 7.58 7.39
N GLU A 30 8.76 7.56 8.56
CA GLU A 30 8.82 6.40 9.42
C GLU A 30 7.43 5.74 9.54
N ILE A 31 7.44 4.42 9.61
CA ILE A 31 6.20 3.68 9.73
C ILE A 31 6.43 2.46 10.62
N LYS A 32 5.32 1.83 11.00
CA LYS A 32 5.39 0.65 11.86
C LYS A 32 4.80 -0.54 11.10
N LYS A 33 5.07 -1.73 11.64
CA LYS A 33 4.57 -2.95 11.04
C LYS A 33 3.23 -3.33 11.68
N GLY A 34 2.93 -2.66 12.79
CA GLY A 34 1.69 -2.92 13.50
C GLY A 34 0.52 -2.18 12.85
N PRO A 35 0.73 -0.85 12.60
CA PRO A 35 -0.29 -0.03 11.99
C PRO A 35 -0.40 -0.31 10.49
N TRP A 36 0.75 -0.57 9.88
CA TRP A 36 0.81 -0.87 8.46
C TRP A 36 -0.24 -1.94 8.16
N ARG A 37 -0.34 -2.89 9.07
CA ARG A 37 -1.30 -3.98 8.93
C ARG A 37 -2.71 -3.49 9.28
N THR A 38 -2.81 -2.86 10.43
CA THR A 38 -4.09 -2.34 10.89
C THR A 38 -4.72 -1.44 9.83
N PHE A 39 -3.92 -0.49 9.36
CA PHE A 39 -4.38 0.44 8.34
C PHE A 39 -4.90 -0.29 7.11
N CYS A 40 -4.27 -1.43 6.83
CA CYS A 40 -4.66 -2.24 5.69
C CYS A 40 -5.53 -3.40 6.19
N ALA A 41 -5.95 -3.27 7.44
CA ALA A 41 -6.79 -4.30 8.05
C ALA A 41 -8.26 -3.91 7.89
N SER A 42 -8.58 -2.72 8.37
CA SER A 42 -9.94 -2.22 8.29
C SER A 42 -9.94 -0.69 8.41
N GLU A 43 -8.94 -0.07 7.80
CA GLU A 43 -8.83 1.37 7.83
C GLU A 43 -8.95 1.95 6.43
N TRP A 44 -8.19 1.37 5.51
CA TRP A 44 -8.21 1.83 4.13
C TRP A 44 -9.50 1.29 3.48
N PRO A 45 -9.77 -0.01 3.75
CA PRO A 45 -10.94 -0.66 3.20
C PRO A 45 -12.21 -0.20 3.93
N THR A 46 -12.02 0.69 4.89
CA THR A 46 -13.13 1.22 5.66
C THR A 46 -13.37 2.69 5.31
N PHE A 47 -12.87 3.08 4.14
CA PHE A 47 -13.02 4.45 3.69
C PHE A 47 -14.11 4.55 2.60
N ASP A 48 -14.79 3.42 2.39
CA ASP A 48 -15.84 3.37 1.40
C ASP A 48 -15.35 4.00 0.09
N VAL A 49 -14.62 3.20 -0.67
CA VAL A 49 -14.08 3.67 -1.95
C VAL A 49 -13.94 2.49 -2.90
N GLY A 50 -13.14 1.52 -2.48
CA GLY A 50 -12.91 0.33 -3.28
C GLY A 50 -11.56 -0.30 -2.95
N TRP A 51 -11.25 -0.31 -1.66
CA TRP A 51 -9.99 -0.88 -1.20
C TRP A 51 -10.30 -2.22 -0.54
N PRO A 52 -9.60 -3.28 -1.04
CA PRO A 52 -9.79 -4.62 -0.50
C PRO A 52 -9.10 -4.76 0.86
N PRO A 53 -9.48 -5.85 1.57
CA PRO A 53 -8.92 -6.12 2.88
C PRO A 53 -7.50 -6.65 2.77
N GLU A 54 -7.27 -7.44 1.73
CA GLU A 54 -5.96 -8.02 1.50
C GLU A 54 -5.01 -6.98 0.91
N GLY A 55 -5.62 -5.95 0.31
CA GLY A 55 -4.84 -4.88 -0.29
C GLY A 55 -4.85 -5.00 -1.82
N THR A 56 -4.26 -4.00 -2.46
CA THR A 56 -4.19 -3.97 -3.91
C THR A 56 -3.04 -3.09 -4.37
N PHE A 57 -2.36 -3.54 -5.41
CA PHE A 57 -1.23 -2.80 -5.96
C PHE A 57 -1.67 -1.96 -7.17
N ASP A 58 -2.83 -1.32 -7.03
CA ASP A 58 -3.36 -0.49 -8.09
C ASP A 58 -3.10 0.97 -7.76
N LEU A 59 -2.60 1.69 -8.76
CA LEU A 59 -2.30 3.11 -8.59
C LEU A 59 -3.61 3.90 -8.52
N THR A 60 -4.65 3.31 -9.11
CA THR A 60 -5.96 3.94 -9.11
C THR A 60 -6.61 3.83 -7.74
N VAL A 61 -6.66 2.60 -7.25
CA VAL A 61 -7.25 2.34 -5.95
C VAL A 61 -6.40 2.99 -4.86
N ILE A 62 -5.09 2.95 -5.08
CA ILE A 62 -4.16 3.53 -4.14
C ILE A 62 -4.44 5.03 -4.00
N PHE A 63 -4.61 5.67 -5.15
CA PHE A 63 -4.87 7.09 -5.18
C PHE A 63 -6.17 7.43 -4.43
N GLU A 64 -7.11 6.51 -4.51
CA GLU A 64 -8.39 6.68 -3.84
C GLU A 64 -8.19 6.89 -2.34
N VAL A 65 -7.45 5.95 -1.75
CA VAL A 65 -7.18 6.03 -0.32
C VAL A 65 -6.27 7.22 -0.04
N LYS A 66 -5.37 7.48 -0.98
CA LYS A 66 -4.45 8.59 -0.85
C LYS A 66 -5.23 9.91 -0.83
N ALA A 67 -6.28 9.95 -1.62
CA ALA A 67 -7.12 11.13 -1.71
C ALA A 67 -7.69 11.44 -0.33
N ILE A 68 -8.33 10.44 0.26
CA ILE A 68 -8.93 10.59 1.57
C ILE A 68 -7.82 10.81 2.60
N VAL A 69 -6.74 10.05 2.44
CA VAL A 69 -5.61 10.16 3.35
C VAL A 69 -5.05 11.57 3.30
N PHE A 70 -4.86 12.06 2.08
CA PHE A 70 -4.33 13.39 1.87
C PHE A 70 -5.45 14.41 1.66
N GLN A 71 -6.44 14.33 2.53
CA GLN A 71 -7.58 15.24 2.45
C GLN A 71 -7.37 16.44 3.39
N ASP A 72 -8.32 17.36 3.32
CA ASP A 72 -8.26 18.55 4.15
C ASP A 72 -9.12 18.34 5.40
N GLY A 73 -8.59 18.80 6.52
CA GLY A 73 -9.30 18.67 7.79
C GLY A 73 -8.62 17.64 8.70
N PRO A 74 -9.31 17.32 9.82
CA PRO A 74 -8.78 16.35 10.77
C PRO A 74 -8.92 14.92 10.24
N GLY A 75 -9.56 14.83 9.08
CA GLY A 75 -9.76 13.53 8.45
C GLY A 75 -8.47 13.00 7.83
N SER A 76 -7.69 13.93 7.31
CA SER A 76 -6.42 13.59 6.68
C SER A 76 -5.67 12.58 7.55
N HIS A 77 -4.88 11.75 6.89
CA HIS A 77 -4.11 10.73 7.58
C HIS A 77 -2.62 11.02 7.41
N PRO A 78 -2.06 11.80 8.38
CA PRO A 78 -0.65 12.15 8.33
C PRO A 78 0.22 10.97 8.75
N ASP A 79 -0.42 10.00 9.39
CA ASP A 79 0.29 8.81 9.84
C ASP A 79 0.29 7.76 8.72
N GLN A 80 -0.81 7.73 7.99
CA GLN A 80 -0.95 6.79 6.90
C GLN A 80 -0.40 7.39 5.60
N GLN A 81 -0.25 8.72 5.62
CA GLN A 81 0.26 9.42 4.45
C GLN A 81 1.54 8.75 3.95
N PRO A 82 2.46 8.47 4.91
CA PRO A 82 3.73 7.84 4.58
C PRO A 82 3.54 6.35 4.29
N TYR A 83 2.46 5.81 4.84
CA TYR A 83 2.14 4.41 4.65
C TYR A 83 1.56 4.15 3.26
N ILE A 84 0.57 4.97 2.91
CA ILE A 84 -0.07 4.84 1.62
C ILE A 84 0.92 5.24 0.51
N THR A 85 1.73 6.24 0.82
CA THR A 85 2.72 6.72 -0.14
C THR A 85 3.59 5.55 -0.62
N VAL A 86 4.11 4.81 0.34
CA VAL A 86 4.96 3.67 0.02
C VAL A 86 4.21 2.73 -0.93
N TRP A 87 2.96 2.47 -0.60
CA TRP A 87 2.13 1.61 -1.42
C TRP A 87 2.19 2.11 -2.85
N GLN A 88 2.08 3.42 -2.99
CA GLN A 88 2.11 4.05 -4.31
C GLN A 88 3.44 3.74 -5.00
N ASP A 89 4.51 3.86 -4.24
CA ASP A 89 5.84 3.60 -4.76
C ASP A 89 5.94 2.14 -5.20
N LEU A 90 5.32 1.28 -4.40
CA LEU A 90 5.33 -0.15 -4.70
C LEU A 90 4.75 -0.37 -6.09
N VAL A 91 3.57 0.18 -6.31
CA VAL A 91 2.91 0.03 -7.60
C VAL A 91 3.75 0.74 -8.67
N GLN A 92 3.97 2.02 -8.47
CA GLN A 92 4.75 2.81 -9.41
C GLN A 92 5.90 1.98 -9.96
N ASN A 93 6.70 1.44 -9.05
CA ASN A 93 7.84 0.63 -9.44
C ASN A 93 7.59 -0.82 -9.01
N SER A 94 6.57 -1.41 -9.61
CA SER A 94 6.22 -2.79 -9.31
C SER A 94 7.48 -3.62 -9.12
N PRO A 95 7.64 -4.15 -7.87
CA PRO A 95 8.80 -4.97 -7.54
C PRO A 95 8.68 -6.36 -8.17
N PRO A 96 9.83 -7.09 -8.16
CA PRO A 96 9.87 -8.43 -8.71
C PRO A 96 9.18 -9.43 -7.78
N TRP A 97 9.15 -9.07 -6.50
CA TRP A 97 8.54 -9.92 -5.49
C TRP A 97 7.03 -9.71 -5.56
N ILE A 98 6.63 -8.73 -6.34
CA ILE A 98 5.23 -8.41 -6.50
C ILE A 98 4.74 -8.91 -7.87
N LYS A 99 5.44 -8.47 -8.91
CA LYS A 99 5.10 -8.86 -10.26
C LYS A 99 6.36 -9.28 -11.01
N SER A 100 6.22 -9.43 -12.31
CA SER A 100 7.34 -9.82 -13.15
C SER A 100 7.27 -9.11 -14.50
N GLY A 101 8.26 -8.27 -14.75
CA GLY A 101 8.31 -7.52 -15.99
C GLY A 101 7.83 -6.08 -15.79
N PRO A 102 8.46 -5.16 -16.57
CA PRO A 102 8.11 -3.75 -16.48
C PRO A 102 6.77 -3.48 -17.16
N SER A 103 6.47 -2.19 -17.30
CA SER A 103 5.22 -1.78 -17.93
C SER A 103 5.51 -1.02 -19.22
N SER A 104 5.14 -1.62 -20.34
CA SER A 104 5.36 -1.01 -21.63
C SER A 104 4.04 -0.50 -22.20
N GLY A 105 4.14 0.60 -22.94
CA GLY A 105 2.96 1.20 -23.54
C GLY A 105 3.33 2.46 -24.32
N GLY A 1 2.06 -5.63 -12.19
CA GLY A 1 1.02 -5.18 -11.26
C GLY A 1 -0.25 -4.80 -12.03
N SER A 2 -1.04 -5.81 -12.35
CA SER A 2 -2.28 -5.60 -13.07
C SER A 2 -3.32 -6.63 -12.65
N SER A 3 -2.97 -7.90 -12.85
CA SER A 3 -3.87 -8.99 -12.49
C SER A 3 -3.13 -9.99 -11.58
N GLY A 4 -3.90 -10.91 -11.04
CA GLY A 4 -3.34 -11.93 -10.16
C GLY A 4 -4.43 -12.90 -9.70
N SER A 5 -3.99 -13.89 -8.92
CA SER A 5 -4.91 -14.89 -8.41
C SER A 5 -4.52 -15.27 -6.98
N SER A 6 -3.30 -15.77 -6.84
CA SER A 6 -2.78 -16.17 -5.54
C SER A 6 -1.80 -15.12 -5.02
N GLY A 7 -1.45 -15.27 -3.75
CA GLY A 7 -0.53 -14.35 -3.11
C GLY A 7 -1.17 -12.97 -2.92
N THR A 8 -1.16 -12.52 -1.66
CA THR A 8 -1.74 -11.23 -1.33
C THR A 8 -0.65 -10.17 -1.26
N PRO A 9 -1.09 -8.89 -1.39
CA PRO A 9 -0.17 -7.76 -1.34
C PRO A 9 0.28 -7.50 0.10
N LEU A 10 -0.68 -7.47 1.00
CA LEU A 10 -0.39 -7.23 2.40
C LEU A 10 0.68 -8.21 2.88
N SER A 11 0.48 -9.48 2.54
CA SER A 11 1.43 -10.51 2.92
C SER A 11 2.76 -10.29 2.21
N LEU A 12 2.68 -9.94 0.94
CA LEU A 12 3.87 -9.68 0.15
C LEU A 12 4.66 -8.54 0.77
N THR A 13 3.95 -7.45 1.06
CA THR A 13 4.57 -6.29 1.67
C THR A 13 5.10 -6.62 3.06
N LEU A 14 4.19 -7.13 3.89
CA LEU A 14 4.54 -7.49 5.25
C LEU A 14 5.75 -8.44 5.22
N ASP A 15 5.84 -9.20 4.14
CA ASP A 15 6.93 -10.15 3.98
C ASP A 15 8.20 -9.39 3.61
N HIS A 16 8.02 -8.25 2.98
CA HIS A 16 9.14 -7.42 2.57
C HIS A 16 9.08 -6.07 3.30
N TRP A 17 8.75 -6.13 4.57
CA TRP A 17 8.66 -4.93 5.38
C TRP A 17 9.93 -4.11 5.17
N SER A 18 11.03 -4.82 4.98
CA SER A 18 12.31 -4.18 4.77
C SER A 18 12.22 -3.21 3.58
N GLU A 19 11.62 -3.70 2.52
CA GLU A 19 11.46 -2.90 1.32
C GLU A 19 10.57 -1.69 1.60
N ILE A 20 9.49 -1.95 2.33
CA ILE A 20 8.55 -0.88 2.68
C ILE A 20 9.27 0.16 3.53
N ARG A 21 10.06 -0.33 4.48
CA ARG A 21 10.80 0.56 5.36
C ARG A 21 11.89 1.30 4.58
N SER A 22 12.33 0.67 3.50
CA SER A 22 13.36 1.26 2.66
C SER A 22 12.79 2.44 1.88
N ARG A 23 11.65 2.21 1.26
CA ARG A 23 10.98 3.24 0.48
C ARG A 23 10.64 4.44 1.36
N ALA A 24 10.24 4.12 2.60
CA ALA A 24 9.88 5.15 3.55
C ALA A 24 11.13 5.95 3.94
N HIS A 25 12.24 5.23 4.03
CA HIS A 25 13.50 5.86 4.39
C HIS A 25 13.92 6.83 3.29
N ASN A 26 13.82 6.37 2.06
CA ASN A 26 14.19 7.19 0.91
C ASN A 26 13.21 8.36 0.80
N LEU A 27 12.01 8.13 1.30
CA LEU A 27 10.97 9.16 1.25
C LEU A 27 11.08 10.02 2.51
N SER A 28 11.89 9.57 3.44
CA SER A 28 12.09 10.29 4.69
C SER A 28 10.82 10.22 5.54
N VAL A 29 10.31 9.01 5.69
CA VAL A 29 9.11 8.79 6.47
C VAL A 29 9.27 7.50 7.29
N GLU A 30 8.59 7.48 8.43
CA GLU A 30 8.65 6.33 9.31
C GLU A 30 7.28 5.65 9.38
N ILE A 31 7.31 4.33 9.21
CA ILE A 31 6.09 3.54 9.24
C ILE A 31 6.33 2.27 10.07
N LYS A 32 5.23 1.72 10.57
CA LYS A 32 5.31 0.51 11.37
C LYS A 32 4.60 -0.63 10.65
N LYS A 33 4.82 -1.83 11.14
CA LYS A 33 4.21 -3.01 10.54
C LYS A 33 2.85 -3.26 11.21
N GLY A 34 2.78 -2.92 12.49
CA GLY A 34 1.55 -3.11 13.25
C GLY A 34 0.41 -2.28 12.65
N PRO A 35 0.70 -0.97 12.43
CA PRO A 35 -0.29 -0.06 11.86
C PRO A 35 -0.47 -0.32 10.37
N TRP A 36 0.66 -0.56 9.70
CA TRP A 36 0.65 -0.80 8.28
C TRP A 36 -0.43 -1.86 8.00
N ARG A 37 -0.47 -2.87 8.86
CA ARG A 37 -1.44 -3.93 8.70
C ARG A 37 -2.84 -3.44 9.08
N THR A 38 -2.91 -2.80 10.23
CA THR A 38 -4.18 -2.27 10.73
C THR A 38 -4.82 -1.36 9.67
N PHE A 39 -4.03 -0.39 9.21
CA PHE A 39 -4.49 0.55 8.21
C PHE A 39 -4.96 -0.18 6.95
N CYS A 40 -4.35 -1.34 6.72
CA CYS A 40 -4.70 -2.14 5.55
C CYS A 40 -5.60 -3.30 6.01
N ALA A 41 -6.07 -3.18 7.24
CA ALA A 41 -6.93 -4.20 7.81
C ALA A 41 -8.39 -3.78 7.63
N SER A 42 -8.77 -2.74 8.34
CA SER A 42 -10.14 -2.24 8.25
C SER A 42 -10.13 -0.71 8.36
N GLU A 43 -9.11 -0.11 7.77
CA GLU A 43 -8.99 1.34 7.78
C GLU A 43 -9.12 1.91 6.37
N TRP A 44 -8.34 1.34 5.46
CA TRP A 44 -8.35 1.77 4.08
C TRP A 44 -9.60 1.17 3.41
N PRO A 45 -9.84 -0.13 3.71
CA PRO A 45 -10.98 -0.83 3.15
C PRO A 45 -12.27 -0.39 3.84
N THR A 46 -12.14 0.55 4.76
CA THR A 46 -13.29 1.06 5.49
C THR A 46 -13.49 2.55 5.20
N PHE A 47 -12.93 2.97 4.07
CA PHE A 47 -13.04 4.36 3.66
C PHE A 47 -14.11 4.53 2.57
N ASP A 48 -14.76 3.42 2.24
CA ASP A 48 -15.79 3.43 1.22
C ASP A 48 -15.23 4.02 -0.07
N VAL A 49 -14.60 3.15 -0.85
CA VAL A 49 -14.02 3.58 -2.11
C VAL A 49 -13.86 2.36 -3.03
N GLY A 50 -13.23 1.33 -2.48
CA GLY A 50 -13.01 0.11 -3.24
C GLY A 50 -11.64 -0.49 -2.93
N TRP A 51 -11.28 -0.47 -1.66
CA TRP A 51 -10.00 -0.99 -1.23
C TRP A 51 -10.24 -2.34 -0.54
N PRO A 52 -9.53 -3.38 -1.04
CA PRO A 52 -9.67 -4.71 -0.48
C PRO A 52 -8.96 -4.83 0.86
N PRO A 53 -9.31 -5.89 1.63
CA PRO A 53 -8.71 -6.13 2.93
C PRO A 53 -7.28 -6.66 2.79
N GLU A 54 -7.10 -7.50 1.78
CA GLU A 54 -5.80 -8.09 1.52
C GLU A 54 -4.87 -7.05 0.89
N GLY A 55 -5.46 -5.95 0.46
CA GLY A 55 -4.70 -4.88 -0.16
C GLY A 55 -4.72 -5.00 -1.68
N THR A 56 -4.11 -4.02 -2.34
CA THR A 56 -4.06 -4.00 -3.79
C THR A 56 -2.92 -3.09 -4.26
N PHE A 57 -2.41 -3.42 -5.45
CA PHE A 57 -1.33 -2.65 -6.02
C PHE A 57 -1.81 -1.85 -7.24
N ASP A 58 -3.01 -1.31 -7.11
CA ASP A 58 -3.59 -0.52 -8.17
C ASP A 58 -3.53 0.96 -7.80
N LEU A 59 -2.68 1.69 -8.51
CA LEU A 59 -2.52 3.10 -8.27
C LEU A 59 -3.89 3.77 -8.14
N THR A 60 -4.81 3.31 -8.97
CA THR A 60 -6.16 3.84 -8.96
C THR A 60 -6.79 3.67 -7.59
N VAL A 61 -6.72 2.45 -7.08
CA VAL A 61 -7.27 2.14 -5.77
C VAL A 61 -6.45 2.85 -4.69
N ILE A 62 -5.18 3.02 -4.99
CA ILE A 62 -4.27 3.69 -4.06
C ILE A 62 -4.63 5.18 -3.99
N PHE A 63 -4.67 5.80 -5.15
CA PHE A 63 -5.00 7.22 -5.23
C PHE A 63 -6.31 7.51 -4.51
N GLU A 64 -7.15 6.49 -4.44
CA GLU A 64 -8.45 6.63 -3.79
C GLU A 64 -8.26 6.89 -2.29
N VAL A 65 -7.49 6.02 -1.66
CA VAL A 65 -7.23 6.13 -0.24
C VAL A 65 -6.37 7.37 0.01
N LYS A 66 -5.35 7.52 -0.82
CA LYS A 66 -4.45 8.65 -0.70
C LYS A 66 -5.26 9.96 -0.70
N ALA A 67 -6.31 9.96 -1.51
CA ALA A 67 -7.18 11.13 -1.61
C ALA A 67 -7.74 11.46 -0.23
N ILE A 68 -8.35 10.46 0.38
CA ILE A 68 -8.94 10.63 1.69
C ILE A 68 -7.83 10.89 2.71
N VAL A 69 -6.77 10.10 2.59
CA VAL A 69 -5.64 10.22 3.49
C VAL A 69 -5.09 11.65 3.43
N PHE A 70 -4.82 12.08 2.20
CA PHE A 70 -4.29 13.42 1.98
C PHE A 70 -5.43 14.44 1.83
N GLN A 71 -6.44 14.28 2.68
CA GLN A 71 -7.59 15.17 2.64
C GLN A 71 -7.35 16.38 3.55
N ASP A 72 -8.39 17.19 3.70
CA ASP A 72 -8.30 18.37 4.53
C ASP A 72 -9.03 18.12 5.86
N GLY A 73 -8.69 18.92 6.84
CA GLY A 73 -9.29 18.79 8.16
C GLY A 73 -8.52 17.79 9.02
N PRO A 74 -9.13 17.45 10.19
CA PRO A 74 -8.52 16.50 11.10
C PRO A 74 -8.64 15.07 10.59
N GLY A 75 -9.34 14.94 9.47
CA GLY A 75 -9.55 13.63 8.86
C GLY A 75 -8.26 13.14 8.19
N SER A 76 -7.49 14.09 7.67
CA SER A 76 -6.24 13.76 7.00
C SER A 76 -5.48 12.72 7.82
N HIS A 77 -4.73 11.88 7.10
CA HIS A 77 -3.94 10.85 7.73
C HIS A 77 -2.46 11.09 7.49
N PRO A 78 -1.83 11.84 8.43
CA PRO A 78 -0.42 12.16 8.32
C PRO A 78 0.45 10.94 8.66
N ASP A 79 -0.16 10.02 9.39
CA ASP A 79 0.54 8.80 9.79
C ASP A 79 0.46 7.78 8.66
N GLN A 80 -0.69 7.77 7.99
CA GLN A 80 -0.90 6.85 6.88
C GLN A 80 -0.41 7.46 5.57
N GLN A 81 -0.24 8.78 5.59
CA GLN A 81 0.22 9.49 4.42
C GLN A 81 1.46 8.82 3.84
N PRO A 82 2.43 8.52 4.74
CA PRO A 82 3.66 7.88 4.33
C PRO A 82 3.44 6.40 4.04
N TYR A 83 2.44 5.85 4.70
CA TYR A 83 2.11 4.44 4.54
C TYR A 83 1.51 4.19 3.15
N ILE A 84 0.53 4.99 2.80
CA ILE A 84 -0.14 4.87 1.51
C ILE A 84 0.83 5.27 0.41
N THR A 85 1.67 6.25 0.73
CA THR A 85 2.65 6.73 -0.23
C THR A 85 3.53 5.59 -0.73
N VAL A 86 3.99 4.79 0.22
CA VAL A 86 4.85 3.66 -0.11
C VAL A 86 4.13 2.77 -1.13
N TRP A 87 2.86 2.51 -0.86
CA TRP A 87 2.06 1.68 -1.75
C TRP A 87 2.19 2.25 -3.17
N GLN A 88 1.98 3.55 -3.27
CA GLN A 88 2.06 4.23 -4.55
C GLN A 88 3.42 3.95 -5.20
N ASP A 89 4.47 4.21 -4.44
CA ASP A 89 5.82 3.99 -4.92
C ASP A 89 5.98 2.54 -5.37
N LEU A 90 5.42 1.65 -4.56
CA LEU A 90 5.49 0.23 -4.86
C LEU A 90 4.93 -0.03 -6.27
N VAL A 91 3.71 0.45 -6.48
CA VAL A 91 3.06 0.29 -7.77
C VAL A 91 4.01 0.74 -8.88
N GLN A 92 4.46 1.99 -8.75
CA GLN A 92 5.37 2.54 -9.74
C GLN A 92 6.51 1.57 -10.03
N ASN A 93 7.33 1.35 -9.01
CA ASN A 93 8.46 0.45 -9.15
C ASN A 93 8.03 -0.96 -8.73
N SER A 94 7.22 -1.58 -9.58
CA SER A 94 6.73 -2.91 -9.31
C SER A 94 7.91 -3.88 -9.14
N PRO A 95 8.10 -4.33 -7.87
CA PRO A 95 9.19 -5.25 -7.56
C PRO A 95 8.86 -6.66 -8.05
N PRO A 96 9.93 -7.51 -8.07
CA PRO A 96 9.78 -8.89 -8.52
C PRO A 96 9.06 -9.73 -7.45
N TRP A 97 9.16 -9.27 -6.22
CA TRP A 97 8.54 -9.97 -5.11
C TRP A 97 7.05 -9.62 -5.10
N ILE A 98 6.69 -8.64 -5.93
CA ILE A 98 5.31 -8.21 -6.02
C ILE A 98 4.71 -8.75 -7.32
N LYS A 99 5.30 -8.32 -8.43
CA LYS A 99 4.83 -8.75 -9.73
C LYS A 99 5.54 -10.06 -10.14
N SER A 100 4.73 -11.07 -10.38
CA SER A 100 5.26 -12.37 -10.76
C SER A 100 4.82 -12.71 -12.19
N GLY A 101 5.79 -13.11 -12.99
CA GLY A 101 5.51 -13.48 -14.37
C GLY A 101 4.73 -14.78 -14.45
N PRO A 102 3.53 -14.69 -15.08
CA PRO A 102 2.67 -15.86 -15.23
C PRO A 102 3.22 -16.80 -16.31
N SER A 103 4.42 -17.29 -16.07
CA SER A 103 5.07 -18.21 -17.01
C SER A 103 4.97 -19.63 -16.49
N SER A 104 5.80 -19.93 -15.49
CA SER A 104 5.83 -21.26 -14.89
C SER A 104 6.29 -21.17 -13.44
N GLY A 105 5.91 -22.17 -12.67
CA GLY A 105 6.29 -22.23 -11.27
C GLY A 105 5.47 -21.23 -10.44
N GLY A 1 1.52 -12.70 -18.00
CA GLY A 1 0.73 -13.63 -18.80
C GLY A 1 -0.61 -13.93 -18.13
N SER A 2 -0.55 -14.74 -17.09
CA SER A 2 -1.74 -15.12 -16.35
C SER A 2 -1.61 -14.69 -14.88
N SER A 3 -2.75 -14.60 -14.22
CA SER A 3 -2.78 -14.21 -12.83
C SER A 3 -3.22 -15.40 -11.96
N GLY A 4 -3.06 -15.23 -10.66
CA GLY A 4 -3.43 -16.27 -9.72
C GLY A 4 -3.96 -15.67 -8.42
N SER A 5 -4.87 -16.40 -7.79
CA SER A 5 -5.46 -15.96 -6.54
C SER A 5 -4.86 -16.74 -5.36
N SER A 6 -3.87 -16.12 -4.73
CA SER A 6 -3.20 -16.74 -3.60
C SER A 6 -2.35 -15.71 -2.88
N GLY A 7 -1.35 -15.20 -3.59
CA GLY A 7 -0.45 -14.21 -3.03
C GLY A 7 -1.14 -12.86 -2.89
N THR A 8 -1.11 -12.34 -1.67
CA THR A 8 -1.73 -11.05 -1.38
C THR A 8 -0.67 -9.94 -1.36
N PRO A 9 -1.16 -8.69 -1.52
CA PRO A 9 -0.27 -7.54 -1.52
C PRO A 9 0.19 -7.21 -0.09
N LEU A 10 -0.76 -7.20 0.83
CA LEU A 10 -0.46 -6.92 2.22
C LEU A 10 0.66 -7.84 2.70
N SER A 11 0.50 -9.12 2.38
CA SER A 11 1.49 -10.11 2.76
C SER A 11 2.80 -9.86 2.03
N LEU A 12 2.68 -9.56 0.75
CA LEU A 12 3.85 -9.30 -0.08
C LEU A 12 4.62 -8.10 0.50
N THR A 13 3.85 -7.12 0.97
CA THR A 13 4.44 -5.93 1.55
C THR A 13 5.02 -6.23 2.93
N LEU A 14 4.21 -6.89 3.75
CA LEU A 14 4.63 -7.25 5.09
C LEU A 14 5.84 -8.18 5.02
N ASP A 15 5.74 -9.16 4.13
CA ASP A 15 6.81 -10.12 3.94
C ASP A 15 8.13 -9.37 3.69
N HIS A 16 8.04 -8.34 2.86
CA HIS A 16 9.20 -7.54 2.53
C HIS A 16 9.15 -6.23 3.31
N TRP A 17 8.70 -6.33 4.55
CA TRP A 17 8.61 -5.15 5.41
C TRP A 17 9.93 -4.38 5.31
N SER A 18 11.02 -5.14 5.23
CA SER A 18 12.34 -4.55 5.14
C SER A 18 12.38 -3.56 3.97
N GLU A 19 11.75 -3.96 2.87
CA GLU A 19 11.72 -3.12 1.68
C GLU A 19 10.79 -1.92 1.91
N ILE A 20 9.61 -2.21 2.39
CA ILE A 20 8.62 -1.16 2.67
C ILE A 20 9.23 -0.14 3.62
N ARG A 21 10.03 -0.64 4.55
CA ARG A 21 10.68 0.22 5.53
C ARG A 21 11.71 1.12 4.84
N SER A 22 12.33 0.58 3.80
CA SER A 22 13.33 1.32 3.05
C SER A 22 12.66 2.45 2.26
N ARG A 23 11.49 2.13 1.72
CA ARG A 23 10.74 3.11 0.95
C ARG A 23 10.44 4.34 1.80
N ALA A 24 10.25 4.11 3.08
CA ALA A 24 9.96 5.19 4.01
C ALA A 24 11.23 6.00 4.25
N HIS A 25 12.36 5.30 4.24
CA HIS A 25 13.65 5.94 4.47
C HIS A 25 13.94 6.91 3.31
N ASN A 26 13.68 6.44 2.10
CA ASN A 26 13.91 7.25 0.92
C ASN A 26 12.87 8.36 0.85
N LEU A 27 11.72 8.09 1.45
CA LEU A 27 10.65 9.06 1.47
C LEU A 27 10.73 9.89 2.75
N SER A 28 11.88 9.79 3.41
CA SER A 28 12.11 10.53 4.65
C SER A 28 10.86 10.46 5.53
N VAL A 29 10.35 9.25 5.71
CA VAL A 29 9.17 9.05 6.53
C VAL A 29 9.38 7.82 7.41
N GLU A 30 8.53 7.72 8.44
CA GLU A 30 8.61 6.60 9.37
C GLU A 30 7.27 5.88 9.44
N ILE A 31 7.35 4.56 9.43
CA ILE A 31 6.15 3.74 9.48
C ILE A 31 6.41 2.52 10.38
N LYS A 32 5.35 1.77 10.64
CA LYS A 32 5.45 0.59 11.47
C LYS A 32 4.81 -0.60 10.74
N LYS A 33 5.07 -1.78 11.27
CA LYS A 33 4.53 -3.00 10.69
C LYS A 33 3.19 -3.33 11.35
N GLY A 34 3.01 -2.78 12.55
CA GLY A 34 1.78 -3.01 13.29
C GLY A 34 0.61 -2.25 12.66
N PRO A 35 0.84 -0.93 12.42
CA PRO A 35 -0.18 -0.10 11.83
C PRO A 35 -0.32 -0.37 10.33
N TRP A 36 0.81 -0.63 9.69
CA TRP A 36 0.81 -0.92 8.27
C TRP A 36 -0.23 -1.99 7.99
N ARG A 37 -0.31 -2.94 8.92
CA ARG A 37 -1.27 -4.03 8.79
C ARG A 37 -2.67 -3.55 9.18
N THR A 38 -2.75 -2.89 10.33
CA THR A 38 -4.01 -2.39 10.82
C THR A 38 -4.66 -1.48 9.77
N PHE A 39 -3.89 -0.51 9.31
CA PHE A 39 -4.39 0.42 8.31
C PHE A 39 -4.86 -0.32 7.05
N CYS A 40 -4.23 -1.46 6.80
CA CYS A 40 -4.59 -2.26 5.64
C CYS A 40 -5.44 -3.44 6.13
N ALA A 41 -5.90 -3.33 7.36
CA ALA A 41 -6.72 -4.37 7.96
C ALA A 41 -8.20 -4.02 7.78
N SER A 42 -8.56 -2.87 8.33
CA SER A 42 -9.93 -2.39 8.24
C SER A 42 -9.96 -0.87 8.33
N GLU A 43 -8.96 -0.25 7.73
CA GLU A 43 -8.86 1.21 7.74
C GLU A 43 -8.96 1.75 6.32
N TRP A 44 -8.18 1.14 5.43
CA TRP A 44 -8.17 1.56 4.04
C TRP A 44 -9.41 0.96 3.36
N PRO A 45 -9.67 -0.33 3.67
CA PRO A 45 -10.82 -1.02 3.10
C PRO A 45 -12.12 -0.57 3.77
N THR A 46 -11.97 0.39 4.68
CA THR A 46 -13.13 0.92 5.40
C THR A 46 -13.25 2.42 5.15
N PHE A 47 -12.58 2.88 4.11
CA PHE A 47 -12.60 4.28 3.76
C PHE A 47 -13.73 4.58 2.77
N ASP A 48 -14.42 3.52 2.37
CA ASP A 48 -15.51 3.65 1.43
C ASP A 48 -14.99 4.22 0.11
N VAL A 49 -14.45 3.32 -0.71
CA VAL A 49 -13.90 3.72 -1.99
C VAL A 49 -13.82 2.50 -2.91
N GLY A 50 -13.06 1.51 -2.45
CA GLY A 50 -12.89 0.29 -3.20
C GLY A 50 -11.54 -0.38 -2.88
N TRP A 51 -11.21 -0.36 -1.60
CA TRP A 51 -9.96 -0.96 -1.14
C TRP A 51 -10.29 -2.28 -0.45
N PRO A 52 -9.65 -3.37 -0.96
CA PRO A 52 -9.88 -4.70 -0.40
C PRO A 52 -9.15 -4.86 0.94
N PRO A 53 -9.53 -5.92 1.69
CA PRO A 53 -8.92 -6.19 2.97
C PRO A 53 -7.53 -6.78 2.80
N GLU A 54 -7.31 -7.41 1.66
CA GLU A 54 -6.03 -8.02 1.36
C GLU A 54 -5.08 -6.99 0.75
N GLY A 55 -5.67 -5.93 0.22
CA GLY A 55 -4.89 -4.86 -0.39
C GLY A 55 -4.92 -4.97 -1.92
N THR A 56 -4.33 -3.97 -2.56
CA THR A 56 -4.29 -3.94 -4.02
C THR A 56 -3.20 -2.99 -4.49
N PHE A 57 -2.50 -3.41 -5.53
CA PHE A 57 -1.44 -2.59 -6.10
C PHE A 57 -1.94 -1.74 -7.26
N ASP A 58 -3.21 -1.37 -7.17
CA ASP A 58 -3.84 -0.56 -8.19
C ASP A 58 -3.74 0.92 -7.80
N LEU A 59 -2.90 1.63 -8.53
CA LEU A 59 -2.70 3.05 -8.27
C LEU A 59 -4.06 3.73 -8.10
N THR A 60 -5.00 3.31 -8.95
CA THR A 60 -6.34 3.87 -8.91
C THR A 60 -6.94 3.68 -7.52
N VAL A 61 -6.92 2.44 -7.06
CA VAL A 61 -7.47 2.12 -5.75
C VAL A 61 -6.61 2.76 -4.66
N ILE A 62 -5.33 2.91 -4.98
CA ILE A 62 -4.40 3.52 -4.04
C ILE A 62 -4.70 5.00 -3.91
N PHE A 63 -4.76 5.68 -5.06
CA PHE A 63 -5.04 7.09 -5.08
C PHE A 63 -6.35 7.41 -4.36
N GLU A 64 -7.23 6.41 -4.34
CA GLU A 64 -8.52 6.56 -3.69
C GLU A 64 -8.33 6.82 -2.20
N VAL A 65 -7.56 5.94 -1.57
CA VAL A 65 -7.30 6.05 -0.15
C VAL A 65 -6.41 7.27 0.11
N LYS A 66 -5.44 7.45 -0.78
CA LYS A 66 -4.52 8.56 -0.67
C LYS A 66 -5.30 9.87 -0.70
N ALA A 67 -6.33 9.89 -1.53
CA ALA A 67 -7.17 11.07 -1.67
C ALA A 67 -7.74 11.44 -0.30
N ILE A 68 -8.37 10.47 0.33
CA ILE A 68 -8.97 10.68 1.64
C ILE A 68 -7.85 10.94 2.66
N VAL A 69 -6.82 10.11 2.59
CA VAL A 69 -5.69 10.24 3.50
C VAL A 69 -5.12 11.65 3.40
N PHE A 70 -4.85 12.06 2.17
CA PHE A 70 -4.30 13.39 1.92
C PHE A 70 -5.42 14.41 1.72
N GLN A 71 -6.44 14.31 2.56
CA GLN A 71 -7.58 15.21 2.48
C GLN A 71 -7.30 16.48 3.30
N ASP A 72 -8.31 17.33 3.36
CA ASP A 72 -8.19 18.57 4.11
C ASP A 72 -9.01 18.47 5.38
N GLY A 73 -8.47 19.05 6.44
CA GLY A 73 -9.15 19.03 7.73
C GLY A 73 -8.47 18.04 8.70
N PRO A 74 -9.19 17.76 9.82
CA PRO A 74 -8.66 16.84 10.82
C PRO A 74 -8.77 15.40 10.34
N GLY A 75 -9.36 15.23 9.16
CA GLY A 75 -9.53 13.91 8.58
C GLY A 75 -8.21 13.40 7.99
N SER A 76 -7.43 14.34 7.48
CA SER A 76 -6.15 14.01 6.88
C SER A 76 -5.44 12.94 7.72
N HIS A 77 -4.73 12.06 7.02
CA HIS A 77 -4.01 10.99 7.68
C HIS A 77 -2.50 11.17 7.45
N PRO A 78 -1.87 11.96 8.35
CA PRO A 78 -0.44 12.22 8.26
C PRO A 78 0.36 10.99 8.70
N ASP A 79 -0.33 10.06 9.33
CA ASP A 79 0.30 8.84 9.81
C ASP A 79 0.29 7.79 8.69
N GLN A 80 -0.82 7.74 7.98
CA GLN A 80 -0.98 6.79 6.89
C GLN A 80 -0.44 7.39 5.59
N GLN A 81 -0.29 8.71 5.60
CA GLN A 81 0.20 9.42 4.42
C GLN A 81 1.46 8.73 3.89
N PRO A 82 2.41 8.46 4.83
CA PRO A 82 3.66 7.81 4.47
C PRO A 82 3.45 6.32 4.20
N TYR A 83 2.39 5.79 4.80
CA TYR A 83 2.07 4.39 4.62
C TYR A 83 1.46 4.12 3.24
N ILE A 84 0.48 4.94 2.90
CA ILE A 84 -0.20 4.81 1.62
C ILE A 84 0.75 5.26 0.51
N THR A 85 1.61 6.21 0.85
CA THR A 85 2.57 6.73 -0.11
C THR A 85 3.48 5.60 -0.62
N VAL A 86 4.06 4.88 0.32
CA VAL A 86 4.95 3.78 -0.01
C VAL A 86 4.21 2.81 -0.96
N TRP A 87 2.96 2.53 -0.60
CA TRP A 87 2.15 1.62 -1.39
C TRP A 87 2.20 2.10 -2.85
N GLN A 88 1.98 3.39 -3.03
CA GLN A 88 2.00 3.98 -4.36
C GLN A 88 3.33 3.67 -5.06
N ASP A 89 4.37 3.58 -4.24
CA ASP A 89 5.70 3.30 -4.76
C ASP A 89 5.75 1.85 -5.27
N LEU A 90 5.12 0.97 -4.49
CA LEU A 90 5.08 -0.44 -4.84
C LEU A 90 4.53 -0.60 -6.25
N VAL A 91 3.48 0.17 -6.54
CA VAL A 91 2.86 0.13 -7.85
C VAL A 91 3.81 0.71 -8.89
N GLN A 92 4.25 1.93 -8.63
CA GLN A 92 5.16 2.61 -9.54
C GLN A 92 6.31 1.68 -9.91
N ASN A 93 7.17 1.42 -8.94
CA ASN A 93 8.31 0.55 -9.15
C ASN A 93 7.94 -0.89 -8.79
N SER A 94 7.20 -1.51 -9.70
CA SER A 94 6.76 -2.89 -9.49
C SER A 94 7.96 -3.77 -9.19
N PRO A 95 7.98 -4.30 -7.93
CA PRO A 95 9.06 -5.17 -7.49
C PRO A 95 8.94 -6.56 -8.12
N PRO A 96 10.05 -7.34 -8.04
CA PRO A 96 10.08 -8.68 -8.58
C PRO A 96 9.30 -9.65 -7.69
N TRP A 97 9.18 -9.27 -6.42
CA TRP A 97 8.46 -10.09 -5.46
C TRP A 97 6.96 -9.83 -5.64
N ILE A 98 6.66 -8.82 -6.45
CA ILE A 98 5.28 -8.46 -6.71
C ILE A 98 4.88 -8.97 -8.10
N LYS A 99 5.55 -8.44 -9.11
CA LYS A 99 5.28 -8.83 -10.48
C LYS A 99 6.58 -9.29 -11.14
N SER A 100 6.58 -10.56 -11.54
CA SER A 100 7.75 -11.14 -12.19
C SER A 100 7.31 -12.08 -13.31
N GLY A 101 8.07 -12.05 -14.40
CA GLY A 101 7.77 -12.90 -15.54
C GLY A 101 8.00 -12.13 -16.85
N PRO A 102 6.94 -11.41 -17.28
CA PRO A 102 7.01 -10.63 -18.52
C PRO A 102 7.84 -9.38 -18.33
N SER A 103 9.04 -9.41 -18.87
CA SER A 103 9.94 -8.27 -18.77
C SER A 103 11.23 -8.55 -19.55
N SER A 104 11.42 -7.78 -20.61
CA SER A 104 12.60 -7.94 -21.45
C SER A 104 13.22 -6.56 -21.74
N GLY A 105 14.32 -6.30 -21.05
CA GLY A 105 15.02 -5.03 -21.23
C GLY A 105 15.04 -4.61 -22.70
N GLY A 1 -3.39 -9.14 -12.47
CA GLY A 1 -4.07 -10.42 -12.52
C GLY A 1 -3.45 -11.33 -13.58
N SER A 2 -3.52 -12.63 -13.32
CA SER A 2 -2.97 -13.61 -14.24
C SER A 2 -3.42 -15.01 -13.83
N SER A 3 -4.61 -15.38 -14.28
CA SER A 3 -5.16 -16.68 -13.97
C SER A 3 -5.03 -16.97 -12.48
N GLY A 4 -5.94 -16.40 -11.71
CA GLY A 4 -5.94 -16.58 -10.26
C GLY A 4 -4.66 -16.00 -9.64
N SER A 5 -4.68 -15.89 -8.33
CA SER A 5 -3.54 -15.35 -7.60
C SER A 5 -3.73 -15.56 -6.10
N SER A 6 -2.99 -16.51 -5.56
CA SER A 6 -3.07 -16.80 -4.14
C SER A 6 -2.25 -15.80 -3.34
N GLY A 7 -1.36 -15.11 -4.05
CA GLY A 7 -0.51 -14.12 -3.43
C GLY A 7 -1.31 -12.86 -3.07
N THR A 8 -0.82 -12.16 -2.05
CA THR A 8 -1.48 -10.95 -1.59
C THR A 8 -0.46 -9.81 -1.50
N PRO A 9 -1.00 -8.56 -1.58
CA PRO A 9 -0.16 -7.37 -1.49
C PRO A 9 0.31 -7.12 -0.05
N LEU A 10 -0.66 -7.13 0.86
CA LEU A 10 -0.37 -6.92 2.25
C LEU A 10 0.71 -7.90 2.71
N SER A 11 0.51 -9.16 2.35
CA SER A 11 1.46 -10.20 2.71
C SER A 11 2.76 -10.01 1.93
N LEU A 12 2.61 -9.57 0.69
CA LEU A 12 3.77 -9.34 -0.17
C LEU A 12 4.63 -8.22 0.42
N THR A 13 3.96 -7.17 0.88
CA THR A 13 4.65 -6.04 1.47
C THR A 13 5.28 -6.45 2.80
N LEU A 14 4.46 -7.02 3.66
CA LEU A 14 4.93 -7.45 4.97
C LEU A 14 6.11 -8.40 4.80
N ASP A 15 5.94 -9.35 3.90
CA ASP A 15 6.99 -10.33 3.63
C ASP A 15 8.29 -9.60 3.30
N HIS A 16 8.14 -8.35 2.87
CA HIS A 16 9.29 -7.53 2.53
C HIS A 16 9.20 -6.19 3.27
N TRP A 17 8.82 -6.27 4.53
CA TRP A 17 8.70 -5.07 5.34
C TRP A 17 9.98 -4.26 5.19
N SER A 18 11.09 -4.98 5.06
CA SER A 18 12.38 -4.34 4.90
C SER A 18 12.34 -3.35 3.74
N GLU A 19 11.77 -3.81 2.64
CA GLU A 19 11.65 -2.98 1.44
C GLU A 19 10.72 -1.80 1.72
N ILE A 20 9.59 -2.10 2.33
CA ILE A 20 8.60 -1.08 2.64
C ILE A 20 9.22 -0.06 3.59
N ARG A 21 10.05 -0.57 4.50
CA ARG A 21 10.71 0.29 5.47
C ARG A 21 11.79 1.13 4.79
N SER A 22 12.37 0.55 3.74
CA SER A 22 13.42 1.22 3.00
C SER A 22 12.84 2.44 2.28
N ARG A 23 11.69 2.24 1.66
CA ARG A 23 11.03 3.31 0.94
C ARG A 23 10.71 4.48 1.88
N ALA A 24 10.43 4.13 3.13
CA ALA A 24 10.11 5.13 4.14
C ALA A 24 11.33 6.02 4.36
N HIS A 25 12.50 5.38 4.40
CA HIS A 25 13.74 6.11 4.61
C HIS A 25 14.01 7.02 3.41
N ASN A 26 13.73 6.48 2.23
CA ASN A 26 13.94 7.23 1.01
C ASN A 26 12.88 8.34 0.90
N LEU A 27 11.70 8.03 1.41
CA LEU A 27 10.60 8.98 1.37
C LEU A 27 10.73 9.94 2.56
N SER A 28 11.65 9.60 3.46
CA SER A 28 11.88 10.41 4.64
C SER A 28 10.67 10.34 5.57
N VAL A 29 10.14 9.13 5.71
CA VAL A 29 8.99 8.91 6.57
C VAL A 29 9.17 7.60 7.33
N GLU A 30 8.57 7.55 8.51
CA GLU A 30 8.65 6.36 9.34
C GLU A 30 7.29 5.69 9.44
N ILE A 31 7.32 4.36 9.43
CA ILE A 31 6.09 3.59 9.51
C ILE A 31 6.35 2.34 10.36
N LYS A 32 5.26 1.66 10.70
CA LYS A 32 5.36 0.45 11.51
C LYS A 32 4.69 -0.71 10.75
N LYS A 33 4.94 -1.91 11.24
CA LYS A 33 4.37 -3.10 10.63
C LYS A 33 3.03 -3.41 11.28
N GLY A 34 2.86 -2.91 12.50
CA GLY A 34 1.64 -3.13 13.24
C GLY A 34 0.48 -2.34 12.63
N PRO A 35 0.73 -1.02 12.42
CA PRO A 35 -0.27 -0.14 11.83
C PRO A 35 -0.43 -0.40 10.34
N TRP A 36 0.70 -0.66 9.69
CA TRP A 36 0.71 -0.93 8.26
C TRP A 36 -0.36 -1.98 7.97
N ARG A 37 -0.47 -2.94 8.88
CA ARG A 37 -1.44 -4.01 8.72
C ARG A 37 -2.83 -3.51 9.12
N THR A 38 -2.89 -2.87 10.28
CA THR A 38 -4.14 -2.34 10.79
C THR A 38 -4.79 -1.43 9.74
N PHE A 39 -4.02 -0.46 9.28
CA PHE A 39 -4.50 0.48 8.28
C PHE A 39 -5.00 -0.25 7.03
N CYS A 40 -4.42 -1.43 6.81
CA CYS A 40 -4.80 -2.24 5.66
C CYS A 40 -5.62 -3.43 6.15
N ALA A 41 -6.06 -3.33 7.39
CA ALA A 41 -6.86 -4.39 8.00
C ALA A 41 -8.34 -4.04 7.86
N SER A 42 -8.68 -2.85 8.34
CA SER A 42 -10.05 -2.39 8.28
C SER A 42 -10.10 -0.86 8.36
N GLU A 43 -9.08 -0.24 7.77
CA GLU A 43 -9.00 1.21 7.76
C GLU A 43 -9.09 1.74 6.33
N TRP A 44 -8.28 1.15 5.46
CA TRP A 44 -8.27 1.56 4.07
C TRP A 44 -9.51 0.98 3.40
N PRO A 45 -9.79 -0.31 3.70
CA PRO A 45 -10.94 -1.00 3.13
C PRO A 45 -12.23 -0.53 3.80
N THR A 46 -12.07 0.40 4.73
CA THR A 46 -13.22 0.94 5.45
C THR A 46 -13.40 2.43 5.14
N PHE A 47 -12.83 2.84 4.01
CA PHE A 47 -12.92 4.23 3.60
C PHE A 47 -14.04 4.42 2.57
N ASP A 48 -14.60 3.30 2.14
CA ASP A 48 -15.68 3.34 1.16
C ASP A 48 -15.15 3.93 -0.15
N VAL A 49 -14.63 3.04 -0.99
CA VAL A 49 -14.09 3.46 -2.27
C VAL A 49 -13.91 2.23 -3.17
N GLY A 50 -13.40 1.17 -2.57
CA GLY A 50 -13.17 -0.06 -3.30
C GLY A 50 -11.80 -0.65 -2.97
N TRP A 51 -11.44 -0.58 -1.71
CA TRP A 51 -10.16 -1.09 -1.25
C TRP A 51 -10.41 -2.41 -0.51
N PRO A 52 -9.75 -3.49 -1.01
CA PRO A 52 -9.89 -4.79 -0.40
C PRO A 52 -9.13 -4.88 0.92
N PRO A 53 -9.44 -5.95 1.70
CA PRO A 53 -8.79 -6.16 2.98
C PRO A 53 -7.36 -6.67 2.80
N GLU A 54 -7.18 -7.49 1.77
CA GLU A 54 -5.87 -8.04 1.47
C GLU A 54 -4.98 -6.99 0.81
N GLY A 55 -5.61 -5.89 0.44
CA GLY A 55 -4.89 -4.80 -0.20
C GLY A 55 -4.90 -4.94 -1.72
N THR A 56 -4.31 -3.96 -2.39
CA THR A 56 -4.25 -3.97 -3.84
C THR A 56 -3.14 -3.04 -4.33
N PHE A 57 -2.58 -3.40 -5.48
CA PHE A 57 -1.50 -2.61 -6.06
C PHE A 57 -2.02 -1.77 -7.23
N ASP A 58 -3.28 -1.38 -7.12
CA ASP A 58 -3.92 -0.58 -8.16
C ASP A 58 -3.88 0.89 -7.74
N LEU A 59 -3.05 1.65 -8.44
CA LEU A 59 -2.91 3.07 -8.15
C LEU A 59 -4.30 3.68 -7.99
N THR A 60 -5.22 3.23 -8.84
CA THR A 60 -6.58 3.73 -8.80
C THR A 60 -7.18 3.54 -7.41
N VAL A 61 -6.96 2.36 -6.86
CA VAL A 61 -7.46 2.03 -5.53
C VAL A 61 -6.62 2.75 -4.47
N ILE A 62 -5.35 2.91 -4.78
CA ILE A 62 -4.43 3.58 -3.86
C ILE A 62 -4.80 5.05 -3.78
N PHE A 63 -4.89 5.69 -4.94
CA PHE A 63 -5.23 7.09 -5.01
C PHE A 63 -6.54 7.38 -4.25
N GLU A 64 -7.38 6.36 -4.20
CA GLU A 64 -8.66 6.48 -3.52
C GLU A 64 -8.44 6.68 -2.02
N VAL A 65 -7.67 5.78 -1.44
CA VAL A 65 -7.38 5.84 -0.02
C VAL A 65 -6.53 7.08 0.27
N LYS A 66 -5.62 7.35 -0.66
CA LYS A 66 -4.73 8.50 -0.52
C LYS A 66 -5.56 9.78 -0.54
N ALA A 67 -6.62 9.76 -1.34
CA ALA A 67 -7.50 10.91 -1.46
C ALA A 67 -8.06 11.25 -0.08
N ILE A 68 -8.66 10.25 0.55
CA ILE A 68 -9.24 10.42 1.86
C ILE A 68 -8.13 10.71 2.88
N VAL A 69 -7.04 9.97 2.74
CA VAL A 69 -5.91 10.14 3.64
C VAL A 69 -5.39 11.57 3.53
N PHE A 70 -5.11 11.98 2.30
CA PHE A 70 -4.61 13.33 2.06
C PHE A 70 -5.76 14.32 1.90
N GLN A 71 -6.75 14.19 2.77
CA GLN A 71 -7.91 15.05 2.74
C GLN A 71 -7.78 16.15 3.80
N ASP A 72 -8.10 17.37 3.39
CA ASP A 72 -8.02 18.51 4.30
C ASP A 72 -6.79 18.36 5.18
N GLY A 73 -6.86 18.97 6.35
CA GLY A 73 -5.76 18.92 7.30
C GLY A 73 -6.04 17.92 8.42
N PRO A 74 -6.99 18.31 9.31
CA PRO A 74 -7.36 17.45 10.43
C PRO A 74 -8.23 16.28 9.96
N GLY A 75 -8.61 16.34 8.69
CA GLY A 75 -9.44 15.29 8.11
C GLY A 75 -8.58 14.25 7.38
N SER A 76 -7.33 14.64 7.13
CA SER A 76 -6.41 13.76 6.44
C SER A 76 -5.78 12.78 7.44
N HIS A 77 -4.80 12.03 6.95
CA HIS A 77 -4.11 11.06 7.79
C HIS A 77 -2.60 11.18 7.56
N PRO A 78 -1.94 11.92 8.48
CA PRO A 78 -0.50 12.12 8.39
C PRO A 78 0.25 10.85 8.83
N ASP A 79 -0.50 9.91 9.36
CA ASP A 79 0.07 8.66 9.82
C ASP A 79 0.07 7.65 8.67
N GLN A 80 -1.04 7.63 7.94
CA GLN A 80 -1.17 6.72 6.81
C GLN A 80 -0.62 7.37 5.54
N GLN A 81 -0.49 8.69 5.60
CA GLN A 81 0.03 9.43 4.46
C GLN A 81 1.31 8.78 3.93
N PRO A 82 2.24 8.50 4.88
CA PRO A 82 3.51 7.88 4.52
C PRO A 82 3.32 6.40 4.20
N TYR A 83 2.24 5.84 4.72
CA TYR A 83 1.94 4.43 4.51
C TYR A 83 1.34 4.22 3.12
N ILE A 84 0.33 5.02 2.81
CA ILE A 84 -0.34 4.93 1.53
C ILE A 84 0.64 5.32 0.42
N THR A 85 1.51 6.25 0.74
CA THR A 85 2.50 6.73 -0.20
C THR A 85 3.38 5.56 -0.68
N VAL A 86 3.89 4.81 0.29
CA VAL A 86 4.74 3.67 -0.02
C VAL A 86 4.01 2.74 -0.98
N TRP A 87 2.75 2.47 -0.66
CA TRP A 87 1.94 1.60 -1.49
C TRP A 87 1.99 2.13 -2.93
N GLN A 88 1.76 3.43 -3.05
CA GLN A 88 1.78 4.07 -4.35
C GLN A 88 3.11 3.78 -5.07
N ASP A 89 4.16 3.70 -4.27
CA ASP A 89 5.48 3.44 -4.81
C ASP A 89 5.55 1.98 -5.30
N LEU A 90 4.90 1.11 -4.54
CA LEU A 90 4.88 -0.30 -4.87
C LEU A 90 4.30 -0.48 -6.28
N VAL A 91 3.29 0.32 -6.58
CA VAL A 91 2.65 0.27 -7.88
C VAL A 91 3.59 0.86 -8.94
N GLN A 92 4.13 2.03 -8.60
CA GLN A 92 5.04 2.71 -9.51
C GLN A 92 6.25 1.82 -9.81
N ASN A 93 7.04 1.58 -8.78
CA ASN A 93 8.23 0.76 -8.92
C ASN A 93 7.89 -0.68 -8.56
N SER A 94 7.32 -1.39 -9.53
CA SER A 94 6.94 -2.77 -9.33
C SER A 94 8.17 -3.61 -8.95
N PRO A 95 8.14 -4.15 -7.70
CA PRO A 95 9.24 -4.96 -7.22
C PRO A 95 9.23 -6.34 -7.86
N PRO A 96 10.37 -7.06 -7.72
CA PRO A 96 10.50 -8.39 -8.28
C PRO A 96 9.73 -9.42 -7.44
N TRP A 97 9.52 -9.06 -6.18
CA TRP A 97 8.80 -9.94 -5.27
C TRP A 97 7.30 -9.76 -5.52
N ILE A 98 6.99 -8.75 -6.33
CA ILE A 98 5.61 -8.46 -6.67
C ILE A 98 5.31 -8.96 -8.08
N LYS A 99 6.14 -8.53 -9.02
CA LYS A 99 5.98 -8.92 -10.41
C LYS A 99 7.36 -9.17 -11.02
N SER A 100 7.40 -10.13 -11.94
CA SER A 100 8.65 -10.48 -12.61
C SER A 100 8.40 -10.65 -14.11
N GLY A 101 8.49 -9.54 -14.82
CA GLY A 101 8.28 -9.55 -16.26
C GLY A 101 7.66 -8.23 -16.74
N PRO A 102 7.79 -7.98 -18.06
CA PRO A 102 7.24 -6.77 -18.65
C PRO A 102 5.72 -6.87 -18.80
N SER A 103 5.03 -6.13 -17.94
CA SER A 103 3.58 -6.13 -17.96
C SER A 103 3.07 -5.04 -18.89
N SER A 104 1.94 -5.32 -19.53
CA SER A 104 1.34 -4.38 -20.46
C SER A 104 0.02 -4.94 -21.00
N GLY A 105 -0.74 -4.07 -21.65
CA GLY A 105 -2.02 -4.46 -22.21
C GLY A 105 -3.18 -3.92 -21.37
N GLY A 1 -8.12 -7.40 -14.55
CA GLY A 1 -8.29 -8.49 -13.60
C GLY A 1 -7.08 -9.42 -13.60
N SER A 2 -7.15 -10.45 -12.78
CA SER A 2 -6.07 -11.42 -12.67
C SER A 2 -6.63 -12.78 -12.27
N SER A 3 -5.96 -13.82 -12.78
CA SER A 3 -6.38 -15.18 -12.48
C SER A 3 -5.54 -15.75 -11.33
N GLY A 4 -6.09 -16.77 -10.70
CA GLY A 4 -5.40 -17.41 -9.58
C GLY A 4 -5.43 -16.53 -8.34
N SER A 5 -5.56 -17.17 -7.19
CA SER A 5 -5.59 -16.46 -5.93
C SER A 5 -4.82 -17.23 -4.86
N SER A 6 -3.92 -16.53 -4.20
CA SER A 6 -3.10 -17.13 -3.16
C SER A 6 -2.23 -16.07 -2.49
N GLY A 7 -1.35 -15.48 -3.29
CA GLY A 7 -0.46 -14.44 -2.79
C GLY A 7 -1.19 -13.10 -2.67
N THR A 8 -0.97 -12.45 -1.53
CA THR A 8 -1.59 -11.17 -1.28
C THR A 8 -0.53 -10.06 -1.22
N PRO A 9 -1.01 -8.80 -1.37
CA PRO A 9 -0.12 -7.65 -1.33
C PRO A 9 0.33 -7.35 0.10
N LEU A 10 -0.64 -7.32 0.99
CA LEU A 10 -0.36 -7.04 2.39
C LEU A 10 0.66 -8.06 2.91
N SER A 11 0.49 -9.29 2.46
CA SER A 11 1.39 -10.36 2.88
C SER A 11 2.77 -10.15 2.26
N LEU A 12 2.78 -9.96 0.95
CA LEU A 12 4.02 -9.74 0.23
C LEU A 12 4.78 -8.56 0.86
N THR A 13 4.07 -7.44 0.97
CA THR A 13 4.65 -6.24 1.54
C THR A 13 5.25 -6.54 2.91
N LEU A 14 4.44 -7.13 3.78
CA LEU A 14 4.88 -7.47 5.12
C LEU A 14 6.10 -8.40 5.01
N ASP A 15 6.01 -9.35 4.11
CA ASP A 15 7.09 -10.30 3.90
C ASP A 15 8.35 -9.55 3.50
N HIS A 16 8.15 -8.35 2.95
CA HIS A 16 9.26 -7.53 2.53
C HIS A 16 9.21 -6.18 3.26
N TRP A 17 8.84 -6.25 4.53
CA TRP A 17 8.75 -5.05 5.34
C TRP A 17 10.05 -4.26 5.16
N SER A 18 11.14 -4.99 5.06
CA SER A 18 12.44 -4.37 4.89
C SER A 18 12.42 -3.42 3.68
N GLU A 19 11.80 -3.89 2.61
CA GLU A 19 11.70 -3.10 1.40
C GLU A 19 10.78 -1.91 1.62
N ILE A 20 9.66 -2.18 2.29
CA ILE A 20 8.69 -1.14 2.57
C ILE A 20 9.31 -0.09 3.49
N ARG A 21 10.19 -0.57 4.36
CA ARG A 21 10.87 0.32 5.30
C ARG A 21 11.90 1.18 4.55
N SER A 22 12.41 0.63 3.46
CA SER A 22 13.40 1.34 2.67
C SER A 22 12.75 2.52 1.96
N ARG A 23 11.61 2.26 1.33
CA ARG A 23 10.88 3.29 0.63
C ARG A 23 10.58 4.46 1.56
N ALA A 24 10.34 4.12 2.82
CA ALA A 24 10.04 5.14 3.82
C ALA A 24 11.28 6.00 4.05
N HIS A 25 12.43 5.34 4.11
CA HIS A 25 13.69 6.03 4.33
C HIS A 25 13.95 7.00 3.17
N ASN A 26 13.77 6.49 1.96
CA ASN A 26 13.97 7.29 0.77
C ASN A 26 12.94 8.42 0.73
N LEU A 27 11.77 8.13 1.29
CA LEU A 27 10.70 9.11 1.33
C LEU A 27 10.82 9.94 2.60
N SER A 28 11.83 9.62 3.39
CA SER A 28 12.06 10.33 4.64
C SER A 28 10.82 10.26 5.52
N VAL A 29 10.30 9.05 5.67
CA VAL A 29 9.12 8.84 6.49
C VAL A 29 9.30 7.58 7.33
N GLU A 30 8.63 7.57 8.47
CA GLU A 30 8.71 6.43 9.37
C GLU A 30 7.35 5.73 9.46
N ILE A 31 7.39 4.42 9.26
CA ILE A 31 6.17 3.62 9.30
C ILE A 31 6.42 2.38 10.17
N LYS A 32 5.33 1.74 10.55
CA LYS A 32 5.41 0.54 11.38
C LYS A 32 4.71 -0.61 10.66
N LYS A 33 4.94 -1.81 11.17
CA LYS A 33 4.34 -3.00 10.59
C LYS A 33 2.98 -3.25 11.23
N GLY A 34 2.90 -2.96 12.52
CA GLY A 34 1.66 -3.14 13.25
C GLY A 34 0.52 -2.34 12.62
N PRO A 35 0.80 -1.03 12.37
CA PRO A 35 -0.18 -0.14 11.77
C PRO A 35 -0.32 -0.43 10.28
N TRP A 36 0.82 -0.67 9.64
CA TRP A 36 0.82 -0.96 8.21
C TRP A 36 -0.23 -2.03 7.94
N ARG A 37 -0.30 -2.99 8.86
CA ARG A 37 -1.25 -4.08 8.72
C ARG A 37 -2.65 -3.61 9.12
N THR A 38 -2.72 -2.99 10.28
CA THR A 38 -3.99 -2.49 10.79
C THR A 38 -4.65 -1.57 9.76
N PHE A 39 -3.87 -0.59 9.31
CA PHE A 39 -4.36 0.36 8.33
C PHE A 39 -4.90 -0.36 7.09
N CYS A 40 -4.23 -1.45 6.74
CA CYS A 40 -4.63 -2.23 5.58
C CYS A 40 -5.52 -3.37 6.06
N ALA A 41 -5.94 -3.28 7.31
CA ALA A 41 -6.79 -4.29 7.90
C ALA A 41 -8.26 -3.88 7.72
N SER A 42 -8.59 -2.74 8.30
CA SER A 42 -9.95 -2.23 8.20
C SER A 42 -9.95 -0.70 8.35
N GLU A 43 -8.93 -0.09 7.76
CA GLU A 43 -8.80 1.36 7.81
C GLU A 43 -8.83 1.94 6.40
N TRP A 44 -8.09 1.31 5.51
CA TRP A 44 -8.03 1.75 4.13
C TRP A 44 -9.30 1.28 3.42
N PRO A 45 -9.67 0.00 3.69
CA PRO A 45 -10.85 -0.59 3.09
C PRO A 45 -12.12 -0.04 3.75
N THR A 46 -11.92 0.88 4.67
CA THR A 46 -13.04 1.48 5.38
C THR A 46 -13.22 2.94 4.95
N PHE A 47 -12.70 3.24 3.77
CA PHE A 47 -12.80 4.59 3.23
C PHE A 47 -14.01 4.71 2.30
N ASP A 48 -14.54 3.57 1.91
CA ASP A 48 -15.70 3.53 1.03
C ASP A 48 -15.29 4.03 -0.36
N VAL A 49 -14.39 3.27 -0.98
CA VAL A 49 -13.91 3.63 -2.31
C VAL A 49 -13.85 2.37 -3.17
N GLY A 50 -13.02 1.43 -2.72
CA GLY A 50 -12.85 0.18 -3.44
C GLY A 50 -11.52 -0.48 -3.11
N TRP A 51 -11.17 -0.42 -1.83
CA TRP A 51 -9.92 -1.00 -1.37
C TRP A 51 -10.25 -2.31 -0.65
N PRO A 52 -9.56 -3.40 -1.10
CA PRO A 52 -9.77 -4.71 -0.51
C PRO A 52 -9.09 -4.81 0.86
N PRO A 53 -9.49 -5.85 1.63
CA PRO A 53 -8.93 -6.07 2.96
C PRO A 53 -7.52 -6.65 2.86
N GLU A 54 -7.30 -7.43 1.81
CA GLU A 54 -6.00 -8.04 1.59
C GLU A 54 -5.02 -7.01 1.02
N GLY A 55 -5.57 -6.00 0.38
CA GLY A 55 -4.76 -4.95 -0.21
C GLY A 55 -4.76 -5.06 -1.74
N THR A 56 -4.17 -4.06 -2.37
CA THR A 56 -4.08 -4.03 -3.82
C THR A 56 -2.96 -3.11 -4.29
N PHE A 57 -2.33 -3.50 -5.39
CA PHE A 57 -1.23 -2.72 -5.93
C PHE A 57 -1.70 -1.87 -7.12
N ASP A 58 -2.92 -1.39 -7.02
CA ASP A 58 -3.50 -0.56 -8.07
C ASP A 58 -3.43 0.91 -7.66
N LEU A 59 -2.48 1.62 -8.24
CA LEU A 59 -2.30 3.03 -7.95
C LEU A 59 -3.66 3.72 -7.95
N THR A 60 -4.56 3.19 -8.77
CA THR A 60 -5.89 3.75 -8.89
C THR A 60 -6.62 3.67 -7.54
N VAL A 61 -6.57 2.49 -6.94
CA VAL A 61 -7.21 2.28 -5.66
C VAL A 61 -6.45 3.04 -4.58
N ILE A 62 -5.14 3.13 -4.78
CA ILE A 62 -4.28 3.81 -3.83
C ILE A 62 -4.64 5.29 -3.81
N PHE A 63 -4.65 5.90 -4.99
CA PHE A 63 -4.98 7.31 -5.11
C PHE A 63 -6.33 7.61 -4.47
N GLU A 64 -7.17 6.59 -4.40
CA GLU A 64 -8.49 6.74 -3.81
C GLU A 64 -8.37 6.95 -2.30
N VAL A 65 -7.65 6.04 -1.67
CA VAL A 65 -7.45 6.11 -0.23
C VAL A 65 -6.52 7.30 0.10
N LYS A 66 -5.58 7.54 -0.80
CA LYS A 66 -4.64 8.63 -0.63
C LYS A 66 -5.39 9.95 -0.70
N ALA A 67 -6.31 10.03 -1.64
CA ALA A 67 -7.10 11.24 -1.82
C ALA A 67 -7.72 11.64 -0.49
N ILE A 68 -8.38 10.67 0.14
CA ILE A 68 -9.03 10.91 1.42
C ILE A 68 -7.96 11.10 2.49
N VAL A 69 -7.01 10.18 2.51
CA VAL A 69 -5.93 10.24 3.47
C VAL A 69 -5.28 11.63 3.43
N PHE A 70 -5.05 12.11 2.22
CA PHE A 70 -4.44 13.41 2.03
C PHE A 70 -5.51 14.49 1.84
N GLN A 71 -6.60 14.33 2.58
CA GLN A 71 -7.70 15.28 2.52
C GLN A 71 -7.40 16.50 3.38
N ASP A 72 -8.42 17.31 3.60
CA ASP A 72 -8.28 18.51 4.40
C ASP A 72 -8.99 18.30 5.74
N GLY A 73 -8.47 18.98 6.76
CA GLY A 73 -9.03 18.87 8.09
C GLY A 73 -8.35 17.76 8.89
N PRO A 74 -9.00 17.41 10.04
CA PRO A 74 -8.47 16.36 10.90
C PRO A 74 -8.71 14.97 10.29
N GLY A 75 -9.41 14.97 9.17
CA GLY A 75 -9.72 13.73 8.48
C GLY A 75 -8.46 13.13 7.85
N SER A 76 -7.62 14.01 7.33
CA SER A 76 -6.38 13.57 6.71
C SER A 76 -5.63 12.61 7.62
N HIS A 77 -4.89 11.70 7.01
CA HIS A 77 -4.12 10.72 7.76
C HIS A 77 -2.63 10.97 7.55
N PRO A 78 -2.04 11.74 8.50
CA PRO A 78 -0.63 12.06 8.43
C PRO A 78 0.23 10.86 8.84
N ASP A 79 -0.43 9.89 9.44
CA ASP A 79 0.25 8.67 9.87
C ASP A 79 0.26 7.66 8.74
N GLN A 80 -0.86 7.61 8.03
CA GLN A 80 -0.98 6.69 6.91
C GLN A 80 -0.47 7.33 5.62
N GLN A 81 -0.36 8.65 5.67
CA GLN A 81 0.12 9.40 4.51
C GLN A 81 1.39 8.76 3.96
N PRO A 82 2.34 8.48 4.88
CA PRO A 82 3.61 7.87 4.49
C PRO A 82 3.42 6.39 4.18
N TYR A 83 2.38 5.82 4.76
CA TYR A 83 2.08 4.41 4.55
C TYR A 83 1.45 4.18 3.18
N ILE A 84 0.43 4.98 2.88
CA ILE A 84 -0.26 4.87 1.62
C ILE A 84 0.67 5.30 0.49
N THR A 85 1.51 6.28 0.80
CA THR A 85 2.46 6.79 -0.17
C THR A 85 3.37 5.67 -0.67
N VAL A 86 3.86 4.88 0.27
CA VAL A 86 4.73 3.78 -0.06
C VAL A 86 4.05 2.88 -1.10
N TRP A 87 2.80 2.55 -0.80
CA TRP A 87 2.02 1.70 -1.69
C TRP A 87 2.10 2.29 -3.10
N GLN A 88 1.87 3.59 -3.17
CA GLN A 88 1.91 4.30 -4.45
C GLN A 88 3.27 4.10 -5.12
N ASP A 89 4.30 4.07 -4.30
CA ASP A 89 5.65 3.89 -4.79
C ASP A 89 5.85 2.43 -5.19
N LEU A 90 5.20 1.56 -4.43
CA LEU A 90 5.30 0.12 -4.70
C LEU A 90 4.74 -0.17 -6.09
N VAL A 91 3.52 0.26 -6.30
CA VAL A 91 2.86 0.04 -7.59
C VAL A 91 3.72 0.63 -8.70
N GLN A 92 4.27 1.81 -8.42
CA GLN A 92 5.11 2.49 -9.39
C GLN A 92 6.31 1.61 -9.75
N ASN A 93 7.08 1.27 -8.73
CA ASN A 93 8.26 0.44 -8.92
C ASN A 93 7.91 -1.01 -8.60
N SER A 94 6.83 -1.48 -9.22
CA SER A 94 6.39 -2.85 -9.01
C SER A 94 7.58 -3.79 -8.98
N PRO A 95 7.88 -4.31 -7.75
CA PRO A 95 9.00 -5.22 -7.58
C PRO A 95 8.66 -6.62 -8.12
N PRO A 96 9.72 -7.47 -8.22
CA PRO A 96 9.54 -8.82 -8.73
C PRO A 96 8.87 -9.71 -7.67
N TRP A 97 9.02 -9.30 -6.41
CA TRP A 97 8.43 -10.04 -5.32
C TRP A 97 6.95 -9.69 -5.23
N ILE A 98 6.56 -8.73 -6.06
CA ILE A 98 5.17 -8.29 -6.08
C ILE A 98 4.51 -8.76 -7.38
N LYS A 99 5.07 -8.30 -8.50
CA LYS A 99 4.55 -8.67 -9.80
C LYS A 99 5.36 -9.85 -10.35
N SER A 100 4.79 -11.04 -10.17
CA SER A 100 5.44 -12.25 -10.65
C SER A 100 4.51 -13.02 -11.57
N GLY A 101 4.83 -12.99 -12.85
CA GLY A 101 4.03 -13.69 -13.84
C GLY A 101 4.56 -15.09 -14.10
N PRO A 102 3.65 -15.97 -14.61
CA PRO A 102 4.02 -17.34 -14.90
C PRO A 102 4.87 -17.43 -16.17
N SER A 103 5.64 -18.50 -16.26
CA SER A 103 6.50 -18.71 -17.41
C SER A 103 7.56 -17.62 -17.49
N SER A 104 8.81 -18.03 -17.33
CA SER A 104 9.92 -17.10 -17.38
C SER A 104 11.10 -17.72 -18.11
N GLY A 105 11.09 -17.54 -19.43
CA GLY A 105 12.16 -18.07 -20.27
C GLY A 105 12.61 -17.06 -21.31
N GLY A 1 -4.73 -8.33 -18.68
CA GLY A 1 -5.63 -9.31 -18.07
C GLY A 1 -5.11 -9.75 -16.70
N SER A 2 -3.98 -10.45 -16.72
CA SER A 2 -3.36 -10.93 -15.50
C SER A 2 -4.30 -11.92 -14.81
N SER A 3 -3.70 -12.88 -14.12
CA SER A 3 -4.46 -13.89 -13.43
C SER A 3 -3.53 -14.76 -12.58
N GLY A 4 -4.09 -15.82 -12.02
CA GLY A 4 -3.33 -16.74 -11.19
C GLY A 4 -4.06 -17.04 -9.88
N SER A 5 -4.47 -15.97 -9.22
CA SER A 5 -5.19 -16.10 -7.95
C SER A 5 -4.35 -16.91 -6.97
N SER A 6 -3.33 -16.27 -6.42
CA SER A 6 -2.45 -16.91 -5.46
C SER A 6 -1.41 -15.91 -4.96
N GLY A 7 -1.61 -15.45 -3.73
CA GLY A 7 -0.70 -14.50 -3.12
C GLY A 7 -1.38 -13.15 -2.91
N THR A 8 -1.28 -12.66 -1.68
CA THR A 8 -1.88 -11.39 -1.33
C THR A 8 -0.81 -10.29 -1.27
N PRO A 9 -1.28 -9.02 -1.41
CA PRO A 9 -0.38 -7.89 -1.38
C PRO A 9 0.07 -7.59 0.05
N LEU A 10 -0.88 -7.60 0.96
CA LEU A 10 -0.59 -7.34 2.35
C LEU A 10 0.52 -8.26 2.83
N SER A 11 0.37 -9.54 2.50
CA SER A 11 1.35 -10.53 2.88
C SER A 11 2.66 -10.30 2.11
N LEU A 12 2.51 -9.95 0.84
CA LEU A 12 3.66 -9.70 -0.01
C LEU A 12 4.45 -8.52 0.56
N THR A 13 3.70 -7.53 1.06
CA THR A 13 4.32 -6.34 1.62
C THR A 13 4.93 -6.66 2.99
N LEU A 14 4.10 -7.22 3.85
CA LEU A 14 4.54 -7.57 5.20
C LEU A 14 5.74 -8.51 5.09
N ASP A 15 5.73 -9.34 4.06
CA ASP A 15 6.82 -10.28 3.85
C ASP A 15 8.10 -9.51 3.49
N HIS A 16 7.90 -8.35 2.88
CA HIS A 16 9.01 -7.52 2.48
C HIS A 16 8.95 -6.18 3.22
N TRP A 17 8.72 -6.27 4.52
CA TRP A 17 8.63 -5.09 5.36
C TRP A 17 9.91 -4.29 5.16
N SER A 18 11.02 -5.00 5.04
CA SER A 18 12.31 -4.37 4.85
C SER A 18 12.25 -3.39 3.67
N GLU A 19 11.54 -3.82 2.63
CA GLU A 19 11.40 -3.00 1.43
C GLU A 19 10.47 -1.82 1.72
N ILE A 20 9.40 -2.10 2.43
CA ILE A 20 8.44 -1.07 2.78
C ILE A 20 9.09 -0.05 3.71
N ARG A 21 10.01 -0.54 4.51
CA ARG A 21 10.72 0.31 5.45
C ARG A 21 11.70 1.22 4.70
N SER A 22 12.13 0.74 3.54
CA SER A 22 13.06 1.50 2.72
C SER A 22 12.32 2.58 1.93
N ARG A 23 11.23 2.16 1.32
CA ARG A 23 10.42 3.08 0.53
C ARG A 23 10.15 4.36 1.33
N ALA A 24 9.93 4.19 2.62
CA ALA A 24 9.67 5.31 3.50
C ALA A 24 10.97 6.05 3.79
N HIS A 25 11.98 5.27 4.15
CA HIS A 25 13.28 5.84 4.46
C HIS A 25 13.73 6.74 3.31
N ASN A 26 13.59 6.22 2.10
CA ASN A 26 13.98 6.96 0.92
C ASN A 26 13.03 8.15 0.73
N LEU A 27 11.80 7.95 1.18
CA LEU A 27 10.79 9.00 1.07
C LEU A 27 10.93 9.96 2.26
N SER A 28 11.81 9.60 3.17
CA SER A 28 12.04 10.41 4.35
C SER A 28 10.82 10.37 5.27
N VAL A 29 10.37 9.15 5.54
CA VAL A 29 9.21 8.95 6.39
C VAL A 29 9.38 7.67 7.19
N GLU A 30 8.72 7.63 8.35
CA GLU A 30 8.80 6.47 9.22
C GLU A 30 7.42 5.79 9.32
N ILE A 31 7.45 4.47 9.36
CA ILE A 31 6.23 3.70 9.47
C ILE A 31 6.47 2.48 10.36
N LYS A 32 5.36 1.91 10.82
CA LYS A 32 5.44 0.73 11.68
C LYS A 32 4.85 -0.47 10.95
N LYS A 33 5.11 -1.64 11.50
CA LYS A 33 4.61 -2.87 10.92
C LYS A 33 3.28 -3.25 11.58
N GLY A 34 2.99 -2.57 12.68
CA GLY A 34 1.76 -2.81 13.41
C GLY A 34 0.59 -2.08 12.77
N PRO A 35 0.81 -0.76 12.51
CA PRO A 35 -0.23 0.06 11.90
C PRO A 35 -0.36 -0.24 10.40
N TRP A 36 0.80 -0.48 9.78
CA TRP A 36 0.82 -0.79 8.36
C TRP A 36 -0.21 -1.88 8.08
N ARG A 37 -0.27 -2.83 9.00
CA ARG A 37 -1.21 -3.94 8.87
C ARG A 37 -2.62 -3.48 9.25
N THR A 38 -2.71 -2.82 10.40
CA THR A 38 -3.99 -2.33 10.87
C THR A 38 -4.66 -1.45 9.81
N PHE A 39 -3.89 -0.48 9.34
CA PHE A 39 -4.39 0.44 8.32
C PHE A 39 -4.89 -0.33 7.09
N CYS A 40 -4.25 -1.46 6.84
CA CYS A 40 -4.63 -2.28 5.70
C CYS A 40 -5.47 -3.45 6.22
N ALA A 41 -5.90 -3.33 7.46
CA ALA A 41 -6.71 -4.36 8.08
C ALA A 41 -8.19 -4.00 7.94
N SER A 42 -8.53 -2.82 8.42
CA SER A 42 -9.90 -2.34 8.34
C SER A 42 -9.94 -0.81 8.47
N GLU A 43 -8.96 -0.18 7.83
CA GLU A 43 -8.87 1.27 7.87
C GLU A 43 -9.04 1.85 6.47
N TRP A 44 -8.27 1.30 5.53
CA TRP A 44 -8.32 1.75 4.15
C TRP A 44 -9.60 1.18 3.53
N PRO A 45 -9.84 -0.12 3.81
CA PRO A 45 -11.03 -0.80 3.28
C PRO A 45 -12.29 -0.36 4.02
N THR A 46 -12.09 0.56 4.97
CA THR A 46 -13.21 1.06 5.75
C THR A 46 -13.45 2.54 5.44
N PHE A 47 -12.88 2.98 4.32
CA PHE A 47 -13.03 4.36 3.90
C PHE A 47 -14.15 4.50 2.87
N ASP A 48 -14.49 3.38 2.26
CA ASP A 48 -15.55 3.36 1.26
C ASP A 48 -15.03 3.99 -0.03
N VAL A 49 -14.46 3.14 -0.87
CA VAL A 49 -13.92 3.60 -2.14
C VAL A 49 -13.75 2.40 -3.08
N GLY A 50 -13.21 1.32 -2.52
CA GLY A 50 -13.00 0.11 -3.30
C GLY A 50 -11.64 -0.51 -2.96
N TRP A 51 -11.32 -0.49 -1.68
CA TRP A 51 -10.05 -1.05 -1.21
C TRP A 51 -10.36 -2.37 -0.52
N PRO A 52 -9.71 -3.45 -1.04
CA PRO A 52 -9.89 -4.78 -0.49
C PRO A 52 -9.15 -4.94 0.85
N PRO A 53 -9.51 -6.01 1.59
CA PRO A 53 -8.89 -6.28 2.88
C PRO A 53 -7.48 -6.83 2.69
N GLU A 54 -7.32 -7.64 1.65
CA GLU A 54 -6.03 -8.24 1.36
C GLU A 54 -5.08 -7.20 0.76
N GLY A 55 -5.66 -6.10 0.32
CA GLY A 55 -4.88 -5.02 -0.27
C GLY A 55 -4.89 -5.10 -1.80
N THR A 56 -4.23 -4.14 -2.41
CA THR A 56 -4.15 -4.09 -3.87
C THR A 56 -2.99 -3.20 -4.31
N PHE A 57 -2.38 -3.58 -5.42
CA PHE A 57 -1.27 -2.84 -5.96
C PHE A 57 -1.71 -1.96 -7.14
N ASP A 58 -2.87 -1.33 -6.97
CA ASP A 58 -3.41 -0.47 -8.01
C ASP A 58 -3.12 0.98 -7.65
N LEU A 59 -2.58 1.70 -8.63
CA LEU A 59 -2.24 3.10 -8.43
C LEU A 59 -3.53 3.93 -8.40
N THR A 60 -4.56 3.38 -9.06
CA THR A 60 -5.84 4.06 -9.12
C THR A 60 -6.55 3.98 -7.76
N VAL A 61 -6.63 2.76 -7.25
CA VAL A 61 -7.28 2.53 -5.97
C VAL A 61 -6.42 3.14 -4.86
N ILE A 62 -5.11 2.98 -5.01
CA ILE A 62 -4.17 3.51 -4.03
C ILE A 62 -4.38 5.02 -3.89
N PHE A 63 -4.45 5.68 -5.04
CA PHE A 63 -4.65 7.12 -5.06
C PHE A 63 -5.92 7.51 -4.32
N GLU A 64 -6.92 6.65 -4.43
CA GLU A 64 -8.20 6.89 -3.78
C GLU A 64 -8.01 6.97 -2.26
N VAL A 65 -7.38 5.94 -1.73
CA VAL A 65 -7.13 5.87 -0.29
C VAL A 65 -6.17 7.00 0.11
N LYS A 66 -5.20 7.24 -0.76
CA LYS A 66 -4.23 8.29 -0.51
C LYS A 66 -4.92 9.65 -0.50
N ALA A 67 -5.69 9.88 -1.55
CA ALA A 67 -6.42 11.13 -1.67
C ALA A 67 -7.29 11.35 -0.43
N ILE A 68 -7.63 10.25 0.21
CA ILE A 68 -8.43 10.29 1.42
C ILE A 68 -7.57 10.72 2.60
N VAL A 69 -6.46 10.02 2.76
CA VAL A 69 -5.54 10.30 3.84
C VAL A 69 -4.91 11.68 3.62
N PHE A 70 -4.73 12.01 2.34
CA PHE A 70 -4.14 13.29 1.98
C PHE A 70 -5.22 14.32 1.70
N GLN A 71 -6.30 14.24 2.47
CA GLN A 71 -7.41 15.16 2.31
C GLN A 71 -7.18 16.41 3.16
N ASP A 72 -8.20 17.26 3.20
CA ASP A 72 -8.14 18.49 3.97
C ASP A 72 -8.99 18.35 5.23
N GLY A 73 -8.46 18.87 6.32
CA GLY A 73 -9.15 18.82 7.59
C GLY A 73 -8.50 17.81 8.54
N PRO A 74 -9.15 17.61 9.72
CA PRO A 74 -8.64 16.69 10.71
C PRO A 74 -8.89 15.24 10.29
N GLY A 75 -9.58 15.09 9.17
CA GLY A 75 -9.89 13.78 8.64
C GLY A 75 -8.66 13.11 8.03
N SER A 76 -7.83 13.94 7.40
CA SER A 76 -6.61 13.46 6.78
C SER A 76 -5.82 12.61 7.77
N HIS A 77 -5.01 11.70 7.22
CA HIS A 77 -4.20 10.83 8.04
C HIS A 77 -2.72 11.04 7.70
N PRO A 78 -2.05 11.84 8.56
CA PRO A 78 -0.64 12.13 8.37
C PRO A 78 0.23 10.93 8.77
N ASP A 79 -0.42 9.95 9.39
CA ASP A 79 0.28 8.75 9.82
C ASP A 79 0.29 7.74 8.68
N GLN A 80 -0.82 7.70 7.95
CA GLN A 80 -0.95 6.78 6.83
C GLN A 80 -0.41 7.42 5.55
N GLN A 81 -0.27 8.75 5.60
CA GLN A 81 0.23 9.48 4.46
C GLN A 81 1.50 8.83 3.92
N PRO A 82 2.45 8.55 4.85
CA PRO A 82 3.70 7.92 4.49
C PRO A 82 3.51 6.44 4.18
N TYR A 83 2.44 5.89 4.71
CA TYR A 83 2.13 4.48 4.50
C TYR A 83 1.52 4.26 3.12
N ILE A 84 0.51 5.06 2.81
CA ILE A 84 -0.18 4.97 1.53
C ILE A 84 0.80 5.34 0.42
N THR A 85 1.65 6.31 0.72
CA THR A 85 2.64 6.78 -0.25
C THR A 85 3.50 5.62 -0.73
N VAL A 86 4.03 4.88 0.23
CA VAL A 86 4.87 3.73 -0.08
C VAL A 86 4.12 2.79 -1.02
N TRP A 87 2.86 2.58 -0.71
CA TRP A 87 2.03 1.70 -1.50
C TRP A 87 2.07 2.19 -2.95
N GLN A 88 1.96 3.52 -3.10
CA GLN A 88 1.99 4.13 -4.41
C GLN A 88 3.37 3.94 -5.06
N ASP A 89 4.39 4.12 -4.24
CA ASP A 89 5.75 3.98 -4.71
C ASP A 89 5.99 2.53 -5.16
N LEU A 90 5.48 1.61 -4.36
CA LEU A 90 5.63 0.20 -4.65
C LEU A 90 5.09 -0.08 -6.06
N VAL A 91 3.86 0.33 -6.28
CA VAL A 91 3.22 0.13 -7.57
C VAL A 91 4.04 0.82 -8.66
N GLN A 92 4.24 2.12 -8.47
CA GLN A 92 5.00 2.90 -9.42
C GLN A 92 6.20 2.09 -9.93
N ASN A 93 6.90 1.48 -9.00
CA ASN A 93 8.07 0.67 -9.34
C ASN A 93 7.83 -0.77 -8.86
N SER A 94 6.69 -1.31 -9.27
CA SER A 94 6.34 -2.67 -8.90
C SER A 94 7.60 -3.55 -8.89
N PRO A 95 7.91 -4.10 -7.68
CA PRO A 95 9.07 -4.95 -7.52
C PRO A 95 8.82 -6.34 -8.11
N PRO A 96 9.90 -7.15 -8.15
CA PRO A 96 9.81 -8.50 -8.69
C PRO A 96 9.09 -9.44 -7.71
N TRP A 97 9.12 -9.05 -6.44
CA TRP A 97 8.49 -9.84 -5.40
C TRP A 97 6.99 -9.53 -5.42
N ILE A 98 6.63 -8.62 -6.31
CA ILE A 98 5.23 -8.22 -6.45
C ILE A 98 4.71 -8.65 -7.82
N LYS A 99 5.33 -8.08 -8.85
CA LYS A 99 4.94 -8.39 -10.21
C LYS A 99 6.19 -8.80 -11.01
N SER A 100 6.09 -9.97 -11.63
CA SER A 100 7.18 -10.48 -12.44
C SER A 100 6.65 -11.36 -13.57
N GLY A 101 5.93 -12.40 -13.18
CA GLY A 101 5.35 -13.31 -14.14
C GLY A 101 3.83 -13.25 -14.10
N PRO A 102 3.26 -12.48 -15.06
CA PRO A 102 1.82 -12.34 -15.15
C PRO A 102 1.18 -13.59 -15.75
N SER A 103 -0.07 -13.83 -15.35
CA SER A 103 -0.80 -14.98 -15.83
C SER A 103 -0.13 -16.27 -15.35
N SER A 104 -0.37 -16.59 -14.08
CA SER A 104 0.20 -17.79 -13.50
C SER A 104 -0.91 -18.68 -12.94
N GLY A 105 -1.55 -19.39 -13.83
CA GLY A 105 -2.64 -20.28 -13.45
C GLY A 105 -2.81 -21.42 -14.47
N GLY A 1 4.76 -13.72 -9.93
CA GLY A 1 4.63 -13.14 -11.25
C GLY A 1 3.62 -13.93 -12.09
N SER A 2 2.66 -13.20 -12.64
CA SER A 2 1.63 -13.81 -13.46
C SER A 2 0.99 -14.98 -12.72
N SER A 3 -0.07 -14.65 -11.98
CA SER A 3 -0.78 -15.66 -11.22
C SER A 3 -2.27 -15.30 -11.11
N GLY A 4 -3.09 -16.31 -10.98
CA GLY A 4 -4.53 -16.11 -10.86
C GLY A 4 -5.03 -16.52 -9.48
N SER A 5 -5.66 -15.57 -8.79
CA SER A 5 -6.19 -15.82 -7.47
C SER A 5 -5.15 -16.56 -6.62
N SER A 6 -4.14 -15.83 -6.19
CA SER A 6 -3.09 -16.40 -5.38
C SER A 6 -2.12 -15.30 -4.91
N GLY A 7 -1.68 -15.44 -3.67
CA GLY A 7 -0.76 -14.47 -3.10
C GLY A 7 -1.43 -13.11 -2.92
N THR A 8 -1.32 -12.58 -1.72
CA THR A 8 -1.91 -11.29 -1.41
C THR A 8 -0.82 -10.20 -1.37
N PRO A 9 -1.29 -8.93 -1.47
CA PRO A 9 -0.37 -7.80 -1.44
C PRO A 9 0.13 -7.53 -0.02
N LEU A 10 -0.82 -7.52 0.92
CA LEU A 10 -0.48 -7.29 2.31
C LEU A 10 0.61 -8.25 2.74
N SER A 11 0.39 -9.53 2.41
CA SER A 11 1.35 -10.56 2.76
C SER A 11 2.65 -10.35 2.00
N LEU A 12 2.51 -9.89 0.76
CA LEU A 12 3.66 -9.64 -0.09
C LEU A 12 4.46 -8.45 0.47
N THR A 13 3.72 -7.48 0.99
CA THR A 13 4.34 -6.30 1.56
C THR A 13 4.93 -6.62 2.93
N LEU A 14 4.09 -7.15 3.80
CA LEU A 14 4.52 -7.50 5.15
C LEU A 14 5.74 -8.42 5.07
N ASP A 15 5.73 -9.28 4.06
CA ASP A 15 6.83 -10.21 3.86
C ASP A 15 8.11 -9.42 3.58
N HIS A 16 7.96 -8.38 2.76
CA HIS A 16 9.09 -7.54 2.41
C HIS A 16 9.01 -6.22 3.17
N TRP A 17 8.67 -6.34 4.44
CA TRP A 17 8.56 -5.16 5.29
C TRP A 17 9.85 -4.34 5.15
N SER A 18 10.95 -5.06 5.01
CA SER A 18 12.25 -4.41 4.86
C SER A 18 12.21 -3.44 3.69
N GLU A 19 11.66 -3.91 2.59
CA GLU A 19 11.55 -3.08 1.39
C GLU A 19 10.63 -1.89 1.65
N ILE A 20 9.50 -2.17 2.27
CA ILE A 20 8.54 -1.14 2.58
C ILE A 20 9.19 -0.10 3.51
N ARG A 21 10.02 -0.60 4.41
CA ARG A 21 10.71 0.25 5.36
C ARG A 21 11.79 1.08 4.64
N SER A 22 12.34 0.49 3.59
CA SER A 22 13.37 1.15 2.82
C SER A 22 12.79 2.37 2.11
N ARG A 23 11.64 2.15 1.49
CA ARG A 23 10.97 3.23 0.77
C ARG A 23 10.66 4.38 1.71
N ALA A 24 10.42 4.04 2.97
CA ALA A 24 10.11 5.04 3.98
C ALA A 24 11.35 5.88 4.25
N HIS A 25 12.49 5.21 4.31
CA HIS A 25 13.76 5.88 4.57
C HIS A 25 14.07 6.83 3.41
N ASN A 26 13.87 6.32 2.20
CA ASN A 26 14.13 7.11 1.01
C ASN A 26 13.14 8.28 0.95
N LEU A 27 11.95 8.03 1.45
CA LEU A 27 10.90 9.05 1.47
C LEU A 27 11.06 9.92 2.70
N SER A 28 11.95 9.48 3.59
CA SER A 28 12.21 10.21 4.82
C SER A 28 10.97 10.16 5.72
N VAL A 29 10.41 8.96 5.84
CA VAL A 29 9.24 8.77 6.67
C VAL A 29 9.40 7.49 7.49
N GLU A 30 8.73 7.46 8.64
CA GLU A 30 8.79 6.31 9.52
C GLU A 30 7.43 5.62 9.59
N ILE A 31 7.47 4.30 9.49
CA ILE A 31 6.26 3.50 9.54
C ILE A 31 6.51 2.23 10.35
N LYS A 32 5.44 1.71 10.91
CA LYS A 32 5.53 0.50 11.72
C LYS A 32 4.89 -0.66 10.97
N LYS A 33 5.15 -1.86 11.46
CA LYS A 33 4.61 -3.06 10.84
C LYS A 33 3.26 -3.40 11.48
N GLY A 34 3.01 -2.79 12.63
CA GLY A 34 1.78 -3.01 13.34
C GLY A 34 0.62 -2.21 12.73
N PRO A 35 0.89 -0.89 12.52
CA PRO A 35 -0.12 -0.02 11.94
C PRO A 35 -0.25 -0.26 10.43
N TRP A 36 0.88 -0.53 9.81
CA TRP A 36 0.91 -0.79 8.38
C TRP A 36 -0.17 -1.83 8.06
N ARG A 37 -0.22 -2.85 8.90
CA ARG A 37 -1.20 -3.91 8.72
C ARG A 37 -2.60 -3.41 9.10
N THR A 38 -2.67 -2.75 10.25
CA THR A 38 -3.93 -2.23 10.73
C THR A 38 -4.57 -1.32 9.68
N PHE A 39 -3.78 -0.36 9.20
CA PHE A 39 -4.25 0.57 8.20
C PHE A 39 -4.75 -0.17 6.95
N CYS A 40 -4.24 -1.39 6.80
CA CYS A 40 -4.61 -2.21 5.65
C CYS A 40 -5.43 -3.40 6.16
N ALA A 41 -5.86 -3.29 7.41
CA ALA A 41 -6.64 -4.35 8.03
C ALA A 41 -8.12 -3.99 7.97
N SER A 42 -8.42 -2.77 8.38
CA SER A 42 -9.79 -2.29 8.37
C SER A 42 -9.81 -0.76 8.46
N GLU A 43 -8.86 -0.15 7.78
CA GLU A 43 -8.76 1.30 7.76
C GLU A 43 -8.94 1.84 6.34
N TRP A 44 -8.18 1.27 5.43
CA TRP A 44 -8.25 1.67 4.03
C TRP A 44 -9.49 1.03 3.41
N PRO A 45 -9.70 -0.26 3.76
CA PRO A 45 -10.85 -1.00 3.24
C PRO A 45 -12.14 -0.57 3.95
N THR A 46 -11.99 0.41 4.83
CA THR A 46 -13.14 0.92 5.57
C THR A 46 -13.33 2.42 5.29
N PHE A 47 -12.78 2.86 4.16
CA PHE A 47 -12.89 4.25 3.77
C PHE A 47 -14.10 4.48 2.86
N ASP A 48 -14.69 3.37 2.43
CA ASP A 48 -15.85 3.43 1.57
C ASP A 48 -15.43 3.96 0.19
N VAL A 49 -14.75 3.10 -0.55
CA VAL A 49 -14.29 3.45 -1.88
C VAL A 49 -14.20 2.20 -2.75
N GLY A 50 -13.37 1.26 -2.30
CA GLY A 50 -13.20 0.02 -3.01
C GLY A 50 -11.82 -0.59 -2.73
N TRP A 51 -11.43 -0.52 -1.48
CA TRP A 51 -10.15 -1.05 -1.06
C TRP A 51 -10.39 -2.37 -0.32
N PRO A 52 -9.74 -3.45 -0.83
CA PRO A 52 -9.89 -4.77 -0.22
C PRO A 52 -9.09 -4.86 1.08
N PRO A 53 -9.41 -5.92 1.88
CA PRO A 53 -8.73 -6.14 3.14
C PRO A 53 -7.33 -6.68 2.92
N GLU A 54 -7.19 -7.52 1.91
CA GLU A 54 -5.91 -8.12 1.58
C GLU A 54 -5.00 -7.08 0.92
N GLY A 55 -5.61 -5.97 0.53
CA GLY A 55 -4.86 -4.90 -0.11
C GLY A 55 -4.93 -5.03 -1.64
N THR A 56 -4.31 -4.06 -2.31
CA THR A 56 -4.30 -4.05 -3.76
C THR A 56 -3.17 -3.16 -4.27
N PHE A 57 -2.62 -3.54 -5.41
CA PHE A 57 -1.54 -2.78 -6.02
C PHE A 57 -2.04 -1.96 -7.20
N ASP A 58 -3.17 -1.29 -6.98
CA ASP A 58 -3.76 -0.47 -8.02
C ASP A 58 -3.44 1.00 -7.74
N LEU A 59 -2.83 1.63 -8.74
CA LEU A 59 -2.45 3.03 -8.61
C LEU A 59 -3.73 3.89 -8.54
N THR A 60 -4.79 3.35 -9.13
CA THR A 60 -6.06 4.05 -9.14
C THR A 60 -6.72 4.00 -7.75
N VAL A 61 -6.80 2.79 -7.22
CA VAL A 61 -7.41 2.60 -5.92
C VAL A 61 -6.52 3.23 -4.85
N ILE A 62 -5.21 3.04 -5.03
CA ILE A 62 -4.25 3.59 -4.09
C ILE A 62 -4.44 5.10 -3.99
N PHE A 63 -4.53 5.73 -5.15
CA PHE A 63 -4.71 7.18 -5.20
C PHE A 63 -5.98 7.59 -4.45
N GLU A 64 -6.96 6.72 -4.50
CA GLU A 64 -8.23 6.98 -3.83
C GLU A 64 -8.02 7.04 -2.31
N VAL A 65 -7.41 5.99 -1.80
CA VAL A 65 -7.14 5.91 -0.37
C VAL A 65 -6.18 7.02 0.03
N LYS A 66 -5.20 7.24 -0.82
CA LYS A 66 -4.20 8.28 -0.56
C LYS A 66 -4.88 9.65 -0.57
N ALA A 67 -5.65 9.89 -1.63
CA ALA A 67 -6.35 11.14 -1.77
C ALA A 67 -7.22 11.38 -0.54
N ILE A 68 -7.59 10.29 0.10
CA ILE A 68 -8.41 10.37 1.30
C ILE A 68 -7.55 10.82 2.48
N VAL A 69 -6.45 10.10 2.67
CA VAL A 69 -5.53 10.41 3.76
C VAL A 69 -4.89 11.79 3.50
N PHE A 70 -4.65 12.07 2.23
CA PHE A 70 -4.05 13.32 1.84
C PHE A 70 -5.11 14.38 1.58
N GLN A 71 -6.27 14.19 2.22
CA GLN A 71 -7.38 15.12 2.06
C GLN A 71 -7.18 16.33 2.98
N ASP A 72 -8.21 17.15 3.04
CA ASP A 72 -8.18 18.33 3.88
C ASP A 72 -8.98 18.09 5.16
N GLY A 73 -8.80 18.99 6.11
CA GLY A 73 -9.49 18.88 7.39
C GLY A 73 -8.78 17.90 8.31
N PRO A 74 -9.39 17.70 9.51
CA PRO A 74 -8.83 16.79 10.49
C PRO A 74 -9.07 15.33 10.09
N GLY A 75 -9.80 15.16 9.01
CA GLY A 75 -10.11 13.83 8.51
C GLY A 75 -8.87 13.19 7.89
N SER A 76 -8.00 14.03 7.36
CA SER A 76 -6.77 13.55 6.73
C SER A 76 -6.00 12.67 7.72
N HIS A 77 -5.10 11.87 7.16
CA HIS A 77 -4.29 10.98 7.98
C HIS A 77 -2.81 11.18 7.63
N PRO A 78 -2.12 12.02 8.45
CA PRO A 78 -0.72 12.29 8.23
C PRO A 78 0.15 11.11 8.68
N ASP A 79 -0.51 10.14 9.28
CA ASP A 79 0.18 8.94 9.76
C ASP A 79 0.22 7.91 8.64
N GLN A 80 -0.86 7.86 7.88
CA GLN A 80 -0.96 6.91 6.78
C GLN A 80 -0.37 7.52 5.50
N GLN A 81 -0.22 8.83 5.53
CA GLN A 81 0.33 9.55 4.39
C GLN A 81 1.60 8.85 3.89
N PRO A 82 2.51 8.55 4.86
CA PRO A 82 3.76 7.90 4.53
C PRO A 82 3.54 6.41 4.24
N TYR A 83 2.43 5.89 4.75
CA TYR A 83 2.09 4.50 4.54
C TYR A 83 1.48 4.28 3.16
N ILE A 84 0.49 5.10 2.84
CA ILE A 84 -0.17 5.01 1.55
C ILE A 84 0.81 5.38 0.44
N THR A 85 1.61 6.40 0.71
CA THR A 85 2.59 6.86 -0.25
C THR A 85 3.45 5.68 -0.73
N VAL A 86 4.00 4.96 0.23
CA VAL A 86 4.84 3.82 -0.08
C VAL A 86 4.07 2.85 -0.98
N TRP A 87 2.82 2.62 -0.60
CA TRP A 87 1.96 1.71 -1.35
C TRP A 87 1.95 2.19 -2.81
N GLN A 88 1.91 3.50 -2.97
CA GLN A 88 1.89 4.08 -4.30
C GLN A 88 3.24 3.87 -5.00
N ASP A 89 4.30 4.01 -4.21
CA ASP A 89 5.63 3.83 -4.74
C ASP A 89 5.82 2.38 -5.18
N LEU A 90 5.24 1.47 -4.40
CA LEU A 90 5.34 0.06 -4.70
C LEU A 90 4.84 -0.19 -6.12
N VAL A 91 3.62 0.27 -6.37
CA VAL A 91 3.01 0.10 -7.69
C VAL A 91 3.87 0.81 -8.74
N GLN A 92 4.08 2.10 -8.52
CA GLN A 92 4.88 2.90 -9.43
C GLN A 92 6.06 2.08 -9.96
N ASN A 93 6.83 1.55 -9.03
CA ASN A 93 7.98 0.74 -9.38
C ASN A 93 7.74 -0.71 -8.96
N SER A 94 6.68 -1.28 -9.52
CA SER A 94 6.33 -2.66 -9.22
C SER A 94 7.58 -3.50 -9.03
N PRO A 95 7.74 -4.03 -7.78
CA PRO A 95 8.89 -4.84 -7.46
C PRO A 95 8.78 -6.24 -8.07
N PRO A 96 9.91 -6.97 -8.06
CA PRO A 96 9.94 -8.32 -8.60
C PRO A 96 9.25 -9.32 -7.67
N TRP A 97 9.20 -8.94 -6.40
CA TRP A 97 8.58 -9.79 -5.39
C TRP A 97 7.06 -9.57 -5.48
N ILE A 98 6.68 -8.60 -6.30
CA ILE A 98 5.27 -8.28 -6.47
C ILE A 98 4.81 -8.80 -7.82
N LYS A 99 5.41 -8.27 -8.88
CA LYS A 99 5.06 -8.66 -10.23
C LYS A 99 6.32 -8.67 -11.10
N SER A 100 6.69 -9.85 -11.55
CA SER A 100 7.88 -10.00 -12.39
C SER A 100 7.49 -9.87 -13.86
N GLY A 101 7.57 -8.64 -14.36
CA GLY A 101 7.24 -8.38 -15.75
C GLY A 101 7.98 -7.16 -16.27
N PRO A 102 8.05 -7.06 -17.63
CA PRO A 102 8.74 -5.94 -18.27
C PRO A 102 7.91 -4.67 -18.18
N SER A 103 7.71 -4.21 -16.95
CA SER A 103 6.94 -3.00 -16.72
C SER A 103 5.74 -2.96 -17.65
N SER A 104 4.65 -3.59 -17.21
CA SER A 104 3.44 -3.63 -18.00
C SER A 104 3.00 -2.21 -18.37
N GLY A 105 2.79 -1.40 -17.34
CA GLY A 105 2.36 -0.03 -17.54
C GLY A 105 0.94 0.20 -17.02
N GLY A 1 3.00 -11.41 -14.61
CA GLY A 1 3.60 -12.00 -13.42
C GLY A 1 2.57 -12.77 -12.61
N SER A 2 2.30 -13.99 -13.04
CA SER A 2 1.34 -14.84 -12.37
C SER A 2 -0.04 -14.17 -12.37
N SER A 3 -0.92 -14.70 -13.21
CA SER A 3 -2.27 -14.17 -13.31
C SER A 3 -3.27 -15.17 -12.73
N GLY A 4 -4.34 -14.61 -12.15
CA GLY A 4 -5.37 -15.43 -11.55
C GLY A 4 -5.88 -14.81 -10.25
N SER A 5 -5.63 -15.52 -9.16
CA SER A 5 -6.05 -15.05 -7.86
C SER A 5 -5.25 -15.76 -6.76
N SER A 6 -4.02 -15.31 -6.60
CA SER A 6 -3.14 -15.89 -5.59
C SER A 6 -2.17 -14.83 -5.07
N GLY A 7 -1.65 -15.09 -3.87
CA GLY A 7 -0.71 -14.16 -3.27
C GLY A 7 -1.34 -12.79 -3.07
N THR A 8 -1.32 -12.32 -1.83
CA THR A 8 -1.88 -11.03 -1.49
C THR A 8 -0.76 -9.98 -1.40
N PRO A 9 -1.19 -8.69 -1.45
CA PRO A 9 -0.25 -7.58 -1.38
C PRO A 9 0.25 -7.39 0.05
N LEU A 10 -0.69 -7.39 0.98
CA LEU A 10 -0.36 -7.22 2.38
C LEU A 10 0.72 -8.23 2.78
N SER A 11 0.48 -9.48 2.39
CA SER A 11 1.42 -10.55 2.69
C SER A 11 2.74 -10.29 1.97
N LEU A 12 2.63 -9.84 0.73
CA LEU A 12 3.80 -9.56 -0.07
C LEU A 12 4.58 -8.40 0.56
N THR A 13 3.87 -7.31 0.81
CA THR A 13 4.48 -6.13 1.41
C THR A 13 5.07 -6.48 2.77
N LEU A 14 4.24 -7.06 3.62
CA LEU A 14 4.67 -7.45 4.95
C LEU A 14 5.87 -8.40 4.84
N ASP A 15 5.79 -9.31 3.88
CA ASP A 15 6.85 -10.27 3.67
C ASP A 15 8.14 -9.53 3.34
N HIS A 16 7.98 -8.36 2.74
CA HIS A 16 9.12 -7.54 2.37
C HIS A 16 9.08 -6.21 3.13
N TRP A 17 8.67 -6.30 4.39
CA TRP A 17 8.57 -5.12 5.23
C TRP A 17 9.87 -4.33 5.09
N SER A 18 10.97 -5.08 4.96
CA SER A 18 12.28 -4.46 4.82
C SER A 18 12.26 -3.47 3.65
N GLU A 19 11.61 -3.89 2.57
CA GLU A 19 11.51 -3.05 1.38
C GLU A 19 10.61 -1.85 1.65
N ILE A 20 9.50 -2.12 2.34
CA ILE A 20 8.55 -1.08 2.65
C ILE A 20 9.20 -0.08 3.61
N ARG A 21 10.00 -0.61 4.53
CA ARG A 21 10.69 0.22 5.49
C ARG A 21 11.80 1.04 4.81
N SER A 22 12.33 0.47 3.74
CA SER A 22 13.39 1.13 2.99
C SER A 22 12.81 2.29 2.19
N ARG A 23 11.66 2.04 1.58
CA ARG A 23 11.00 3.06 0.79
C ARG A 23 10.63 4.26 1.66
N ALA A 24 10.39 3.97 2.93
CA ALA A 24 10.03 5.01 3.87
C ALA A 24 11.26 5.85 4.21
N HIS A 25 12.39 5.15 4.34
CA HIS A 25 13.65 5.82 4.66
C HIS A 25 14.02 6.76 3.51
N ASN A 26 13.84 6.27 2.30
CA ASN A 26 14.17 7.04 1.12
C ASN A 26 13.17 8.20 0.98
N LEU A 27 11.95 7.95 1.45
CA LEU A 27 10.91 8.95 1.39
C LEU A 27 10.99 9.85 2.62
N SER A 28 11.93 9.51 3.49
CA SER A 28 12.13 10.27 4.72
C SER A 28 10.87 10.20 5.59
N VAL A 29 10.41 8.97 5.80
CA VAL A 29 9.23 8.74 6.60
C VAL A 29 9.39 7.43 7.39
N GLU A 30 8.79 7.41 8.57
CA GLU A 30 8.87 6.24 9.43
C GLU A 30 7.49 5.58 9.54
N ILE A 31 7.50 4.26 9.47
CA ILE A 31 6.26 3.50 9.57
C ILE A 31 6.52 2.21 10.36
N LYS A 32 5.44 1.51 10.65
CA LYS A 32 5.53 0.26 11.40
C LYS A 32 4.77 -0.84 10.64
N LYS A 33 4.99 -2.07 11.07
CA LYS A 33 4.34 -3.21 10.45
C LYS A 33 2.99 -3.44 11.13
N GLY A 34 2.97 -3.26 12.43
CA GLY A 34 1.76 -3.44 13.20
C GLY A 34 0.62 -2.56 12.66
N PRO A 35 0.94 -1.25 12.50
CA PRO A 35 -0.03 -0.30 11.99
C PRO A 35 -0.23 -0.47 10.48
N TRP A 36 0.89 -0.64 9.79
CA TRP A 36 0.85 -0.83 8.35
C TRP A 36 -0.22 -1.88 8.03
N ARG A 37 -0.31 -2.87 8.90
CA ARG A 37 -1.28 -3.93 8.71
C ARG A 37 -2.68 -3.45 9.11
N THR A 38 -2.73 -2.79 10.26
CA THR A 38 -4.00 -2.28 10.77
C THR A 38 -4.66 -1.38 9.72
N PHE A 39 -3.89 -0.41 9.24
CA PHE A 39 -4.40 0.51 8.23
C PHE A 39 -4.88 -0.23 7.00
N CYS A 40 -4.33 -1.43 6.81
CA CYS A 40 -4.70 -2.25 5.68
C CYS A 40 -5.49 -3.46 6.19
N ALA A 41 -5.92 -3.36 7.43
CA ALA A 41 -6.69 -4.43 8.05
C ALA A 41 -8.18 -4.09 7.99
N SER A 42 -8.49 -2.88 8.43
CA SER A 42 -9.87 -2.41 8.43
C SER A 42 -9.91 -0.89 8.55
N GLU A 43 -8.99 -0.25 7.82
CA GLU A 43 -8.91 1.20 7.84
C GLU A 43 -9.07 1.75 6.42
N TRP A 44 -8.31 1.17 5.51
CA TRP A 44 -8.35 1.59 4.11
C TRP A 44 -9.62 1.00 3.48
N PRO A 45 -9.85 -0.31 3.78
CA PRO A 45 -11.02 -0.99 3.25
C PRO A 45 -12.29 -0.58 3.98
N THR A 46 -12.11 0.35 4.92
CA THR A 46 -13.23 0.84 5.71
C THR A 46 -13.44 2.34 5.43
N PHE A 47 -12.92 2.78 4.30
CA PHE A 47 -13.06 4.18 3.91
C PHE A 47 -14.18 4.36 2.89
N ASP A 48 -14.73 3.24 2.45
CA ASP A 48 -15.80 3.26 1.47
C ASP A 48 -15.28 3.86 0.16
N VAL A 49 -14.68 2.99 -0.64
CA VAL A 49 -14.14 3.42 -1.92
C VAL A 49 -14.00 2.21 -2.84
N GLY A 50 -13.45 1.14 -2.29
CA GLY A 50 -13.25 -0.08 -3.05
C GLY A 50 -11.86 -0.67 -2.80
N TRP A 51 -11.46 -0.64 -1.54
CA TRP A 51 -10.16 -1.16 -1.16
C TRP A 51 -10.37 -2.52 -0.47
N PRO A 52 -9.60 -3.53 -0.95
CA PRO A 52 -9.71 -4.87 -0.40
C PRO A 52 -9.01 -4.95 0.96
N PRO A 53 -9.32 -6.05 1.71
CA PRO A 53 -8.74 -6.25 3.02
C PRO A 53 -7.28 -6.70 2.90
N GLU A 54 -7.02 -7.50 1.89
CA GLU A 54 -5.67 -8.00 1.66
C GLU A 54 -4.81 -6.93 0.98
N GLY A 55 -5.49 -5.90 0.50
CA GLY A 55 -4.80 -4.81 -0.16
C GLY A 55 -4.82 -5.00 -1.68
N THR A 56 -4.31 -3.99 -2.38
CA THR A 56 -4.25 -4.04 -3.83
C THR A 56 -3.18 -3.09 -4.36
N PHE A 57 -2.45 -3.57 -5.36
CA PHE A 57 -1.38 -2.78 -5.95
C PHE A 57 -1.90 -1.95 -7.13
N ASP A 58 -3.09 -1.39 -6.94
CA ASP A 58 -3.71 -0.59 -7.97
C ASP A 58 -3.62 0.90 -7.58
N LEU A 59 -2.68 1.58 -8.21
CA LEU A 59 -2.48 3.00 -7.94
C LEU A 59 -3.84 3.70 -7.91
N THR A 60 -4.70 3.29 -8.83
CA THR A 60 -6.04 3.87 -8.91
C THR A 60 -6.74 3.80 -7.56
N VAL A 61 -6.79 2.59 -7.02
CA VAL A 61 -7.43 2.38 -5.73
C VAL A 61 -6.62 3.08 -4.63
N ILE A 62 -5.31 3.07 -4.82
CA ILE A 62 -4.41 3.70 -3.86
C ILE A 62 -4.71 5.21 -3.81
N PHE A 63 -4.71 5.82 -4.99
CA PHE A 63 -4.98 7.23 -5.08
C PHE A 63 -6.28 7.60 -4.38
N GLU A 64 -7.20 6.66 -4.39
CA GLU A 64 -8.50 6.87 -3.75
C GLU A 64 -8.33 7.02 -2.24
N VAL A 65 -7.65 6.05 -1.65
CA VAL A 65 -7.40 6.07 -0.21
C VAL A 65 -6.39 7.17 0.12
N LYS A 66 -5.45 7.35 -0.80
CA LYS A 66 -4.42 8.36 -0.62
C LYS A 66 -5.07 9.73 -0.47
N ALA A 67 -5.84 10.10 -1.50
CA ALA A 67 -6.52 11.38 -1.50
C ALA A 67 -7.32 11.53 -0.19
N ILE A 68 -7.87 10.41 0.25
CA ILE A 68 -8.66 10.40 1.48
C ILE A 68 -7.78 10.83 2.65
N VAL A 69 -6.65 10.16 2.78
CA VAL A 69 -5.71 10.48 3.85
C VAL A 69 -5.06 11.83 3.57
N PHE A 70 -4.85 12.10 2.29
CA PHE A 70 -4.23 13.35 1.88
C PHE A 70 -5.29 14.44 1.67
N GLN A 71 -6.49 14.14 2.12
CA GLN A 71 -7.60 15.08 1.99
C GLN A 71 -7.32 16.35 2.78
N ASP A 72 -8.33 17.19 2.88
CA ASP A 72 -8.20 18.44 3.60
C ASP A 72 -8.91 18.32 4.96
N GLY A 73 -8.62 19.27 5.83
CA GLY A 73 -9.21 19.28 7.15
C GLY A 73 -8.50 18.30 8.08
N PRO A 74 -9.08 18.14 9.31
CA PRO A 74 -8.51 17.24 10.29
C PRO A 74 -8.80 15.78 9.93
N GLY A 75 -9.58 15.61 8.87
CA GLY A 75 -9.94 14.29 8.41
C GLY A 75 -8.74 13.56 7.79
N SER A 76 -7.85 14.35 7.21
CA SER A 76 -6.66 13.82 6.58
C SER A 76 -5.86 12.99 7.61
N HIS A 77 -5.18 11.98 7.10
CA HIS A 77 -4.38 11.11 7.95
C HIS A 77 -2.91 11.23 7.55
N PRO A 78 -2.17 12.10 8.30
CA PRO A 78 -0.75 12.30 8.03
C PRO A 78 0.08 11.12 8.53
N ASP A 79 -0.60 10.20 9.20
CA ASP A 79 0.06 9.02 9.73
C ASP A 79 0.16 7.96 8.63
N GLN A 80 -0.90 7.86 7.85
CA GLN A 80 -0.94 6.90 6.76
C GLN A 80 -0.35 7.51 5.48
N GLN A 81 -0.25 8.83 5.49
CA GLN A 81 0.31 9.54 4.35
C GLN A 81 1.61 8.90 3.90
N PRO A 82 2.51 8.66 4.90
CA PRO A 82 3.79 8.04 4.61
C PRO A 82 3.64 6.55 4.33
N TYR A 83 2.53 6.00 4.80
CA TYR A 83 2.26 4.58 4.61
C TYR A 83 1.70 4.31 3.21
N ILE A 84 0.70 5.10 2.85
CA ILE A 84 0.07 4.97 1.55
C ILE A 84 1.06 5.39 0.46
N THR A 85 1.88 6.38 0.80
CA THR A 85 2.87 6.87 -0.14
C THR A 85 3.75 5.73 -0.66
N VAL A 86 4.15 4.88 0.27
CA VAL A 86 4.98 3.73 -0.08
C VAL A 86 4.21 2.81 -1.04
N TRP A 87 2.93 2.64 -0.73
CA TRP A 87 2.07 1.80 -1.54
C TRP A 87 2.14 2.31 -2.99
N GLN A 88 1.89 3.60 -3.14
CA GLN A 88 1.91 4.21 -4.45
C GLN A 88 3.29 4.00 -5.11
N ASP A 89 4.31 3.98 -4.27
CA ASP A 89 5.67 3.79 -4.75
C ASP A 89 5.86 2.32 -5.14
N LEU A 90 5.17 1.45 -4.41
CA LEU A 90 5.26 0.02 -4.66
C LEU A 90 4.73 -0.27 -6.07
N VAL A 91 3.50 0.18 -6.30
CA VAL A 91 2.87 -0.03 -7.60
C VAL A 91 3.73 0.61 -8.69
N GLN A 92 4.15 1.83 -8.43
CA GLN A 92 4.98 2.57 -9.37
C GLN A 92 6.21 1.73 -9.75
N ASN A 93 7.03 1.45 -8.75
CA ASN A 93 8.23 0.68 -8.96
C ASN A 93 7.95 -0.79 -8.66
N SER A 94 6.89 -1.30 -9.26
CA SER A 94 6.50 -2.69 -9.06
C SER A 94 7.74 -3.58 -8.98
N PRO A 95 8.00 -4.11 -7.77
CA PRO A 95 9.16 -4.96 -7.56
C PRO A 95 8.92 -6.36 -8.14
N PRO A 96 9.99 -7.19 -8.14
CA PRO A 96 9.91 -8.54 -8.66
C PRO A 96 9.15 -9.45 -7.70
N TRP A 97 9.17 -9.07 -6.42
CA TRP A 97 8.49 -9.84 -5.40
C TRP A 97 7.00 -9.52 -5.47
N ILE A 98 6.66 -8.62 -6.38
CA ILE A 98 5.28 -8.22 -6.56
C ILE A 98 4.82 -8.59 -7.97
N LYS A 99 5.46 -7.98 -8.95
CA LYS A 99 5.13 -8.24 -10.34
C LYS A 99 6.33 -7.91 -11.21
N SER A 100 6.76 -8.90 -11.98
CA SER A 100 7.89 -8.73 -12.87
C SER A 100 7.92 -9.85 -13.91
N GLY A 101 7.15 -9.65 -14.97
CA GLY A 101 7.07 -10.64 -16.04
C GLY A 101 6.64 -9.98 -17.36
N PRO A 102 6.97 -10.68 -18.48
CA PRO A 102 6.63 -10.18 -19.80
C PRO A 102 5.14 -10.36 -20.08
N SER A 103 4.45 -9.24 -20.19
CA SER A 103 3.03 -9.26 -20.47
C SER A 103 2.78 -9.52 -21.96
N SER A 104 1.52 -9.80 -22.27
CA SER A 104 1.14 -10.07 -23.65
C SER A 104 1.82 -11.34 -24.14
N GLY A 105 1.15 -12.03 -25.05
CA GLY A 105 1.69 -13.26 -25.60
C GLY A 105 0.73 -14.43 -25.36
N GLY A 1 -9.43 -8.37 -14.54
CA GLY A 1 -8.27 -8.94 -13.88
C GLY A 1 -8.09 -10.42 -14.24
N SER A 2 -7.45 -11.15 -13.35
CA SER A 2 -7.22 -12.56 -13.58
C SER A 2 -7.91 -13.38 -12.48
N SER A 3 -7.93 -14.70 -12.69
CA SER A 3 -8.55 -15.60 -11.74
C SER A 3 -7.55 -16.00 -10.65
N GLY A 4 -8.08 -16.54 -9.57
CA GLY A 4 -7.24 -16.96 -8.46
C GLY A 4 -6.42 -15.80 -7.92
N SER A 5 -5.97 -15.96 -6.68
CA SER A 5 -5.18 -14.93 -6.03
C SER A 5 -3.75 -15.44 -5.79
N SER A 6 -3.65 -16.50 -5.01
CA SER A 6 -2.36 -17.09 -4.69
C SER A 6 -1.35 -15.99 -4.36
N GLY A 7 -1.38 -15.57 -3.10
CA GLY A 7 -0.48 -14.53 -2.63
C GLY A 7 -1.20 -13.18 -2.54
N THR A 8 -1.12 -12.59 -1.36
CA THR A 8 -1.76 -11.30 -1.12
C THR A 8 -0.73 -10.18 -1.16
N PRO A 9 -1.23 -8.93 -1.31
CA PRO A 9 -0.37 -7.77 -1.37
C PRO A 9 0.14 -7.42 0.03
N LEU A 10 -0.77 -7.45 1.00
CA LEU A 10 -0.42 -7.14 2.37
C LEU A 10 0.66 -8.10 2.86
N SER A 11 0.44 -9.38 2.54
CA SER A 11 1.38 -10.42 2.93
C SER A 11 2.74 -10.18 2.27
N LEU A 12 2.68 -9.92 0.97
CA LEU A 12 3.90 -9.68 0.20
C LEU A 12 4.62 -8.45 0.79
N THR A 13 3.86 -7.38 0.95
CA THR A 13 4.41 -6.15 1.50
C THR A 13 5.10 -6.42 2.85
N LEU A 14 4.34 -7.06 3.73
CA LEU A 14 4.86 -7.38 5.05
C LEU A 14 6.08 -8.30 4.91
N ASP A 15 5.95 -9.27 4.01
CA ASP A 15 7.03 -10.21 3.76
C ASP A 15 8.28 -9.45 3.35
N HIS A 16 8.07 -8.22 2.91
CA HIS A 16 9.17 -7.37 2.47
C HIS A 16 9.16 -6.05 3.25
N TRP A 17 8.73 -6.14 4.50
CA TRP A 17 8.66 -4.97 5.35
C TRP A 17 9.97 -4.21 5.22
N SER A 18 11.05 -4.97 5.13
CA SER A 18 12.38 -4.38 5.00
C SER A 18 12.39 -3.39 3.82
N GLU A 19 11.82 -3.82 2.71
CA GLU A 19 11.77 -3.00 1.52
C GLU A 19 10.86 -1.79 1.76
N ILE A 20 9.70 -2.05 2.32
CA ILE A 20 8.74 -0.99 2.61
C ILE A 20 9.37 0.01 3.57
N ARG A 21 10.19 -0.51 4.48
CA ARG A 21 10.87 0.33 5.45
C ARG A 21 11.95 1.16 4.77
N SER A 22 12.54 0.57 3.74
CA SER A 22 13.60 1.24 3.00
C SER A 22 13.03 2.45 2.25
N ARG A 23 11.93 2.20 1.56
CA ARG A 23 11.27 3.25 0.80
C ARG A 23 10.96 4.45 1.70
N ALA A 24 10.52 4.13 2.92
CA ALA A 24 10.18 5.16 3.88
C ALA A 24 11.44 5.94 4.25
N HIS A 25 12.55 5.21 4.33
CA HIS A 25 13.82 5.82 4.68
C HIS A 25 14.24 6.79 3.56
N ASN A 26 14.12 6.31 2.34
CA ASN A 26 14.50 7.11 1.18
C ASN A 26 13.49 8.26 1.03
N LEU A 27 12.28 8.03 1.52
CA LEU A 27 11.24 9.03 1.45
C LEU A 27 11.32 9.94 2.66
N SER A 28 12.11 9.51 3.64
CA SER A 28 12.28 10.28 4.87
C SER A 28 11.00 10.23 5.69
N VAL A 29 10.46 9.03 5.84
CA VAL A 29 9.24 8.84 6.61
C VAL A 29 9.36 7.57 7.45
N GLU A 30 8.66 7.56 8.57
CA GLU A 30 8.67 6.41 9.46
C GLU A 30 7.31 5.74 9.49
N ILE A 31 7.33 4.41 9.46
CA ILE A 31 6.11 3.64 9.48
C ILE A 31 6.31 2.39 10.35
N LYS A 32 5.20 1.85 10.82
CA LYS A 32 5.24 0.66 11.66
C LYS A 32 4.57 -0.50 10.92
N LYS A 33 4.78 -1.70 11.45
CA LYS A 33 4.20 -2.90 10.86
C LYS A 33 2.82 -3.13 11.45
N GLY A 34 2.70 -2.84 12.74
CA GLY A 34 1.44 -3.02 13.43
C GLY A 34 0.32 -2.22 12.75
N PRO A 35 0.61 -0.92 12.50
CA PRO A 35 -0.36 -0.04 11.86
C PRO A 35 -0.47 -0.34 10.36
N TRP A 36 0.69 -0.56 9.75
CA TRP A 36 0.75 -0.86 8.33
C TRP A 36 -0.25 -1.97 8.05
N ARG A 37 -0.32 -2.92 8.97
CA ARG A 37 -1.23 -4.05 8.82
C ARG A 37 -2.66 -3.61 9.17
N THR A 38 -2.79 -2.95 10.31
CA THR A 38 -4.08 -2.49 10.75
C THR A 38 -4.74 -1.61 9.69
N PHE A 39 -3.95 -0.69 9.15
CA PHE A 39 -4.44 0.20 8.12
C PHE A 39 -4.97 -0.57 6.92
N CYS A 40 -4.28 -1.66 6.60
CA CYS A 40 -4.67 -2.50 5.48
C CYS A 40 -5.57 -3.62 6.02
N ALA A 41 -5.95 -3.48 7.28
CA ALA A 41 -6.79 -4.48 7.91
C ALA A 41 -8.26 -4.10 7.72
N SER A 42 -8.63 -2.95 8.30
CA SER A 42 -9.99 -2.46 8.20
C SER A 42 -10.01 -0.94 8.28
N GLU A 43 -8.99 -0.34 7.67
CA GLU A 43 -8.88 1.11 7.66
C GLU A 43 -8.99 1.64 6.23
N TRP A 44 -8.18 1.06 5.35
CA TRP A 44 -8.18 1.46 3.96
C TRP A 44 -9.42 0.89 3.29
N PRO A 45 -9.70 -0.41 3.60
CA PRO A 45 -10.86 -1.09 3.05
C PRO A 45 -12.14 -0.62 3.73
N THR A 46 -11.98 0.32 4.65
CA THR A 46 -13.12 0.87 5.38
C THR A 46 -13.34 2.33 5.00
N PHE A 47 -12.69 2.74 3.92
CA PHE A 47 -12.81 4.10 3.45
C PHE A 47 -13.91 4.23 2.40
N ASP A 48 -14.64 3.13 2.21
CA ASP A 48 -15.71 3.11 1.24
C ASP A 48 -15.20 3.61 -0.11
N VAL A 49 -14.03 3.10 -0.48
CA VAL A 49 -13.43 3.48 -1.75
C VAL A 49 -13.35 2.27 -2.66
N GLY A 50 -13.39 1.10 -2.05
CA GLY A 50 -13.33 -0.15 -2.79
C GLY A 50 -12.06 -0.92 -2.46
N TRP A 51 -11.31 -0.39 -1.51
CA TRP A 51 -10.07 -1.03 -1.09
C TRP A 51 -10.42 -2.33 -0.39
N PRO A 52 -9.75 -3.42 -0.85
CA PRO A 52 -9.98 -4.74 -0.28
C PRO A 52 -9.32 -4.86 1.10
N PRO A 53 -9.72 -5.94 1.84
CA PRO A 53 -9.17 -6.18 3.16
C PRO A 53 -7.75 -6.74 3.07
N GLU A 54 -7.54 -7.57 2.06
CA GLU A 54 -6.23 -8.17 1.86
C GLU A 54 -5.25 -7.14 1.31
N GLY A 55 -5.79 -6.20 0.54
CA GLY A 55 -4.98 -5.16 -0.06
C GLY A 55 -5.02 -5.22 -1.59
N THR A 56 -4.46 -4.19 -2.20
CA THR A 56 -4.43 -4.11 -3.66
C THR A 56 -3.37 -3.11 -4.12
N PHE A 57 -2.79 -3.40 -5.28
CA PHE A 57 -1.78 -2.53 -5.84
C PHE A 57 -2.33 -1.70 -6.99
N ASP A 58 -3.59 -1.30 -6.84
CA ASP A 58 -4.26 -0.50 -7.86
C ASP A 58 -4.08 0.97 -7.53
N LEU A 59 -3.28 1.64 -8.34
CA LEU A 59 -3.03 3.06 -8.15
C LEU A 59 -4.36 3.79 -7.96
N THR A 60 -5.35 3.38 -8.76
CA THR A 60 -6.66 3.98 -8.69
C THR A 60 -7.22 3.89 -7.26
N VAL A 61 -7.17 2.68 -6.72
CA VAL A 61 -7.66 2.45 -5.37
C VAL A 61 -6.73 3.13 -4.36
N ILE A 62 -5.44 3.04 -4.65
CA ILE A 62 -4.44 3.64 -3.78
C ILE A 62 -4.67 5.15 -3.72
N PHE A 63 -4.72 5.76 -4.89
CA PHE A 63 -4.94 7.20 -4.98
C PHE A 63 -6.19 7.62 -4.20
N GLU A 64 -7.23 6.80 -4.32
CA GLU A 64 -8.47 7.07 -3.64
C GLU A 64 -8.25 7.15 -2.13
N VAL A 65 -7.62 6.10 -1.61
CA VAL A 65 -7.34 6.04 -0.19
C VAL A 65 -6.27 7.07 0.17
N LYS A 66 -5.34 7.26 -0.76
CA LYS A 66 -4.26 8.21 -0.57
C LYS A 66 -4.85 9.61 -0.41
N ALA A 67 -5.77 9.94 -1.30
CA ALA A 67 -6.42 11.24 -1.27
C ALA A 67 -7.18 11.40 0.04
N ILE A 68 -7.54 10.27 0.62
CA ILE A 68 -8.27 10.27 1.87
C ILE A 68 -7.31 10.58 3.02
N VAL A 69 -6.11 10.02 2.92
CA VAL A 69 -5.10 10.23 3.93
C VAL A 69 -4.40 11.57 3.69
N PHE A 70 -4.41 11.98 2.42
CA PHE A 70 -3.78 13.24 2.04
C PHE A 70 -4.83 14.34 1.86
N GLN A 71 -5.89 14.24 2.66
CA GLN A 71 -6.96 15.22 2.60
C GLN A 71 -6.45 16.60 3.02
N ASP A 72 -7.36 17.56 3.00
CA ASP A 72 -7.03 18.92 3.38
C ASP A 72 -7.84 19.32 4.61
N GLY A 73 -8.30 18.31 5.33
CA GLY A 73 -9.09 18.54 6.53
C GLY A 73 -8.71 17.57 7.63
N PRO A 74 -9.65 17.40 8.60
CA PRO A 74 -9.43 16.49 9.71
C PRO A 74 -9.57 15.03 9.27
N GLY A 75 -9.93 14.86 8.01
CA GLY A 75 -10.10 13.52 7.46
C GLY A 75 -8.75 12.92 7.06
N SER A 76 -7.87 13.77 6.55
CA SER A 76 -6.55 13.33 6.14
C SER A 76 -5.91 12.49 7.24
N HIS A 77 -4.92 11.70 6.84
CA HIS A 77 -4.23 10.84 7.78
C HIS A 77 -2.72 10.98 7.58
N PRO A 78 -2.10 11.75 8.52
CA PRO A 78 -0.66 11.98 8.46
C PRO A 78 0.11 10.74 8.92
N ASP A 79 -0.64 9.75 9.38
CA ASP A 79 -0.05 8.51 9.85
C ASP A 79 0.07 7.53 8.67
N GLN A 80 -0.97 7.49 7.87
CA GLN A 80 -1.00 6.60 6.71
C GLN A 80 -0.39 7.31 5.50
N GLN A 81 -0.30 8.62 5.60
CA GLN A 81 0.26 9.43 4.53
C GLN A 81 1.59 8.83 4.04
N PRO A 82 2.47 8.54 5.03
CA PRO A 82 3.77 7.97 4.72
C PRO A 82 3.64 6.48 4.36
N TYR A 83 2.55 5.88 4.81
CA TYR A 83 2.29 4.48 4.54
C TYR A 83 1.77 4.29 3.11
N ILE A 84 0.77 5.08 2.76
CA ILE A 84 0.18 4.99 1.45
C ILE A 84 1.20 5.43 0.40
N THR A 85 1.98 6.45 0.76
CA THR A 85 3.00 6.98 -0.13
C THR A 85 3.82 5.83 -0.72
N VAL A 86 4.28 4.95 0.16
CA VAL A 86 5.08 3.81 -0.27
C VAL A 86 4.23 2.92 -1.18
N TRP A 87 2.99 2.73 -0.78
CA TRP A 87 2.06 1.90 -1.55
C TRP A 87 2.04 2.43 -2.99
N GLN A 88 1.93 3.74 -3.09
CA GLN A 88 1.90 4.38 -4.39
C GLN A 88 3.21 4.13 -5.15
N ASP A 89 4.31 4.37 -4.45
CA ASP A 89 5.62 4.18 -5.03
C ASP A 89 5.77 2.72 -5.47
N LEU A 90 5.23 1.83 -4.65
CA LEU A 90 5.30 0.41 -4.94
C LEU A 90 4.72 0.15 -6.33
N VAL A 91 3.51 0.65 -6.53
CA VAL A 91 2.83 0.48 -7.81
C VAL A 91 3.74 0.98 -8.93
N GLN A 92 4.14 2.24 -8.81
CA GLN A 92 5.01 2.84 -9.80
C GLN A 92 6.15 1.89 -10.16
N ASN A 93 7.03 1.69 -9.19
CA ASN A 93 8.18 0.82 -9.39
C ASN A 93 7.80 -0.60 -8.95
N SER A 94 6.85 -1.17 -9.65
CA SER A 94 6.39 -2.52 -9.35
C SER A 94 7.59 -3.46 -9.22
N PRO A 95 7.78 -3.96 -7.97
CA PRO A 95 8.90 -4.87 -7.69
C PRO A 95 8.61 -6.27 -8.24
N PRO A 96 9.68 -7.09 -8.30
CA PRO A 96 9.56 -8.45 -8.81
C PRO A 96 8.87 -9.36 -7.78
N TRP A 97 8.95 -8.95 -6.53
CA TRP A 97 8.34 -9.71 -5.45
C TRP A 97 6.85 -9.38 -5.43
N ILE A 98 6.48 -8.39 -6.24
CA ILE A 98 5.08 -7.97 -6.31
C ILE A 98 4.51 -8.41 -7.65
N LYS A 99 5.01 -7.80 -8.72
CA LYS A 99 4.55 -8.11 -10.06
C LYS A 99 5.75 -8.21 -11.00
N SER A 100 5.87 -9.37 -11.64
CA SER A 100 6.96 -9.61 -12.56
C SER A 100 6.46 -9.51 -14.00
N GLY A 101 7.41 -9.41 -14.92
CA GLY A 101 7.09 -9.32 -16.33
C GLY A 101 6.08 -8.19 -16.58
N PRO A 102 6.56 -6.94 -16.45
CA PRO A 102 5.72 -5.77 -16.66
C PRO A 102 5.46 -5.55 -18.15
N SER A 103 4.53 -6.33 -18.68
CA SER A 103 4.18 -6.23 -20.09
C SER A 103 3.13 -5.13 -20.28
N SER A 104 3.16 -4.53 -21.47
CA SER A 104 2.22 -3.48 -21.80
C SER A 104 2.43 -2.29 -20.85
N GLY A 105 2.26 -1.10 -21.40
CA GLY A 105 2.42 0.12 -20.62
C GLY A 105 3.89 0.33 -20.23
N GLY A 1 -5.95 -5.22 -17.03
CA GLY A 1 -5.95 -6.64 -17.37
C GLY A 1 -5.09 -7.43 -16.39
N SER A 2 -5.76 -8.25 -15.59
CA SER A 2 -5.07 -9.07 -14.61
C SER A 2 -5.92 -10.29 -14.26
N SER A 3 -5.28 -11.24 -13.60
CA SER A 3 -5.97 -12.47 -13.20
C SER A 3 -5.10 -13.25 -12.21
N GLY A 4 -5.71 -14.27 -11.62
CA GLY A 4 -5.02 -15.10 -10.66
C GLY A 4 -5.64 -14.97 -9.27
N SER A 5 -5.63 -16.09 -8.54
CA SER A 5 -6.19 -16.12 -7.21
C SER A 5 -5.17 -16.70 -6.22
N SER A 6 -4.13 -15.93 -5.98
CA SER A 6 -3.08 -16.35 -5.06
C SER A 6 -2.13 -15.19 -4.77
N GLY A 7 -1.56 -15.22 -3.58
CA GLY A 7 -0.62 -14.19 -3.17
C GLY A 7 -1.34 -12.85 -3.02
N THR A 8 -1.25 -12.29 -1.81
CA THR A 8 -1.88 -11.01 -1.53
C THR A 8 -0.83 -9.90 -1.48
N PRO A 9 -1.32 -8.63 -1.58
CA PRO A 9 -0.44 -7.48 -1.55
C PRO A 9 0.05 -7.21 -0.13
N LEU A 10 -0.88 -7.21 0.81
CA LEU A 10 -0.55 -6.97 2.20
C LEU A 10 0.55 -7.94 2.64
N SER A 11 0.33 -9.21 2.31
CA SER A 11 1.29 -10.24 2.68
C SER A 11 2.61 -10.00 1.95
N LEU A 12 2.50 -9.68 0.67
CA LEU A 12 3.68 -9.42 -0.14
C LEU A 12 4.49 -8.30 0.51
N THR A 13 3.80 -7.23 0.87
CA THR A 13 4.44 -6.09 1.50
C THR A 13 5.05 -6.49 2.85
N LEU A 14 4.21 -7.08 3.69
CA LEU A 14 4.64 -7.52 5.00
C LEU A 14 5.80 -8.51 4.84
N ASP A 15 5.70 -9.33 3.80
CA ASP A 15 6.73 -10.33 3.53
C ASP A 15 8.06 -9.63 3.28
N HIS A 16 7.96 -8.44 2.69
CA HIS A 16 9.15 -7.65 2.39
C HIS A 16 9.12 -6.35 3.18
N TRP A 17 8.68 -6.46 4.43
CA TRP A 17 8.59 -5.29 5.30
C TRP A 17 9.91 -4.53 5.19
N SER A 18 10.99 -5.29 5.07
CA SER A 18 12.32 -4.70 4.95
C SER A 18 12.34 -3.69 3.81
N GLU A 19 11.68 -4.05 2.73
CA GLU A 19 11.62 -3.18 1.56
C GLU A 19 10.74 -1.97 1.85
N ILE A 20 9.59 -2.24 2.46
CA ILE A 20 8.65 -1.19 2.79
C ILE A 20 9.31 -0.20 3.75
N ARG A 21 10.14 -0.74 4.64
CA ARG A 21 10.84 0.07 5.61
C ARG A 21 11.92 0.91 4.92
N SER A 22 12.45 0.37 3.84
CA SER A 22 13.48 1.05 3.08
C SER A 22 12.87 2.22 2.31
N ARG A 23 11.69 1.98 1.77
CA ARG A 23 10.99 3.00 1.01
C ARG A 23 10.77 4.25 1.87
N ALA A 24 10.58 4.01 3.16
CA ALA A 24 10.36 5.09 4.09
C ALA A 24 11.64 5.92 4.23
N HIS A 25 12.77 5.22 4.30
CA HIS A 25 14.05 5.86 4.42
C HIS A 25 14.26 6.83 3.25
N ASN A 26 13.98 6.32 2.06
CA ASN A 26 14.13 7.12 0.86
C ASN A 26 13.04 8.18 0.81
N LEU A 27 11.87 7.81 1.31
CA LEU A 27 10.74 8.72 1.34
C LEU A 27 10.86 9.64 2.56
N SER A 28 11.92 9.43 3.32
CA SER A 28 12.17 10.23 4.51
C SER A 28 10.95 10.17 5.43
N VAL A 29 10.45 8.96 5.64
CA VAL A 29 9.29 8.76 6.50
C VAL A 29 9.49 7.51 7.33
N GLU A 30 8.77 7.45 8.44
CA GLU A 30 8.86 6.30 9.33
C GLU A 30 7.49 5.65 9.49
N ILE A 31 7.49 4.32 9.48
CA ILE A 31 6.26 3.56 9.63
C ILE A 31 6.52 2.35 10.51
N LYS A 32 5.43 1.66 10.84
CA LYS A 32 5.52 0.47 11.68
C LYS A 32 4.86 -0.71 10.95
N LYS A 33 5.12 -1.89 11.47
CA LYS A 33 4.57 -3.10 10.89
C LYS A 33 3.23 -3.43 11.57
N GLY A 34 3.00 -2.75 12.68
CA GLY A 34 1.77 -2.96 13.44
C GLY A 34 0.61 -2.16 12.84
N PRO A 35 0.88 -0.85 12.61
CA PRO A 35 -0.13 0.03 12.05
C PRO A 35 -0.29 -0.22 10.54
N TRP A 36 0.83 -0.48 9.89
CA TRP A 36 0.82 -0.74 8.46
C TRP A 36 -0.26 -1.79 8.17
N ARG A 37 -0.25 -2.84 8.98
CA ARG A 37 -1.21 -3.91 8.84
C ARG A 37 -2.61 -3.43 9.23
N THR A 38 -2.67 -2.79 10.40
CA THR A 38 -3.93 -2.29 10.90
C THR A 38 -4.59 -1.37 9.86
N PHE A 39 -3.81 -0.40 9.41
CA PHE A 39 -4.31 0.55 8.43
C PHE A 39 -4.82 -0.17 7.18
N CYS A 40 -4.22 -1.32 6.91
CA CYS A 40 -4.60 -2.12 5.75
C CYS A 40 -5.44 -3.31 6.25
N ALA A 41 -5.87 -3.20 7.50
CA ALA A 41 -6.68 -4.25 8.09
C ALA A 41 -8.16 -3.87 7.98
N SER A 42 -8.50 -2.75 8.58
CA SER A 42 -9.87 -2.26 8.55
C SER A 42 -9.90 -0.74 8.65
N GLU A 43 -8.90 -0.12 8.02
CA GLU A 43 -8.79 1.33 8.03
C GLU A 43 -8.95 1.88 6.61
N TRP A 44 -8.19 1.29 5.70
CA TRP A 44 -8.22 1.72 4.31
C TRP A 44 -9.49 1.14 3.68
N PRO A 45 -9.76 -0.16 3.99
CA PRO A 45 -10.92 -0.84 3.47
C PRO A 45 -12.19 -0.37 4.19
N THR A 46 -12.01 0.56 5.11
CA THR A 46 -13.12 1.09 5.87
C THR A 46 -13.32 2.58 5.57
N PHE A 47 -12.79 2.99 4.41
CA PHE A 47 -12.90 4.37 4.00
C PHE A 47 -14.01 4.55 2.97
N ASP A 48 -14.63 3.43 2.60
CA ASP A 48 -15.71 3.45 1.63
C ASP A 48 -15.19 4.04 0.32
N VAL A 49 -14.52 3.18 -0.45
CA VAL A 49 -13.98 3.61 -1.73
C VAL A 49 -13.90 2.39 -2.67
N GLY A 50 -13.39 1.30 -2.13
CA GLY A 50 -13.25 0.08 -2.89
C GLY A 50 -11.89 -0.57 -2.65
N TRP A 51 -11.47 -0.53 -1.39
CA TRP A 51 -10.19 -1.11 -1.01
C TRP A 51 -10.48 -2.42 -0.25
N PRO A 52 -9.89 -3.53 -0.78
CA PRO A 52 -10.06 -4.83 -0.18
C PRO A 52 -9.24 -4.96 1.11
N PRO A 53 -9.55 -6.03 1.88
CA PRO A 53 -8.84 -6.28 3.13
C PRO A 53 -7.44 -6.83 2.88
N GLU A 54 -7.28 -7.43 1.71
CA GLU A 54 -6.00 -8.00 1.33
C GLU A 54 -5.09 -6.92 0.72
N GLY A 55 -5.73 -5.84 0.28
CA GLY A 55 -5.01 -4.74 -0.31
C GLY A 55 -5.04 -4.82 -1.85
N THR A 56 -4.38 -3.86 -2.47
CA THR A 56 -4.33 -3.82 -3.92
C THR A 56 -3.25 -2.84 -4.39
N PHE A 57 -2.61 -3.18 -5.50
CA PHE A 57 -1.57 -2.35 -6.06
C PHE A 57 -2.10 -1.49 -7.21
N ASP A 58 -3.38 -1.16 -7.12
CA ASP A 58 -4.02 -0.35 -8.14
C ASP A 58 -3.91 1.13 -7.77
N LEU A 59 -3.03 1.83 -8.48
CA LEU A 59 -2.82 3.24 -8.23
C LEU A 59 -4.17 3.93 -8.10
N THR A 60 -5.11 3.50 -8.91
CA THR A 60 -6.45 4.07 -8.90
C THR A 60 -7.07 3.93 -7.51
N VAL A 61 -7.02 2.71 -6.99
CA VAL A 61 -7.57 2.44 -5.67
C VAL A 61 -6.71 3.10 -4.61
N ILE A 62 -5.41 3.11 -4.88
CA ILE A 62 -4.45 3.72 -3.97
C ILE A 62 -4.72 5.22 -3.88
N PHE A 63 -4.74 5.85 -5.04
CA PHE A 63 -4.97 7.29 -5.11
C PHE A 63 -6.27 7.66 -4.38
N GLU A 64 -7.17 6.69 -4.28
CA GLU A 64 -8.44 6.91 -3.62
C GLU A 64 -8.23 6.99 -2.10
N VAL A 65 -7.58 5.96 -1.57
CA VAL A 65 -7.30 5.90 -0.15
C VAL A 65 -6.29 6.98 0.23
N LYS A 66 -5.32 7.17 -0.65
CA LYS A 66 -4.28 8.17 -0.43
C LYS A 66 -4.92 9.56 -0.41
N ALA A 67 -5.72 9.83 -1.43
CA ALA A 67 -6.39 11.12 -1.53
C ALA A 67 -7.20 11.36 -0.27
N ILE A 68 -7.56 10.28 0.41
CA ILE A 68 -8.33 10.36 1.63
C ILE A 68 -7.40 10.74 2.79
N VAL A 69 -6.29 10.02 2.86
CA VAL A 69 -5.31 10.27 3.91
C VAL A 69 -4.62 11.61 3.66
N PHE A 70 -4.44 11.92 2.38
CA PHE A 70 -3.79 13.16 1.99
C PHE A 70 -4.83 14.24 1.71
N GLN A 71 -5.87 14.26 2.52
CA GLN A 71 -6.93 15.23 2.38
C GLN A 71 -6.65 16.46 3.25
N ASP A 72 -7.39 17.53 2.97
CA ASP A 72 -7.23 18.77 3.71
C ASP A 72 -8.41 18.94 4.67
N GLY A 73 -9.16 17.85 4.84
CA GLY A 73 -10.32 17.86 5.71
C GLY A 73 -10.01 17.14 7.03
N PRO A 74 -11.11 16.83 7.77
CA PRO A 74 -10.97 16.14 9.05
C PRO A 74 -10.62 14.66 8.85
N GLY A 75 -10.58 14.27 7.58
CA GLY A 75 -10.26 12.89 7.25
C GLY A 75 -8.80 12.76 6.82
N SER A 76 -7.98 13.64 7.35
CA SER A 76 -6.56 13.62 7.04
C SER A 76 -5.82 12.65 7.96
N HIS A 77 -4.83 11.98 7.39
CA HIS A 77 -4.05 11.02 8.14
C HIS A 77 -2.57 11.17 7.79
N PRO A 78 -1.85 12.00 8.61
CA PRO A 78 -0.44 12.23 8.39
C PRO A 78 0.39 11.03 8.82
N ASP A 79 -0.29 10.05 9.41
CA ASP A 79 0.37 8.84 9.86
C ASP A 79 0.39 7.82 8.73
N GLN A 80 -0.71 7.77 8.01
CA GLN A 80 -0.84 6.84 6.89
C GLN A 80 -0.28 7.47 5.61
N GLN A 81 -0.14 8.79 5.66
CA GLN A 81 0.37 9.52 4.51
C GLN A 81 1.66 8.86 3.99
N PRO A 82 2.59 8.60 4.94
CA PRO A 82 3.86 7.97 4.59
C PRO A 82 3.67 6.48 4.30
N TYR A 83 2.62 5.92 4.87
CA TYR A 83 2.32 4.51 4.68
C TYR A 83 1.79 4.25 3.27
N ILE A 84 0.81 5.05 2.89
CA ILE A 84 0.20 4.93 1.57
C ILE A 84 1.22 5.34 0.50
N THR A 85 2.01 6.34 0.85
CA THR A 85 3.02 6.85 -0.06
C THR A 85 3.85 5.69 -0.62
N VAL A 86 4.26 4.81 0.28
CA VAL A 86 5.06 3.66 -0.11
C VAL A 86 4.24 2.77 -1.06
N TRP A 87 2.99 2.58 -0.71
CA TRP A 87 2.09 1.76 -1.51
C TRP A 87 2.10 2.33 -2.93
N GLN A 88 1.85 3.62 -3.02
CA GLN A 88 1.81 4.29 -4.31
C GLN A 88 3.12 4.05 -5.07
N ASP A 89 4.21 4.00 -4.30
CA ASP A 89 5.52 3.77 -4.88
C ASP A 89 5.63 2.33 -5.36
N LEU A 90 5.04 1.44 -4.58
CA LEU A 90 5.05 0.02 -4.91
C LEU A 90 4.51 -0.17 -6.32
N VAL A 91 3.41 0.51 -6.60
CA VAL A 91 2.78 0.41 -7.91
C VAL A 91 3.74 0.95 -8.97
N GLN A 92 4.20 2.18 -8.73
CA GLN A 92 5.12 2.81 -9.66
C GLN A 92 6.33 1.91 -9.91
N ASN A 93 7.11 1.70 -8.86
CA ASN A 93 8.30 0.87 -8.96
C ASN A 93 7.92 -0.57 -8.62
N SER A 94 7.12 -1.17 -9.48
CA SER A 94 6.68 -2.54 -9.28
C SER A 94 7.89 -3.44 -9.01
N PRO A 95 7.91 -4.00 -7.77
CA PRO A 95 8.99 -4.89 -7.38
C PRO A 95 8.87 -6.26 -8.05
N PRO A 96 9.98 -7.03 -7.99
CA PRO A 96 10.00 -8.35 -8.59
C PRO A 96 9.22 -9.35 -7.73
N TRP A 97 9.10 -9.03 -6.45
CA TRP A 97 8.38 -9.88 -5.53
C TRP A 97 6.89 -9.62 -5.69
N ILE A 98 6.59 -8.59 -6.48
CA ILE A 98 5.21 -8.22 -6.73
C ILE A 98 4.81 -8.68 -8.14
N LYS A 99 5.52 -8.15 -9.12
CA LYS A 99 5.27 -8.50 -10.50
C LYS A 99 6.59 -8.76 -11.22
N SER A 100 6.60 -9.85 -11.99
CA SER A 100 7.79 -10.22 -12.73
C SER A 100 7.52 -10.14 -14.23
N GLY A 101 8.60 -10.07 -14.99
CA GLY A 101 8.50 -10.00 -16.45
C GLY A 101 8.77 -11.36 -17.09
N PRO A 102 7.77 -11.84 -17.86
CA PRO A 102 7.90 -13.13 -18.54
C PRO A 102 8.82 -13.01 -19.75
N SER A 103 10.08 -12.68 -19.47
CA SER A 103 11.06 -12.54 -20.52
C SER A 103 11.58 -13.92 -20.94
N SER A 104 11.14 -14.35 -22.12
CA SER A 104 11.55 -15.64 -22.65
C SER A 104 12.91 -15.51 -23.34
N GLY A 105 13.96 -15.81 -22.57
CA GLY A 105 15.30 -15.74 -23.09
C GLY A 105 16.23 -16.71 -22.35
N GLY A 1 -7.19 -12.53 7.85
CA GLY A 1 -6.18 -12.93 6.90
C GLY A 1 -5.22 -13.96 7.50
N SER A 2 -4.06 -14.08 6.87
CA SER A 2 -3.06 -15.03 7.34
C SER A 2 -3.66 -16.43 7.41
N SER A 3 -3.54 -17.16 6.31
CA SER A 3 -4.08 -18.51 6.25
C SER A 3 -3.60 -19.19 4.97
N GLY A 4 -3.97 -18.60 3.84
CA GLY A 4 -3.58 -19.15 2.55
C GLY A 4 -4.00 -18.21 1.41
N SER A 5 -4.81 -18.74 0.51
CA SER A 5 -5.28 -17.97 -0.63
C SER A 5 -4.10 -17.52 -1.48
N SER A 6 -4.41 -17.15 -2.72
CA SER A 6 -3.38 -16.69 -3.64
C SER A 6 -2.50 -15.64 -2.96
N GLY A 7 -1.47 -15.23 -3.68
CA GLY A 7 -0.55 -14.22 -3.18
C GLY A 7 -1.24 -12.87 -2.99
N THR A 8 -1.19 -12.38 -1.77
CA THR A 8 -1.82 -11.10 -1.46
C THR A 8 -0.76 -10.00 -1.40
N PRO A 9 -1.24 -8.73 -1.52
CA PRO A 9 -0.36 -7.58 -1.49
C PRO A 9 0.13 -7.30 -0.07
N LEU A 10 -0.82 -7.33 0.86
CA LEU A 10 -0.49 -7.08 2.26
C LEU A 10 0.58 -8.07 2.72
N SER A 11 0.35 -9.33 2.40
CA SER A 11 1.29 -10.38 2.77
C SER A 11 2.60 -10.20 2.00
N LEU A 12 2.49 -9.59 0.83
CA LEU A 12 3.65 -9.34 -0.01
C LEU A 12 4.48 -8.22 0.60
N THR A 13 3.78 -7.23 1.14
CA THR A 13 4.44 -6.10 1.75
C THR A 13 5.07 -6.49 3.09
N LEU A 14 4.23 -7.05 3.95
CA LEU A 14 4.69 -7.48 5.26
C LEU A 14 5.88 -8.43 5.10
N ASP A 15 5.80 -9.25 4.06
CA ASP A 15 6.86 -10.20 3.79
C ASP A 15 8.15 -9.44 3.42
N HIS A 16 7.95 -8.24 2.90
CA HIS A 16 9.07 -7.41 2.51
C HIS A 16 9.02 -6.08 3.27
N TRP A 17 8.73 -6.19 4.55
CA TRP A 17 8.65 -5.01 5.41
C TRP A 17 9.96 -4.23 5.25
N SER A 18 11.05 -4.97 5.14
CA SER A 18 12.36 -4.36 4.99
C SER A 18 12.35 -3.38 3.81
N GLU A 19 11.74 -3.82 2.72
CA GLU A 19 11.66 -3.00 1.53
C GLU A 19 10.76 -1.79 1.79
N ILE A 20 9.66 -2.04 2.49
CA ILE A 20 8.72 -0.99 2.80
C ILE A 20 9.37 0.01 3.76
N ARG A 21 10.23 -0.52 4.61
CA ARG A 21 10.92 0.31 5.59
C ARG A 21 11.97 1.17 4.88
N SER A 22 12.45 0.66 3.76
CA SER A 22 13.45 1.38 2.99
C SER A 22 12.79 2.49 2.16
N ARG A 23 11.71 2.12 1.49
CA ARG A 23 10.97 3.06 0.67
C ARG A 23 10.64 4.33 1.48
N ALA A 24 10.29 4.10 2.73
CA ALA A 24 9.94 5.21 3.62
C ALA A 24 11.21 5.99 3.97
N HIS A 25 12.31 5.26 4.08
CA HIS A 25 13.58 5.86 4.40
C HIS A 25 14.01 6.79 3.27
N ASN A 26 13.88 6.29 2.05
CA ASN A 26 14.26 7.05 0.86
C ASN A 26 13.33 8.26 0.74
N LEU A 27 12.09 8.06 1.17
CA LEU A 27 11.09 9.12 1.11
C LEU A 27 11.25 10.04 2.32
N SER A 28 11.93 9.51 3.34
CA SER A 28 12.16 10.27 4.55
C SER A 28 10.91 10.24 5.43
N VAL A 29 10.41 9.03 5.66
CA VAL A 29 9.23 8.84 6.48
C VAL A 29 9.40 7.59 7.34
N GLU A 30 8.66 7.57 8.45
CA GLU A 30 8.73 6.46 9.37
C GLU A 30 7.35 5.80 9.50
N ILE A 31 7.37 4.48 9.55
CA ILE A 31 6.13 3.72 9.67
C ILE A 31 6.38 2.49 10.56
N LYS A 32 5.28 1.86 10.95
CA LYS A 32 5.36 0.68 11.80
C LYS A 32 4.80 -0.52 11.06
N LYS A 33 5.07 -1.70 11.60
CA LYS A 33 4.59 -2.93 11.00
C LYS A 33 3.26 -3.32 11.62
N GLY A 34 2.94 -2.66 12.73
CA GLY A 34 1.69 -2.92 13.42
C GLY A 34 0.52 -2.19 12.77
N PRO A 35 0.73 -0.87 12.54
CA PRO A 35 -0.29 -0.04 11.92
C PRO A 35 -0.40 -0.33 10.41
N TRP A 36 0.77 -0.52 9.81
CA TRP A 36 0.82 -0.80 8.38
C TRP A 36 -0.18 -1.92 8.08
N ARG A 37 -0.24 -2.89 8.99
CA ARG A 37 -1.15 -4.00 8.83
C ARG A 37 -2.58 -3.59 9.20
N THR A 38 -2.70 -2.95 10.36
CA THR A 38 -3.99 -2.50 10.83
C THR A 38 -4.67 -1.61 9.78
N PHE A 39 -3.91 -0.62 9.33
CA PHE A 39 -4.43 0.30 8.32
C PHE A 39 -4.94 -0.45 7.10
N CYS A 40 -4.28 -1.58 6.82
CA CYS A 40 -4.65 -2.39 5.68
C CYS A 40 -5.41 -3.61 6.19
N ALA A 41 -5.83 -3.53 7.44
CA ALA A 41 -6.57 -4.62 8.06
C ALA A 41 -8.07 -4.32 7.96
N SER A 42 -8.43 -3.10 8.33
CA SER A 42 -9.82 -2.68 8.28
C SER A 42 -9.92 -1.16 8.41
N GLU A 43 -8.96 -0.48 7.79
CA GLU A 43 -8.92 0.96 7.84
C GLU A 43 -9.06 1.54 6.43
N TRP A 44 -8.27 1.00 5.51
CA TRP A 44 -8.30 1.45 4.13
C TRP A 44 -9.57 0.88 3.48
N PRO A 45 -9.82 -0.42 3.75
CA PRO A 45 -10.99 -1.09 3.20
C PRO A 45 -12.27 -0.65 3.93
N THR A 46 -12.09 0.28 4.85
CA THR A 46 -13.22 0.78 5.62
C THR A 46 -13.40 2.28 5.35
N PHE A 47 -12.87 2.73 4.23
CA PHE A 47 -12.98 4.13 3.85
C PHE A 47 -14.08 4.34 2.81
N ASP A 48 -14.66 3.22 2.38
CA ASP A 48 -15.72 3.27 1.39
C ASP A 48 -15.20 3.92 0.11
N VAL A 49 -14.54 3.11 -0.71
CA VAL A 49 -14.00 3.59 -1.96
C VAL A 49 -13.82 2.42 -2.92
N GLY A 50 -13.27 1.34 -2.39
CA GLY A 50 -13.04 0.14 -3.19
C GLY A 50 -11.69 -0.49 -2.85
N TRP A 51 -11.40 -0.52 -1.56
CA TRP A 51 -10.14 -1.09 -1.10
C TRP A 51 -10.45 -2.46 -0.47
N PRO A 52 -9.76 -3.50 -1.00
CA PRO A 52 -9.96 -4.86 -0.51
C PRO A 52 -9.27 -5.04 0.84
N PRO A 53 -9.62 -6.19 1.51
CA PRO A 53 -9.05 -6.50 2.81
C PRO A 53 -7.60 -6.97 2.68
N GLU A 54 -7.35 -7.71 1.60
CA GLU A 54 -6.02 -8.23 1.34
C GLU A 54 -5.10 -7.11 0.82
N GLY A 55 -5.73 -6.11 0.23
CA GLY A 55 -4.99 -4.98 -0.32
C GLY A 55 -4.97 -5.03 -1.85
N THR A 56 -4.41 -3.97 -2.43
CA THR A 56 -4.33 -3.88 -3.88
C THR A 56 -3.18 -2.95 -4.28
N PHE A 57 -2.60 -3.26 -5.43
CA PHE A 57 -1.49 -2.47 -5.94
C PHE A 57 -1.93 -1.63 -7.15
N ASP A 58 -3.13 -1.09 -7.05
CA ASP A 58 -3.68 -0.28 -8.12
C ASP A 58 -3.47 1.20 -7.78
N LEU A 59 -2.53 1.81 -8.48
CA LEU A 59 -2.22 3.21 -8.26
C LEU A 59 -3.53 4.01 -8.17
N THR A 60 -4.44 3.69 -9.08
CA THR A 60 -5.73 4.37 -9.10
C THR A 60 -6.43 4.25 -7.74
N VAL A 61 -6.55 3.01 -7.29
CA VAL A 61 -7.18 2.74 -6.00
C VAL A 61 -6.38 3.41 -4.89
N ILE A 62 -5.06 3.29 -5.00
CA ILE A 62 -4.18 3.86 -4.01
C ILE A 62 -4.47 5.36 -3.88
N PHE A 63 -4.76 5.98 -5.02
CA PHE A 63 -5.06 7.40 -5.05
C PHE A 63 -6.38 7.69 -4.32
N GLU A 64 -7.23 6.68 -4.29
CA GLU A 64 -8.52 6.82 -3.63
C GLU A 64 -8.35 6.88 -2.12
N VAL A 65 -7.62 5.91 -1.59
CA VAL A 65 -7.36 5.85 -0.16
C VAL A 65 -6.34 6.92 0.21
N LYS A 66 -5.38 7.12 -0.67
CA LYS A 66 -4.34 8.11 -0.45
C LYS A 66 -4.98 9.49 -0.32
N ALA A 67 -5.87 9.79 -1.27
CA ALA A 67 -6.56 11.07 -1.28
C ALA A 67 -7.33 11.24 0.04
N ILE A 68 -7.65 10.11 0.65
CA ILE A 68 -8.39 10.12 1.90
C ILE A 68 -7.42 10.41 3.05
N VAL A 69 -6.23 9.84 2.94
CA VAL A 69 -5.21 10.01 3.96
C VAL A 69 -4.53 11.38 3.76
N PHE A 70 -4.50 11.80 2.50
CA PHE A 70 -3.89 13.08 2.15
C PHE A 70 -4.95 14.17 1.99
N GLN A 71 -6.06 13.97 2.68
CA GLN A 71 -7.16 14.92 2.62
C GLN A 71 -6.65 16.34 2.88
N ASP A 72 -7.57 17.29 2.88
CA ASP A 72 -7.23 18.68 3.11
C ASP A 72 -7.96 19.19 4.36
N GLY A 73 -8.39 18.24 5.17
CA GLY A 73 -9.10 18.57 6.40
C GLY A 73 -8.60 17.71 7.57
N PRO A 74 -9.43 17.68 8.64
CA PRO A 74 -9.08 16.91 9.82
C PRO A 74 -9.29 15.41 9.58
N GLY A 75 -9.79 15.10 8.39
CA GLY A 75 -10.02 13.71 8.03
C GLY A 75 -8.73 13.04 7.56
N SER A 76 -7.93 13.81 6.86
CA SER A 76 -6.66 13.30 6.36
C SER A 76 -5.97 12.44 7.42
N HIS A 77 -4.99 11.68 6.97
CA HIS A 77 -4.25 10.81 7.88
C HIS A 77 -2.75 11.00 7.65
N PRO A 78 -2.12 11.80 8.57
CA PRO A 78 -0.69 12.06 8.47
C PRO A 78 0.11 10.84 8.92
N ASP A 79 -0.60 9.84 9.41
CA ASP A 79 0.04 8.62 9.87
C ASP A 79 0.15 7.62 8.71
N GLN A 80 -0.92 7.58 7.91
CA GLN A 80 -0.96 6.68 6.77
C GLN A 80 -0.35 7.37 5.54
N GLN A 81 -0.24 8.69 5.63
CA GLN A 81 0.31 9.46 4.53
C GLN A 81 1.63 8.84 4.06
N PRO A 82 2.52 8.56 5.05
CA PRO A 82 3.82 7.97 4.74
C PRO A 82 3.67 6.49 4.40
N TYR A 83 2.57 5.91 4.85
CA TYR A 83 2.30 4.50 4.59
C TYR A 83 1.77 4.29 3.18
N ILE A 84 0.78 5.10 2.83
CA ILE A 84 0.18 5.02 1.50
C ILE A 84 1.21 5.44 0.45
N THR A 85 2.01 6.43 0.81
CA THR A 85 3.03 6.92 -0.08
C THR A 85 3.88 5.77 -0.64
N VAL A 86 4.25 4.87 0.25
CA VAL A 86 5.05 3.71 -0.13
C VAL A 86 4.23 2.84 -1.08
N TRP A 87 2.95 2.70 -0.77
CA TRP A 87 2.06 1.90 -1.60
C TRP A 87 2.10 2.46 -3.01
N GLN A 88 1.98 3.77 -3.11
CA GLN A 88 2.00 4.44 -4.40
C GLN A 88 3.32 4.14 -5.13
N ASP A 89 4.39 4.08 -4.35
CA ASP A 89 5.70 3.81 -4.90
C ASP A 89 5.80 2.34 -5.28
N LEU A 90 5.11 1.52 -4.51
CA LEU A 90 5.10 0.08 -4.75
C LEU A 90 4.53 -0.19 -6.15
N VAL A 91 3.33 0.33 -6.36
CA VAL A 91 2.66 0.15 -7.64
C VAL A 91 3.46 0.86 -8.73
N GLN A 92 3.81 2.10 -8.47
CA GLN A 92 4.56 2.89 -9.42
C GLN A 92 5.78 2.11 -9.90
N ASN A 93 6.52 1.56 -8.94
CA ASN A 93 7.71 0.78 -9.25
C ASN A 93 7.47 -0.67 -8.87
N SER A 94 6.47 -1.27 -9.50
CA SER A 94 6.13 -2.66 -9.23
C SER A 94 7.41 -3.47 -9.01
N PRO A 95 7.55 -3.98 -7.75
CA PRO A 95 8.71 -4.78 -7.40
C PRO A 95 8.62 -6.18 -8.00
N PRO A 96 9.78 -6.89 -7.97
CA PRO A 96 9.84 -8.24 -8.51
C PRO A 96 9.17 -9.24 -7.58
N TRP A 97 9.11 -8.87 -6.31
CA TRP A 97 8.50 -9.71 -5.30
C TRP A 97 6.98 -9.52 -5.39
N ILE A 98 6.59 -8.54 -6.18
CA ILE A 98 5.17 -8.24 -6.36
C ILE A 98 4.71 -8.78 -7.71
N LYS A 99 5.30 -8.23 -8.76
CA LYS A 99 4.95 -8.65 -10.12
C LYS A 99 3.44 -8.87 -10.21
N SER A 100 2.70 -7.78 -10.04
CA SER A 100 1.26 -7.84 -10.10
C SER A 100 0.82 -8.65 -11.31
N GLY A 101 -0.08 -9.60 -11.07
CA GLY A 101 -0.59 -10.45 -12.13
C GLY A 101 -1.15 -11.75 -11.56
N PRO A 102 -2.47 -11.71 -11.22
CA PRO A 102 -3.14 -12.88 -10.67
C PRO A 102 -3.41 -13.92 -11.76
N SER A 103 -3.78 -13.43 -12.93
CA SER A 103 -4.07 -14.30 -14.05
C SER A 103 -3.67 -13.61 -15.37
N SER A 104 -3.07 -14.41 -16.25
CA SER A 104 -2.64 -13.89 -17.54
C SER A 104 -1.58 -12.80 -17.33
N GLY A 105 -0.34 -13.24 -17.17
CA GLY A 105 0.75 -12.32 -16.97
C GLY A 105 1.90 -12.99 -16.20
N GLY A 1 14.47 -16.16 3.39
CA GLY A 1 13.75 -17.40 3.33
C GLY A 1 12.67 -17.37 2.24
N SER A 2 12.86 -18.20 1.23
CA SER A 2 11.91 -18.26 0.12
C SER A 2 11.81 -16.90 -0.56
N SER A 3 12.76 -16.66 -1.47
CA SER A 3 12.79 -15.41 -2.20
C SER A 3 12.06 -15.56 -3.54
N GLY A 4 10.78 -15.21 -3.52
CA GLY A 4 9.96 -15.31 -4.72
C GLY A 4 8.52 -15.69 -4.36
N SER A 5 7.86 -14.77 -3.67
CA SER A 5 6.48 -14.99 -3.27
C SER A 5 5.53 -14.20 -4.18
N SER A 6 4.37 -14.80 -4.43
CA SER A 6 3.38 -14.16 -5.28
C SER A 6 1.98 -14.42 -4.73
N GLY A 7 1.62 -13.66 -3.70
CA GLY A 7 0.33 -13.79 -3.07
C GLY A 7 -0.33 -12.42 -2.89
N THR A 8 -1.01 -12.28 -1.75
CA THR A 8 -1.68 -11.03 -1.45
C THR A 8 -0.67 -9.88 -1.34
N PRO A 9 -1.21 -8.64 -1.43
CA PRO A 9 -0.37 -7.45 -1.34
C PRO A 9 0.07 -7.19 0.10
N LEU A 10 -0.91 -7.22 0.99
CA LEU A 10 -0.65 -6.99 2.40
C LEU A 10 0.46 -7.95 2.87
N SER A 11 0.28 -9.22 2.52
CA SER A 11 1.25 -10.24 2.89
C SER A 11 2.57 -10.00 2.16
N LEU A 12 2.46 -9.80 0.85
CA LEU A 12 3.64 -9.55 0.02
C LEU A 12 4.40 -8.36 0.59
N THR A 13 3.66 -7.31 0.93
CA THR A 13 4.27 -6.11 1.47
C THR A 13 4.96 -6.42 2.80
N LEU A 14 4.18 -6.99 3.71
CA LEU A 14 4.70 -7.34 5.03
C LEU A 14 5.90 -8.27 4.86
N ASP A 15 5.73 -9.27 4.02
CA ASP A 15 6.79 -10.23 3.77
C ASP A 15 8.07 -9.48 3.39
N HIS A 16 7.88 -8.27 2.89
CA HIS A 16 9.00 -7.44 2.47
C HIS A 16 8.95 -6.11 3.22
N TRP A 17 8.67 -6.20 4.51
CA TRP A 17 8.59 -5.02 5.35
C TRP A 17 9.90 -4.24 5.20
N SER A 18 10.99 -4.99 5.08
CA SER A 18 12.30 -4.39 4.94
C SER A 18 12.30 -3.42 3.76
N GLU A 19 11.65 -3.84 2.68
CA GLU A 19 11.56 -3.02 1.48
C GLU A 19 10.67 -1.80 1.74
N ILE A 20 9.59 -2.04 2.47
CA ILE A 20 8.65 -0.99 2.79
C ILE A 20 9.33 0.02 3.72
N ARG A 21 10.16 -0.50 4.60
CA ARG A 21 10.87 0.34 5.55
C ARG A 21 11.96 1.15 4.84
N SER A 22 12.41 0.61 3.71
CA SER A 22 13.44 1.27 2.93
C SER A 22 12.83 2.43 2.13
N ARG A 23 11.68 2.14 1.54
CA ARG A 23 10.98 3.14 0.75
C ARG A 23 10.65 4.36 1.60
N ALA A 24 10.42 4.11 2.87
CA ALA A 24 10.10 5.17 3.81
C ALA A 24 11.36 5.96 4.15
N HIS A 25 12.47 5.23 4.21
CA HIS A 25 13.75 5.85 4.52
C HIS A 25 14.13 6.82 3.40
N ASN A 26 13.98 6.35 2.18
CA ASN A 26 14.31 7.16 1.01
C ASN A 26 13.26 8.27 0.86
N LEU A 27 12.05 7.95 1.31
CA LEU A 27 10.96 8.92 1.22
C LEU A 27 10.99 9.84 2.45
N SER A 28 11.97 9.58 3.31
CA SER A 28 12.12 10.37 4.52
C SER A 28 10.83 10.35 5.34
N VAL A 29 10.39 9.13 5.64
CA VAL A 29 9.17 8.95 6.42
C VAL A 29 9.33 7.73 7.32
N GLU A 30 8.68 7.81 8.48
CA GLU A 30 8.73 6.72 9.44
C GLU A 30 7.37 6.02 9.53
N ILE A 31 7.41 4.70 9.54
CA ILE A 31 6.19 3.91 9.62
C ILE A 31 6.45 2.69 10.52
N LYS A 32 5.36 2.09 10.95
CA LYS A 32 5.43 0.92 11.81
C LYS A 32 4.87 -0.29 11.07
N LYS A 33 5.15 -1.47 11.61
CA LYS A 33 4.68 -2.71 11.01
C LYS A 33 3.35 -3.10 11.66
N GLY A 34 3.05 -2.44 12.77
CA GLY A 34 1.83 -2.72 13.50
C GLY A 34 0.63 -2.00 12.86
N PRO A 35 0.82 -0.67 12.62
CA PRO A 35 -0.22 0.13 12.01
C PRO A 35 -0.35 -0.16 10.52
N TRP A 36 0.81 -0.35 9.89
CA TRP A 36 0.84 -0.63 8.46
C TRP A 36 -0.15 -1.75 8.18
N ARG A 37 -0.19 -2.72 9.09
CA ARG A 37 -1.08 -3.84 8.95
C ARG A 37 -2.52 -3.43 9.25
N THR A 38 -2.67 -2.75 10.38
CA THR A 38 -3.99 -2.27 10.80
C THR A 38 -4.62 -1.43 9.70
N PHE A 39 -3.86 -0.44 9.25
CA PHE A 39 -4.33 0.45 8.20
C PHE A 39 -4.76 -0.34 6.96
N CYS A 40 -4.06 -1.43 6.73
CA CYS A 40 -4.34 -2.28 5.58
C CYS A 40 -5.21 -3.45 6.05
N ALA A 41 -5.71 -3.32 7.27
CA ALA A 41 -6.55 -4.35 7.85
C ALA A 41 -8.02 -4.01 7.61
N SER A 42 -8.44 -2.92 8.25
CA SER A 42 -9.82 -2.46 8.12
C SER A 42 -9.87 -0.94 8.20
N GLU A 43 -8.88 -0.31 7.58
CA GLU A 43 -8.81 1.14 7.57
C GLU A 43 -8.95 1.67 6.15
N TRP A 44 -8.16 1.10 5.25
CA TRP A 44 -8.19 1.51 3.86
C TRP A 44 -9.43 0.88 3.21
N PRO A 45 -9.64 -0.43 3.53
CA PRO A 45 -10.78 -1.16 2.99
C PRO A 45 -12.07 -0.73 3.68
N THR A 46 -11.94 0.22 4.59
CA THR A 46 -13.09 0.72 5.33
C THR A 46 -13.38 2.18 4.96
N PHE A 47 -12.87 2.57 3.79
CA PHE A 47 -13.06 3.92 3.30
C PHE A 47 -14.16 3.97 2.23
N ASP A 48 -14.56 2.79 1.78
CA ASP A 48 -15.60 2.69 0.78
C ASP A 48 -15.10 3.34 -0.53
N VAL A 49 -14.28 2.59 -1.24
CA VAL A 49 -13.73 3.08 -2.50
C VAL A 49 -13.45 1.90 -3.42
N GLY A 50 -12.46 1.10 -3.03
CA GLY A 50 -12.08 -0.07 -3.81
C GLY A 50 -10.86 -0.76 -3.21
N TRP A 51 -10.78 -0.71 -1.88
CA TRP A 51 -9.67 -1.32 -1.18
C TRP A 51 -10.20 -2.59 -0.49
N PRO A 52 -9.64 -3.76 -0.94
CA PRO A 52 -10.05 -5.04 -0.40
C PRO A 52 -9.45 -5.24 1.00
N PRO A 53 -9.95 -6.30 1.69
CA PRO A 53 -9.47 -6.62 3.02
C PRO A 53 -8.08 -7.27 2.96
N GLU A 54 -7.59 -7.44 1.74
CA GLU A 54 -6.29 -8.04 1.54
C GLU A 54 -5.33 -7.05 0.89
N GLY A 55 -5.89 -5.92 0.48
CA GLY A 55 -5.11 -4.88 -0.17
C GLY A 55 -5.05 -5.09 -1.68
N THR A 56 -4.59 -4.05 -2.36
CA THR A 56 -4.47 -4.10 -3.82
C THR A 56 -3.36 -3.18 -4.30
N PHE A 57 -2.74 -3.57 -5.40
CA PHE A 57 -1.66 -2.80 -5.98
C PHE A 57 -2.14 -1.98 -7.17
N ASP A 58 -3.23 -1.26 -6.95
CA ASP A 58 -3.80 -0.43 -8.00
C ASP A 58 -3.56 1.04 -7.67
N LEU A 59 -2.71 1.67 -8.46
CA LEU A 59 -2.38 3.07 -8.27
C LEU A 59 -3.67 3.89 -8.29
N THR A 60 -4.65 3.38 -9.03
CA THR A 60 -5.92 4.06 -9.14
C THR A 60 -6.62 4.13 -7.78
N VAL A 61 -6.77 2.96 -7.17
CA VAL A 61 -7.40 2.86 -5.87
C VAL A 61 -6.51 3.52 -4.81
N ILE A 62 -5.22 3.20 -4.91
CA ILE A 62 -4.25 3.75 -3.97
C ILE A 62 -4.36 5.27 -3.96
N PHE A 63 -4.59 5.83 -5.14
CA PHE A 63 -4.71 7.27 -5.27
C PHE A 63 -5.98 7.77 -4.59
N GLU A 64 -6.96 6.88 -4.50
CA GLU A 64 -8.23 7.22 -3.87
C GLU A 64 -8.08 7.23 -2.35
N VAL A 65 -7.54 6.13 -1.83
CA VAL A 65 -7.34 6.00 -0.39
C VAL A 65 -6.34 7.05 0.07
N LYS A 66 -5.32 7.24 -0.75
CA LYS A 66 -4.27 8.20 -0.43
C LYS A 66 -4.89 9.60 -0.33
N ALA A 67 -5.61 9.97 -1.38
CA ALA A 67 -6.25 11.27 -1.42
C ALA A 67 -7.07 11.47 -0.14
N ILE A 68 -7.67 10.38 0.32
CA ILE A 68 -8.47 10.43 1.53
C ILE A 68 -7.58 10.80 2.72
N VAL A 69 -6.51 10.05 2.87
CA VAL A 69 -5.58 10.28 3.95
C VAL A 69 -4.86 11.62 3.72
N PHE A 70 -4.77 11.99 2.46
CA PHE A 70 -4.12 13.24 2.09
C PHE A 70 -5.14 14.33 1.83
N GLN A 71 -6.28 14.22 2.50
CA GLN A 71 -7.34 15.19 2.35
C GLN A 71 -7.07 16.43 3.22
N ASP A 72 -8.06 17.30 3.27
CA ASP A 72 -7.93 18.52 4.06
C ASP A 72 -8.79 18.39 5.33
N GLY A 73 -8.26 18.92 6.42
CA GLY A 73 -8.97 18.88 7.68
C GLY A 73 -8.36 17.82 8.61
N PRO A 74 -9.00 17.65 9.79
CA PRO A 74 -8.54 16.68 10.76
C PRO A 74 -8.90 15.26 10.33
N GLY A 75 -9.62 15.17 9.22
CA GLY A 75 -10.04 13.89 8.70
C GLY A 75 -8.87 13.16 8.05
N SER A 76 -7.94 13.94 7.51
CA SER A 76 -6.77 13.39 6.87
C SER A 76 -5.99 12.50 7.85
N HIS A 77 -5.08 11.73 7.30
CA HIS A 77 -4.27 10.84 8.11
C HIS A 77 -2.79 11.03 7.76
N PRO A 78 -2.10 11.86 8.60
CA PRO A 78 -0.69 12.12 8.40
C PRO A 78 0.17 10.93 8.81
N ASP A 79 -0.49 9.96 9.42
CA ASP A 79 0.19 8.76 9.88
C ASP A 79 0.27 7.75 8.73
N GLN A 80 -0.82 7.66 7.98
CA GLN A 80 -0.90 6.75 6.86
C GLN A 80 -0.36 7.42 5.59
N GLN A 81 -0.27 8.74 5.66
CA GLN A 81 0.23 9.51 4.53
C GLN A 81 1.54 8.90 4.01
N PRO A 82 2.47 8.67 4.97
CA PRO A 82 3.76 8.10 4.62
C PRO A 82 3.65 6.60 4.31
N TYR A 83 2.59 6.01 4.84
CA TYR A 83 2.33 4.59 4.63
C TYR A 83 1.80 4.33 3.22
N ILE A 84 0.77 5.09 2.87
CA ILE A 84 0.16 4.96 1.56
C ILE A 84 1.16 5.40 0.48
N THR A 85 1.98 6.37 0.85
CA THR A 85 2.98 6.89 -0.07
C THR A 85 3.82 5.75 -0.64
N VAL A 86 4.24 4.86 0.25
CA VAL A 86 5.05 3.72 -0.15
C VAL A 86 4.24 2.83 -1.08
N TRP A 87 2.99 2.61 -0.71
CA TRP A 87 2.10 1.78 -1.51
C TRP A 87 2.12 2.31 -2.94
N GLN A 88 1.90 3.61 -3.07
CA GLN A 88 1.89 4.25 -4.37
C GLN A 88 3.19 3.97 -5.11
N ASP A 89 4.27 3.94 -4.35
CA ASP A 89 5.58 3.68 -4.92
C ASP A 89 5.70 2.20 -5.29
N LEU A 90 5.08 1.38 -4.46
CA LEU A 90 5.09 -0.06 -4.69
C LEU A 90 4.49 -0.37 -6.07
N VAL A 91 3.28 0.13 -6.27
CA VAL A 91 2.59 -0.08 -7.53
C VAL A 91 3.37 0.61 -8.66
N GLN A 92 3.73 1.86 -8.40
CA GLN A 92 4.48 2.63 -9.37
C GLN A 92 5.65 1.82 -9.92
N ASN A 93 6.48 1.34 -9.00
CA ASN A 93 7.64 0.55 -9.38
C ASN A 93 7.39 -0.91 -8.99
N SER A 94 6.34 -1.48 -9.56
CA SER A 94 5.99 -2.86 -9.28
C SER A 94 7.26 -3.69 -9.10
N PRO A 95 7.45 -4.20 -7.85
CA PRO A 95 8.61 -5.01 -7.54
C PRO A 95 8.47 -6.42 -8.12
N PRO A 96 9.60 -7.16 -8.12
CA PRO A 96 9.62 -8.52 -8.64
C PRO A 96 8.95 -9.49 -7.66
N TRP A 97 8.94 -9.08 -6.39
CA TRP A 97 8.34 -9.90 -5.36
C TRP A 97 6.83 -9.67 -5.39
N ILE A 98 6.43 -8.71 -6.20
CA ILE A 98 5.02 -8.38 -6.34
C ILE A 98 4.50 -8.91 -7.66
N LYS A 99 5.06 -8.38 -8.74
CA LYS A 99 4.66 -8.80 -10.07
C LYS A 99 5.88 -8.73 -11.01
N SER A 100 6.20 -9.88 -11.57
CA SER A 100 7.33 -9.98 -12.49
C SER A 100 6.87 -10.55 -13.83
N GLY A 101 6.93 -9.70 -14.85
CA GLY A 101 6.52 -10.11 -16.18
C GLY A 101 7.61 -10.97 -16.84
N PRO A 102 7.25 -11.56 -18.01
CA PRO A 102 8.17 -12.40 -18.75
C PRO A 102 9.22 -11.56 -19.47
N SER A 103 9.92 -10.76 -18.69
CA SER A 103 10.96 -9.90 -19.24
C SER A 103 12.11 -10.74 -19.78
N SER A 104 12.13 -10.88 -21.10
CA SER A 104 13.17 -11.66 -21.75
C SER A 104 14.12 -10.73 -22.52
N GLY A 105 15.40 -10.84 -22.18
CA GLY A 105 16.41 -10.01 -22.82
C GLY A 105 16.22 -8.54 -22.49
N GLY A 1 -10.93 -9.33 -8.76
CA GLY A 1 -11.50 -8.34 -9.65
C GLY A 1 -10.96 -8.50 -11.07
N SER A 2 -9.65 -8.33 -11.20
CA SER A 2 -9.00 -8.47 -12.49
C SER A 2 -8.11 -9.71 -12.51
N SER A 3 -7.17 -9.74 -11.58
CA SER A 3 -6.25 -10.85 -11.48
C SER A 3 -6.52 -11.65 -10.20
N GLY A 4 -6.40 -10.95 -9.08
CA GLY A 4 -6.64 -11.57 -7.79
C GLY A 4 -5.45 -12.44 -7.38
N SER A 5 -5.50 -13.69 -7.81
CA SER A 5 -4.44 -14.64 -7.50
C SER A 5 -4.39 -14.91 -5.99
N SER A 6 -3.68 -15.95 -5.63
CA SER A 6 -3.55 -16.33 -4.23
C SER A 6 -2.74 -15.27 -3.48
N GLY A 7 -1.50 -15.08 -3.94
CA GLY A 7 -0.63 -14.11 -3.31
C GLY A 7 -1.34 -12.77 -3.11
N THR A 8 -1.30 -12.29 -1.87
CA THR A 8 -1.93 -11.03 -1.53
C THR A 8 -0.90 -9.91 -1.46
N PRO A 9 -1.40 -8.65 -1.56
CA PRO A 9 -0.53 -7.49 -1.51
C PRO A 9 -0.06 -7.22 -0.08
N LEU A 10 -1.01 -7.23 0.84
CA LEU A 10 -0.71 -6.99 2.24
C LEU A 10 0.41 -7.93 2.68
N SER A 11 0.22 -9.21 2.36
CA SER A 11 1.20 -10.22 2.71
C SER A 11 2.51 -9.97 1.96
N LEU A 12 2.38 -9.62 0.70
CA LEU A 12 3.53 -9.35 -0.14
C LEU A 12 4.36 -8.23 0.50
N THR A 13 3.66 -7.17 0.86
CA THR A 13 4.32 -6.02 1.48
C THR A 13 4.95 -6.43 2.82
N LEU A 14 4.12 -7.00 3.68
CA LEU A 14 4.58 -7.44 4.98
C LEU A 14 5.78 -8.37 4.82
N ASP A 15 5.62 -9.32 3.91
CA ASP A 15 6.68 -10.28 3.65
C ASP A 15 7.97 -9.53 3.32
N HIS A 16 7.80 -8.31 2.82
CA HIS A 16 8.94 -7.49 2.47
C HIS A 16 8.88 -6.16 3.23
N TRP A 17 8.66 -6.29 4.54
CA TRP A 17 8.58 -5.12 5.40
C TRP A 17 9.85 -4.29 5.19
N SER A 18 10.96 -4.99 5.00
CA SER A 18 12.24 -4.34 4.79
C SER A 18 12.13 -3.34 3.65
N GLU A 19 11.57 -3.81 2.54
CA GLU A 19 11.40 -2.97 1.37
C GLU A 19 10.51 -1.76 1.71
N ILE A 20 9.44 -2.04 2.42
CA ILE A 20 8.52 -0.99 2.81
C ILE A 20 9.22 -0.01 3.75
N ARG A 21 10.04 -0.57 4.63
CA ARG A 21 10.78 0.24 5.58
C ARG A 21 11.89 1.03 4.87
N SER A 22 12.36 0.45 3.77
CA SER A 22 13.40 1.08 2.99
C SER A 22 12.86 2.32 2.26
N ARG A 23 11.72 2.12 1.60
CA ARG A 23 11.10 3.20 0.86
C ARG A 23 10.83 4.38 1.80
N ALA A 24 10.60 4.07 3.06
CA ALA A 24 10.33 5.09 4.06
C ALA A 24 11.56 5.98 4.22
N HIS A 25 12.72 5.33 4.19
CA HIS A 25 13.97 6.06 4.33
C HIS A 25 14.19 6.95 3.10
N ASN A 26 13.87 6.39 1.94
CA ASN A 26 14.02 7.12 0.70
C ASN A 26 12.98 8.23 0.63
N LEU A 27 11.86 8.00 1.29
CA LEU A 27 10.78 8.97 1.32
C LEU A 27 10.93 9.85 2.55
N SER A 28 11.85 9.46 3.42
CA SER A 28 12.10 10.19 4.64
C SER A 28 10.86 10.14 5.54
N VAL A 29 10.41 8.93 5.81
CA VAL A 29 9.25 8.72 6.65
C VAL A 29 9.45 7.46 7.49
N GLU A 30 8.80 7.44 8.65
CA GLU A 30 8.91 6.31 9.55
C GLU A 30 7.54 5.64 9.70
N ILE A 31 7.55 4.31 9.64
CA ILE A 31 6.33 3.54 9.78
C ILE A 31 6.61 2.28 10.58
N LYS A 32 5.54 1.67 11.07
CA LYS A 32 5.66 0.46 11.86
C LYS A 32 5.04 -0.71 11.08
N LYS A 33 5.33 -1.92 11.55
CA LYS A 33 4.81 -3.12 10.92
C LYS A 33 3.47 -3.50 11.57
N GLY A 34 3.22 -2.88 12.72
CA GLY A 34 1.99 -3.15 13.45
C GLY A 34 0.82 -2.36 12.87
N PRO A 35 1.05 -1.03 12.70
CA PRO A 35 0.03 -0.15 12.16
C PRO A 35 -0.11 -0.35 10.65
N TRP A 36 1.03 -0.52 10.00
CA TRP A 36 1.05 -0.73 8.56
C TRP A 36 0.01 -1.79 8.21
N ARG A 37 -0.10 -2.78 9.10
CA ARG A 37 -1.06 -3.85 8.89
C ARG A 37 -2.47 -3.38 9.23
N THR A 38 -2.59 -2.71 10.37
CA THR A 38 -3.87 -2.21 10.81
C THR A 38 -4.49 -1.32 9.72
N PHE A 39 -3.71 -0.36 9.26
CA PHE A 39 -4.18 0.55 8.22
C PHE A 39 -4.61 -0.20 6.98
N CYS A 40 -3.96 -1.34 6.75
CA CYS A 40 -4.27 -2.17 5.60
C CYS A 40 -5.10 -3.36 6.08
N ALA A 41 -5.61 -3.24 7.29
CA ALA A 41 -6.43 -4.29 7.87
C ALA A 41 -7.91 -3.94 7.68
N SER A 42 -8.31 -2.86 8.33
CA SER A 42 -9.69 -2.41 8.24
C SER A 42 -9.76 -0.89 8.33
N GLU A 43 -8.78 -0.25 7.70
CA GLU A 43 -8.71 1.20 7.71
C GLU A 43 -8.85 1.74 6.28
N TRP A 44 -8.08 1.16 5.38
CA TRP A 44 -8.10 1.57 3.98
C TRP A 44 -9.35 0.96 3.34
N PRO A 45 -9.58 -0.35 3.65
CA PRO A 45 -10.73 -1.06 3.11
C PRO A 45 -12.02 -0.63 3.82
N THR A 46 -11.87 0.31 4.74
CA THR A 46 -13.01 0.81 5.49
C THR A 46 -13.31 2.26 5.09
N PHE A 47 -12.76 2.65 3.95
CA PHE A 47 -12.97 4.00 3.45
C PHE A 47 -14.06 4.04 2.39
N ASP A 48 -14.40 2.86 1.89
CA ASP A 48 -15.44 2.74 0.88
C ASP A 48 -14.93 3.32 -0.44
N VAL A 49 -14.41 2.44 -1.28
CA VAL A 49 -13.89 2.86 -2.57
C VAL A 49 -13.62 1.62 -3.43
N GLY A 50 -12.53 0.94 -3.12
CA GLY A 50 -12.15 -0.26 -3.85
C GLY A 50 -10.92 -0.91 -3.22
N TRP A 51 -10.83 -0.80 -1.91
CA TRP A 51 -9.72 -1.38 -1.17
C TRP A 51 -10.22 -2.63 -0.46
N PRO A 52 -9.72 -3.80 -0.92
CA PRO A 52 -10.11 -5.07 -0.33
C PRO A 52 -9.44 -5.28 1.04
N PRO A 53 -9.88 -6.36 1.73
CA PRO A 53 -9.34 -6.68 3.04
C PRO A 53 -7.93 -7.28 2.92
N GLU A 54 -7.48 -7.40 1.68
CA GLU A 54 -6.17 -7.96 1.41
C GLU A 54 -5.26 -6.92 0.77
N GLY A 55 -5.90 -5.83 0.34
CA GLY A 55 -5.16 -4.75 -0.30
C GLY A 55 -5.10 -4.95 -1.82
N THR A 56 -4.52 -3.96 -2.49
CA THR A 56 -4.39 -4.02 -3.94
C THR A 56 -3.32 -3.03 -4.42
N PHE A 57 -2.62 -3.44 -5.47
CA PHE A 57 -1.56 -2.61 -6.02
C PHE A 57 -2.08 -1.79 -7.21
N ASP A 58 -3.26 -1.22 -7.01
CA ASP A 58 -3.88 -0.42 -8.05
C ASP A 58 -3.75 1.07 -7.69
N LEU A 59 -2.79 1.71 -8.33
CA LEU A 59 -2.55 3.13 -8.08
C LEU A 59 -3.88 3.89 -8.15
N THR A 60 -4.80 3.33 -8.91
CA THR A 60 -6.11 3.94 -9.07
C THR A 60 -6.84 3.98 -7.72
N VAL A 61 -6.94 2.82 -7.09
CA VAL A 61 -7.59 2.72 -5.81
C VAL A 61 -6.74 3.40 -4.74
N ILE A 62 -5.44 3.18 -4.83
CA ILE A 62 -4.51 3.76 -3.89
C ILE A 62 -4.72 5.28 -3.85
N PHE A 63 -4.77 5.88 -5.03
CA PHE A 63 -4.97 7.31 -5.13
C PHE A 63 -6.23 7.75 -4.39
N GLU A 64 -7.22 6.88 -4.39
CA GLU A 64 -8.48 7.16 -3.72
C GLU A 64 -8.28 7.16 -2.21
N VAL A 65 -7.68 6.08 -1.72
CA VAL A 65 -7.43 5.95 -0.30
C VAL A 65 -6.43 7.03 0.14
N LYS A 66 -5.45 7.25 -0.72
CA LYS A 66 -4.42 8.24 -0.44
C LYS A 66 -5.05 9.63 -0.43
N ALA A 67 -5.77 9.92 -1.50
CA ALA A 67 -6.43 11.21 -1.63
C ALA A 67 -7.26 11.50 -0.38
N ILE A 68 -7.63 10.41 0.29
CA ILE A 68 -8.42 10.53 1.51
C ILE A 68 -7.51 10.91 2.67
N VAL A 69 -6.46 10.13 2.84
CA VAL A 69 -5.50 10.37 3.91
C VAL A 69 -4.77 11.69 3.65
N PHE A 70 -4.55 11.95 2.37
CA PHE A 70 -3.87 13.17 1.98
C PHE A 70 -4.88 14.28 1.65
N GLN A 71 -6.01 14.23 2.33
CA GLN A 71 -7.05 15.21 2.13
C GLN A 71 -6.82 16.44 3.02
N ASP A 72 -7.82 17.30 3.06
CA ASP A 72 -7.74 18.51 3.87
C ASP A 72 -8.68 18.37 5.07
N GLY A 73 -8.27 18.99 6.17
CA GLY A 73 -9.06 18.95 7.39
C GLY A 73 -8.50 17.89 8.37
N PRO A 74 -9.22 17.75 9.52
CA PRO A 74 -8.81 16.80 10.53
C PRO A 74 -9.16 15.37 10.11
N GLY A 75 -9.84 15.27 8.98
CA GLY A 75 -10.24 13.98 8.46
C GLY A 75 -9.05 13.27 7.80
N SER A 76 -8.10 14.07 7.34
CA SER A 76 -6.92 13.53 6.70
C SER A 76 -6.09 12.73 7.71
N HIS A 77 -5.27 11.83 7.17
CA HIS A 77 -4.43 11.00 8.01
C HIS A 77 -2.97 11.18 7.61
N PRO A 78 -2.28 12.09 8.34
CA PRO A 78 -0.88 12.37 8.06
C PRO A 78 0.02 11.23 8.56
N ASP A 79 -0.61 10.29 9.26
CA ASP A 79 0.12 9.15 9.80
C ASP A 79 0.23 8.07 8.72
N GLN A 80 -0.84 7.94 7.96
CA GLN A 80 -0.88 6.95 6.90
C GLN A 80 -0.30 7.53 5.60
N GLN A 81 -0.20 8.85 5.57
CA GLN A 81 0.32 9.54 4.42
C GLN A 81 1.62 8.90 3.95
N PRO A 82 2.53 8.67 4.94
CA PRO A 82 3.81 8.06 4.63
C PRO A 82 3.66 6.55 4.39
N TYR A 83 2.56 6.02 4.90
CA TYR A 83 2.29 4.59 4.75
C TYR A 83 1.71 4.30 3.36
N ILE A 84 0.70 5.07 2.99
CA ILE A 84 0.05 4.90 1.71
C ILE A 84 1.02 5.34 0.59
N THR A 85 1.82 6.34 0.91
CA THR A 85 2.78 6.86 -0.04
C THR A 85 3.66 5.73 -0.58
N VAL A 86 4.11 4.88 0.35
CA VAL A 86 4.95 3.76 -0.02
C VAL A 86 4.18 2.81 -0.93
N TRP A 87 2.89 2.68 -0.64
CA TRP A 87 2.03 1.82 -1.44
C TRP A 87 2.01 2.34 -2.87
N GLN A 88 1.80 3.65 -2.98
CA GLN A 88 1.75 4.29 -4.28
C GLN A 88 3.08 4.09 -5.01
N ASP A 89 4.15 4.06 -4.25
CA ASP A 89 5.47 3.88 -4.80
C ASP A 89 5.65 2.40 -5.21
N LEU A 90 4.95 1.54 -4.50
CA LEU A 90 5.02 0.12 -4.77
C LEU A 90 4.42 -0.17 -6.15
N VAL A 91 3.18 0.29 -6.32
CA VAL A 91 2.48 0.10 -7.58
C VAL A 91 3.32 0.70 -8.72
N GLN A 92 3.81 1.91 -8.47
CA GLN A 92 4.61 2.61 -9.46
C GLN A 92 5.81 1.75 -9.87
N ASN A 93 6.71 1.54 -8.93
CA ASN A 93 7.89 0.74 -9.17
C ASN A 93 7.61 -0.71 -8.80
N SER A 94 6.66 -1.30 -9.51
CA SER A 94 6.28 -2.68 -9.26
C SER A 94 7.53 -3.53 -9.01
N PRO A 95 7.63 -4.04 -7.75
CA PRO A 95 8.77 -4.86 -7.37
C PRO A 95 8.66 -6.26 -7.96
N PRO A 96 9.81 -6.99 -7.94
CA PRO A 96 9.85 -8.35 -8.47
C PRO A 96 9.16 -9.33 -7.53
N TRP A 97 9.11 -8.94 -6.26
CA TRP A 97 8.47 -9.78 -5.25
C TRP A 97 6.95 -9.57 -5.34
N ILE A 98 6.57 -8.57 -6.12
CA ILE A 98 5.16 -8.26 -6.30
C ILE A 98 4.68 -8.86 -7.63
N LYS A 99 5.36 -8.45 -8.70
CA LYS A 99 5.01 -8.93 -10.02
C LYS A 99 5.86 -10.16 -10.36
N SER A 100 5.16 -11.24 -10.68
CA SER A 100 5.84 -12.48 -11.02
C SER A 100 5.79 -12.72 -12.53
N GLY A 101 4.60 -12.50 -13.08
CA GLY A 101 4.41 -12.69 -14.51
C GLY A 101 4.10 -11.35 -15.20
N PRO A 102 2.77 -11.07 -15.33
CA PRO A 102 2.34 -9.84 -15.97
C PRO A 102 2.53 -8.64 -15.03
N SER A 103 2.19 -7.47 -15.54
CA SER A 103 2.32 -6.24 -14.77
C SER A 103 1.19 -5.28 -15.12
N SER A 104 0.63 -4.67 -14.09
CA SER A 104 -0.46 -3.73 -14.28
C SER A 104 0.10 -2.32 -14.47
N GLY A 105 0.16 -1.90 -15.73
CA GLY A 105 0.67 -0.59 -16.07
C GLY A 105 -0.42 0.48 -15.93
N GLY A 1 3.22 -10.97 -18.16
CA GLY A 1 1.84 -11.19 -17.77
C GLY A 1 1.68 -12.57 -17.11
N SER A 2 1.26 -12.54 -15.86
CA SER A 2 1.05 -13.77 -15.12
C SER A 2 -0.23 -13.68 -14.29
N SER A 3 -0.92 -14.81 -14.19
CA SER A 3 -2.16 -14.87 -13.44
C SER A 3 -2.17 -16.13 -12.57
N GLY A 4 -2.99 -16.07 -11.52
CA GLY A 4 -3.10 -17.19 -10.60
C GLY A 4 -3.98 -16.81 -9.40
N SER A 5 -3.85 -17.61 -8.35
CA SER A 5 -4.62 -17.38 -7.14
C SER A 5 -3.80 -17.82 -5.92
N SER A 6 -2.90 -16.94 -5.51
CA SER A 6 -2.06 -17.22 -4.35
C SER A 6 -1.09 -16.05 -4.12
N GLY A 7 -1.33 -15.34 -3.03
CA GLY A 7 -0.50 -14.20 -2.68
C GLY A 7 -1.34 -12.94 -2.52
N THR A 8 -0.91 -12.09 -1.60
CA THR A 8 -1.60 -10.84 -1.34
C THR A 8 -0.61 -9.68 -1.20
N PRO A 9 -1.15 -8.45 -1.31
CA PRO A 9 -0.32 -7.26 -1.20
C PRO A 9 0.08 -7.00 0.26
N LEU A 10 -0.93 -7.02 1.12
CA LEU A 10 -0.70 -6.78 2.54
C LEU A 10 0.32 -7.80 3.05
N SER A 11 0.12 -9.05 2.67
CA SER A 11 1.01 -10.11 3.09
C SER A 11 2.38 -9.92 2.44
N LEU A 12 2.35 -9.51 1.18
CA LEU A 12 3.58 -9.30 0.43
C LEU A 12 4.35 -8.12 1.05
N THR A 13 3.62 -7.04 1.28
CA THR A 13 4.22 -5.85 1.86
C THR A 13 4.85 -6.18 3.21
N LEU A 14 4.07 -6.87 4.04
CA LEU A 14 4.54 -7.24 5.36
C LEU A 14 5.68 -8.26 5.23
N ASP A 15 5.57 -9.08 4.20
CA ASP A 15 6.58 -10.10 3.95
C ASP A 15 7.91 -9.41 3.61
N HIS A 16 7.80 -8.28 2.93
CA HIS A 16 8.99 -7.53 2.55
C HIS A 16 9.01 -6.19 3.29
N TRP A 17 8.65 -6.25 4.57
CA TRP A 17 8.62 -5.06 5.40
C TRP A 17 9.97 -4.36 5.25
N SER A 18 11.02 -5.17 5.18
CA SER A 18 12.36 -4.64 5.05
C SER A 18 12.44 -3.67 3.86
N GLU A 19 11.75 -4.05 2.79
CA GLU A 19 11.72 -3.24 1.59
C GLU A 19 10.85 -2.01 1.81
N ILE A 20 9.71 -2.24 2.46
CA ILE A 20 8.77 -1.16 2.73
C ILE A 20 9.42 -0.14 3.67
N ARG A 21 10.28 -0.65 4.55
CA ARG A 21 10.98 0.19 5.50
C ARG A 21 12.04 1.02 4.78
N SER A 22 12.52 0.48 3.68
CA SER A 22 13.55 1.17 2.89
C SER A 22 12.92 2.34 2.15
N ARG A 23 11.83 2.06 1.46
CA ARG A 23 11.13 3.08 0.71
C ARG A 23 10.84 4.29 1.58
N ALA A 24 10.45 4.01 2.82
CA ALA A 24 10.14 5.06 3.77
C ALA A 24 11.39 5.90 4.02
N HIS A 25 12.52 5.22 4.09
CA HIS A 25 13.79 5.88 4.32
C HIS A 25 14.13 6.79 3.13
N ASN A 26 13.96 6.23 1.95
CA ASN A 26 14.24 6.96 0.72
C ASN A 26 13.26 8.13 0.60
N LEU A 27 12.04 7.89 1.06
CA LEU A 27 11.01 8.91 1.01
C LEU A 27 11.21 9.88 2.17
N SER A 28 11.98 9.44 3.15
CA SER A 28 12.26 10.27 4.32
C SER A 28 11.05 10.27 5.26
N VAL A 29 10.52 9.08 5.49
CA VAL A 29 9.38 8.94 6.37
C VAL A 29 9.53 7.66 7.20
N GLU A 30 8.90 7.67 8.37
CA GLU A 30 8.97 6.53 9.27
C GLU A 30 7.59 5.86 9.37
N ILE A 31 7.61 4.54 9.29
CA ILE A 31 6.38 3.77 9.37
C ILE A 31 6.63 2.51 10.22
N LYS A 32 5.52 1.90 10.63
CA LYS A 32 5.61 0.70 11.46
C LYS A 32 4.91 -0.45 10.72
N LYS A 33 5.14 -1.65 11.23
CA LYS A 33 4.55 -2.83 10.63
C LYS A 33 3.23 -3.13 11.33
N GLY A 34 3.11 -2.66 12.55
CA GLY A 34 1.90 -2.86 13.33
C GLY A 34 0.73 -2.07 12.74
N PRO A 35 0.98 -0.75 12.48
CA PRO A 35 -0.02 0.12 11.92
C PRO A 35 -0.23 -0.16 10.43
N TRP A 36 0.89 -0.40 9.75
CA TRP A 36 0.85 -0.68 8.32
C TRP A 36 -0.20 -1.76 8.09
N ARG A 37 -0.27 -2.70 9.02
CA ARG A 37 -1.23 -3.79 8.92
C ARG A 37 -2.63 -3.29 9.25
N THR A 38 -2.73 -2.58 10.36
CA THR A 38 -4.01 -2.05 10.80
C THR A 38 -4.62 -1.17 9.71
N PHE A 39 -3.82 -0.24 9.22
CA PHE A 39 -4.27 0.66 8.17
C PHE A 39 -4.69 -0.11 6.92
N CYS A 40 -4.08 -1.28 6.75
CA CYS A 40 -4.37 -2.12 5.61
C CYS A 40 -5.20 -3.31 6.09
N ALA A 41 -5.73 -3.17 7.30
CA ALA A 41 -6.55 -4.22 7.88
C ALA A 41 -8.03 -3.86 7.70
N SER A 42 -8.41 -2.74 8.27
CA SER A 42 -9.79 -2.27 8.18
C SER A 42 -9.84 -0.75 8.27
N GLU A 43 -8.86 -0.13 7.64
CA GLU A 43 -8.78 1.33 7.63
C GLU A 43 -8.95 1.87 6.21
N TRP A 44 -8.16 1.31 5.30
CA TRP A 44 -8.21 1.72 3.92
C TRP A 44 -9.45 1.09 3.27
N PRO A 45 -9.65 -0.22 3.59
CA PRO A 45 -10.79 -0.95 3.05
C PRO A 45 -12.08 -0.54 3.76
N THR A 46 -11.94 0.40 4.68
CA THR A 46 -13.09 0.90 5.43
C THR A 46 -13.36 2.36 5.10
N PHE A 47 -12.83 2.78 3.96
CA PHE A 47 -13.01 4.15 3.52
C PHE A 47 -14.06 4.24 2.41
N ASP A 48 -14.32 3.10 1.79
CA ASP A 48 -15.30 3.03 0.72
C ASP A 48 -14.73 3.69 -0.53
N VAL A 49 -14.16 2.87 -1.40
CA VAL A 49 -13.57 3.35 -2.63
C VAL A 49 -13.27 2.18 -3.55
N GLY A 50 -12.48 1.25 -3.04
CA GLY A 50 -12.11 0.07 -3.80
C GLY A 50 -10.88 -0.62 -3.18
N TRP A 51 -10.82 -0.59 -1.87
CA TRP A 51 -9.71 -1.19 -1.15
C TRP A 51 -10.22 -2.46 -0.48
N PRO A 52 -9.66 -3.62 -0.92
CA PRO A 52 -10.04 -4.90 -0.37
C PRO A 52 -9.44 -5.11 1.03
N PRO A 53 -9.94 -6.17 1.72
CA PRO A 53 -9.46 -6.49 3.05
C PRO A 53 -8.08 -7.12 3.01
N GLU A 54 -7.59 -7.32 1.78
CA GLU A 54 -6.28 -7.91 1.58
C GLU A 54 -5.33 -6.90 0.95
N GLY A 55 -5.89 -5.77 0.56
CA GLY A 55 -5.12 -4.71 -0.07
C GLY A 55 -5.04 -4.91 -1.58
N THR A 56 -4.54 -3.88 -2.25
CA THR A 56 -4.40 -3.92 -3.69
C THR A 56 -3.31 -2.96 -4.16
N PHE A 57 -2.63 -3.36 -5.22
CA PHE A 57 -1.56 -2.54 -5.77
C PHE A 57 -2.05 -1.76 -6.99
N ASP A 58 -3.18 -1.09 -6.82
CA ASP A 58 -3.76 -0.30 -7.90
C ASP A 58 -3.63 1.18 -7.55
N LEU A 59 -2.72 1.84 -8.26
CA LEU A 59 -2.49 3.26 -8.05
C LEU A 59 -3.83 4.00 -8.10
N THR A 60 -4.76 3.42 -8.85
CA THR A 60 -6.07 4.02 -9.00
C THR A 60 -6.78 4.09 -7.64
N VAL A 61 -6.87 2.94 -7.00
CA VAL A 61 -7.52 2.86 -5.70
C VAL A 61 -6.64 3.55 -4.66
N ILE A 62 -5.34 3.33 -4.77
CA ILE A 62 -4.39 3.92 -3.85
C ILE A 62 -4.59 5.44 -3.83
N PHE A 63 -4.63 6.02 -5.02
CA PHE A 63 -4.81 7.46 -5.14
C PHE A 63 -6.05 7.92 -4.38
N GLU A 64 -7.06 7.07 -4.37
CA GLU A 64 -8.30 7.37 -3.68
C GLU A 64 -8.07 7.37 -2.17
N VAL A 65 -7.51 6.27 -1.69
CA VAL A 65 -7.23 6.12 -0.27
C VAL A 65 -6.27 7.23 0.18
N LYS A 66 -5.29 7.48 -0.67
CA LYS A 66 -4.30 8.52 -0.38
C LYS A 66 -4.99 9.88 -0.31
N ALA A 67 -5.76 10.17 -1.34
CA ALA A 67 -6.48 11.43 -1.41
C ALA A 67 -7.35 11.58 -0.15
N ILE A 68 -7.70 10.44 0.42
CA ILE A 68 -8.52 10.43 1.62
C ILE A 68 -7.66 10.81 2.83
N VAL A 69 -6.53 10.13 2.95
CA VAL A 69 -5.62 10.38 4.04
C VAL A 69 -4.98 11.77 3.88
N PHE A 70 -4.76 12.13 2.62
CA PHE A 70 -4.16 13.42 2.31
C PHE A 70 -5.24 14.49 2.14
N GLN A 71 -6.31 14.34 2.93
CA GLN A 71 -7.41 15.29 2.87
C GLN A 71 -7.10 16.50 3.76
N ASP A 72 -7.89 17.55 3.55
CA ASP A 72 -7.71 18.77 4.32
C ASP A 72 -8.80 18.86 5.38
N GLY A 73 -9.39 17.71 5.67
CA GLY A 73 -10.44 17.64 6.67
C GLY A 73 -9.96 16.96 7.95
N PRO A 74 -10.92 16.72 8.87
CA PRO A 74 -10.59 16.07 10.14
C PRO A 74 -10.35 14.58 9.95
N GLY A 75 -10.54 14.13 8.72
CA GLY A 75 -10.33 12.73 8.39
C GLY A 75 -8.95 12.49 7.79
N SER A 76 -8.06 13.45 8.03
CA SER A 76 -6.71 13.36 7.53
C SER A 76 -5.89 12.40 8.39
N HIS A 77 -4.93 11.75 7.74
CA HIS A 77 -4.07 10.80 8.43
C HIS A 77 -2.62 11.01 8.00
N PRO A 78 -1.90 11.82 8.82
CA PRO A 78 -0.50 12.12 8.54
C PRO A 78 0.39 10.92 8.89
N ASP A 79 -0.23 9.93 9.50
CA ASP A 79 0.50 8.72 9.88
C ASP A 79 0.49 7.73 8.71
N GLN A 80 -0.63 7.71 8.00
CA GLN A 80 -0.77 6.83 6.87
C GLN A 80 -0.26 7.50 5.59
N GLN A 81 -0.12 8.81 5.67
CA GLN A 81 0.36 9.59 4.54
C GLN A 81 1.64 8.96 3.98
N PRO A 82 2.59 8.67 4.91
CA PRO A 82 3.86 8.07 4.51
C PRO A 82 3.69 6.60 4.17
N TYR A 83 2.63 6.01 4.72
CA TYR A 83 2.34 4.60 4.48
C TYR A 83 1.73 4.40 3.09
N ILE A 84 0.71 5.20 2.80
CA ILE A 84 0.04 5.11 1.51
C ILE A 84 1.03 5.47 0.41
N THR A 85 1.97 6.34 0.75
CA THR A 85 2.98 6.77 -0.20
C THR A 85 3.77 5.57 -0.72
N VAL A 86 4.27 4.78 0.21
CA VAL A 86 5.04 3.60 -0.14
C VAL A 86 4.22 2.72 -1.09
N TRP A 87 2.97 2.50 -0.71
CA TRP A 87 2.08 1.69 -1.51
C TRP A 87 2.12 2.22 -2.95
N GLN A 88 1.94 3.53 -3.08
CA GLN A 88 1.96 4.16 -4.37
C GLN A 88 3.26 3.82 -5.11
N ASP A 89 4.33 3.69 -4.34
CA ASP A 89 5.63 3.38 -4.90
C ASP A 89 5.65 1.90 -5.33
N LEU A 90 4.91 1.09 -4.58
CA LEU A 90 4.84 -0.32 -4.88
C LEU A 90 4.22 -0.53 -6.26
N VAL A 91 3.12 0.17 -6.48
CA VAL A 91 2.41 0.07 -7.75
C VAL A 91 3.31 0.62 -8.86
N GLN A 92 3.98 1.72 -8.56
CA GLN A 92 4.86 2.35 -9.53
C GLN A 92 6.04 1.43 -9.84
N ASN A 93 6.93 1.29 -8.87
CA ASN A 93 8.09 0.44 -9.03
C ASN A 93 7.71 -1.01 -8.75
N SER A 94 7.03 -1.60 -9.72
CA SER A 94 6.59 -2.99 -9.60
C SER A 94 7.79 -3.88 -9.26
N PRO A 95 7.77 -4.41 -8.00
CA PRO A 95 8.84 -5.27 -7.54
C PRO A 95 8.72 -6.67 -8.16
N PRO A 96 9.82 -7.46 -8.01
CA PRO A 96 9.86 -8.81 -8.56
C PRO A 96 9.02 -9.76 -7.70
N TRP A 97 8.86 -9.38 -6.44
CA TRP A 97 8.08 -10.19 -5.51
C TRP A 97 6.60 -9.90 -5.76
N ILE A 98 6.36 -8.90 -6.60
CA ILE A 98 4.99 -8.52 -6.92
C ILE A 98 4.67 -8.96 -8.35
N LYS A 99 5.43 -8.43 -9.28
CA LYS A 99 5.23 -8.75 -10.69
C LYS A 99 6.57 -8.61 -11.42
N SER A 100 6.94 -9.67 -12.13
CA SER A 100 8.18 -9.67 -12.88
C SER A 100 7.88 -9.61 -14.38
N GLY A 101 8.66 -8.79 -15.08
CA GLY A 101 8.50 -8.64 -16.51
C GLY A 101 7.58 -7.47 -16.83
N PRO A 102 7.50 -7.13 -18.15
CA PRO A 102 6.66 -6.04 -18.59
C PRO A 102 5.18 -6.44 -18.58
N SER A 103 4.38 -5.57 -17.95
CA SER A 103 2.95 -5.83 -17.86
C SER A 103 2.19 -4.81 -18.71
N SER A 104 2.40 -3.54 -18.39
CA SER A 104 1.75 -2.46 -19.12
C SER A 104 2.63 -1.22 -19.12
N GLY A 105 3.41 -1.09 -20.17
CA GLY A 105 4.31 0.05 -20.31
C GLY A 105 4.97 0.06 -21.69
N GLY A 1 17.40 -14.80 -12.36
CA GLY A 1 16.00 -14.54 -12.11
C GLY A 1 15.64 -14.85 -10.65
N SER A 2 14.47 -14.38 -10.26
CA SER A 2 14.00 -14.58 -8.90
C SER A 2 13.43 -15.98 -8.74
N SER A 3 13.58 -16.53 -7.55
CA SER A 3 13.07 -17.86 -7.26
C SER A 3 11.56 -17.90 -7.41
N GLY A 4 10.90 -16.95 -6.77
CA GLY A 4 9.45 -16.86 -6.83
C GLY A 4 8.90 -16.05 -5.66
N SER A 5 8.17 -16.74 -4.80
CA SER A 5 7.58 -16.10 -3.63
C SER A 5 6.64 -14.98 -4.07
N SER A 6 5.35 -15.30 -4.06
CA SER A 6 4.33 -14.32 -4.45
C SER A 6 3.01 -14.66 -3.78
N GLY A 7 2.23 -13.61 -3.51
CA GLY A 7 0.94 -13.79 -2.87
C GLY A 7 0.16 -12.47 -2.86
N THR A 8 -0.48 -12.21 -1.73
CA THR A 8 -1.26 -11.00 -1.57
C THR A 8 -0.34 -9.77 -1.51
N PRO A 9 -0.97 -8.57 -1.66
CA PRO A 9 -0.22 -7.33 -1.62
C PRO A 9 0.19 -6.98 -0.18
N LEU A 10 -0.79 -7.13 0.72
CA LEU A 10 -0.54 -6.83 2.12
C LEU A 10 0.46 -7.82 2.68
N SER A 11 0.32 -9.07 2.26
CA SER A 11 1.21 -10.12 2.71
C SER A 11 2.59 -9.95 2.08
N LEU A 12 2.59 -9.57 0.81
CA LEU A 12 3.82 -9.36 0.09
C LEU A 12 4.60 -8.20 0.72
N THR A 13 3.89 -7.11 0.92
CA THR A 13 4.49 -5.92 1.52
C THR A 13 5.06 -6.25 2.90
N LEU A 14 4.31 -7.08 3.62
CA LEU A 14 4.73 -7.48 4.96
C LEU A 14 5.94 -8.40 4.85
N ASP A 15 5.87 -9.33 3.91
CA ASP A 15 6.95 -10.27 3.71
C ASP A 15 8.24 -9.50 3.42
N HIS A 16 8.09 -8.40 2.72
CA HIS A 16 9.23 -7.56 2.36
C HIS A 16 9.16 -6.25 3.14
N TRP A 17 8.77 -6.36 4.40
CA TRP A 17 8.65 -5.19 5.26
C TRP A 17 9.96 -4.39 5.14
N SER A 18 11.06 -5.13 5.05
CA SER A 18 12.36 -4.51 4.94
C SER A 18 12.37 -3.52 3.77
N GLU A 19 11.65 -3.88 2.72
CA GLU A 19 11.56 -3.05 1.55
C GLU A 19 10.63 -1.86 1.79
N ILE A 20 9.53 -2.15 2.48
CA ILE A 20 8.56 -1.12 2.80
C ILE A 20 9.18 -0.10 3.76
N ARG A 21 10.02 -0.62 4.64
CA ARG A 21 10.69 0.23 5.62
C ARG A 21 11.74 1.09 4.94
N SER A 22 12.24 0.60 3.81
CA SER A 22 13.24 1.31 3.05
C SER A 22 12.59 2.44 2.24
N ARG A 23 11.46 2.11 1.64
CA ARG A 23 10.74 3.09 0.84
C ARG A 23 10.43 4.34 1.66
N ALA A 24 10.24 4.12 2.96
CA ALA A 24 9.94 5.22 3.87
C ALA A 24 11.23 5.99 4.16
N HIS A 25 12.30 5.24 4.36
CA HIS A 25 13.59 5.85 4.64
C HIS A 25 13.96 6.82 3.52
N ASN A 26 13.79 6.36 2.29
CA ASN A 26 14.10 7.19 1.14
C ASN A 26 13.11 8.35 1.07
N LEU A 27 11.90 8.09 1.55
CA LEU A 27 10.86 9.09 1.55
C LEU A 27 10.97 9.95 2.82
N SER A 28 11.97 9.62 3.62
CA SER A 28 12.20 10.35 4.86
C SER A 28 10.97 10.27 5.75
N VAL A 29 10.42 9.06 5.85
CA VAL A 29 9.24 8.83 6.67
C VAL A 29 9.41 7.54 7.46
N GLU A 30 8.68 7.45 8.55
CA GLU A 30 8.74 6.27 9.40
C GLU A 30 7.36 5.61 9.50
N ILE A 31 7.37 4.28 9.50
CA ILE A 31 6.13 3.53 9.59
C ILE A 31 6.36 2.27 10.41
N LYS A 32 5.26 1.65 10.81
CA LYS A 32 5.34 0.43 11.60
C LYS A 32 4.62 -0.70 10.87
N LYS A 33 4.82 -1.92 11.37
CA LYS A 33 4.19 -3.08 10.78
C LYS A 33 2.79 -3.26 11.37
N GLY A 34 2.71 -3.05 12.68
CA GLY A 34 1.44 -3.20 13.38
C GLY A 34 0.37 -2.33 12.74
N PRO A 35 0.71 -1.03 12.54
CA PRO A 35 -0.22 -0.10 11.93
C PRO A 35 -0.35 -0.34 10.42
N TRP A 36 0.80 -0.58 9.80
CA TRP A 36 0.83 -0.84 8.37
C TRP A 36 -0.23 -1.88 8.04
N ARG A 37 -0.34 -2.86 8.93
CA ARG A 37 -1.31 -3.93 8.75
C ARG A 37 -2.71 -3.43 9.11
N THR A 38 -2.80 -2.80 10.27
CA THR A 38 -4.07 -2.28 10.74
C THR A 38 -4.70 -1.36 9.69
N PHE A 39 -3.90 -0.40 9.23
CA PHE A 39 -4.37 0.54 8.22
C PHE A 39 -4.83 -0.19 6.97
N CYS A 40 -4.20 -1.33 6.72
CA CYS A 40 -4.53 -2.13 5.55
C CYS A 40 -5.35 -3.33 6.01
N ALA A 41 -5.87 -3.22 7.23
CA ALA A 41 -6.68 -4.29 7.80
C ALA A 41 -8.16 -3.92 7.69
N SER A 42 -8.53 -2.86 8.39
CA SER A 42 -9.90 -2.40 8.37
C SER A 42 -9.95 -0.87 8.39
N GLU A 43 -8.94 -0.28 7.77
CA GLU A 43 -8.85 1.17 7.71
C GLU A 43 -8.96 1.65 6.25
N TRP A 44 -8.15 1.04 5.40
CA TRP A 44 -8.13 1.39 3.99
C TRP A 44 -9.35 0.73 3.34
N PRO A 45 -9.61 -0.54 3.74
CA PRO A 45 -10.74 -1.29 3.19
C PRO A 45 -12.04 -0.80 3.80
N THR A 46 -11.94 0.22 4.65
CA THR A 46 -13.10 0.78 5.30
C THR A 46 -13.25 2.26 4.94
N PHE A 47 -12.66 2.62 3.82
CA PHE A 47 -12.72 4.01 3.36
C PHE A 47 -13.82 4.18 2.32
N ASP A 48 -14.72 3.20 2.27
CA ASP A 48 -15.83 3.24 1.33
C ASP A 48 -15.32 3.72 -0.04
N VAL A 49 -14.37 2.97 -0.58
CA VAL A 49 -13.79 3.31 -1.86
C VAL A 49 -13.74 2.07 -2.74
N GLY A 50 -13.31 0.97 -2.14
CA GLY A 50 -13.22 -0.29 -2.84
C GLY A 50 -11.85 -0.95 -2.63
N TRP A 51 -11.37 -0.85 -1.39
CA TRP A 51 -10.09 -1.43 -1.04
C TRP A 51 -10.34 -2.71 -0.26
N PRO A 52 -9.73 -3.82 -0.76
CA PRO A 52 -9.88 -5.11 -0.12
C PRO A 52 -9.05 -5.19 1.16
N PRO A 53 -9.27 -6.30 1.92
CA PRO A 53 -8.54 -6.51 3.17
C PRO A 53 -7.09 -6.93 2.90
N GLU A 54 -6.94 -7.71 1.84
CA GLU A 54 -5.61 -8.19 1.46
C GLU A 54 -4.79 -7.06 0.83
N GLY A 55 -5.51 -6.04 0.36
CA GLY A 55 -4.87 -4.90 -0.26
C GLY A 55 -4.93 -4.99 -1.78
N THR A 56 -4.36 -3.99 -2.43
CA THR A 56 -4.35 -3.96 -3.88
C THR A 56 -3.30 -2.95 -4.38
N PHE A 57 -2.61 -3.35 -5.44
CA PHE A 57 -1.58 -2.51 -6.03
C PHE A 57 -2.15 -1.66 -7.17
N ASP A 58 -3.41 -1.28 -7.02
CA ASP A 58 -4.07 -0.48 -8.03
C ASP A 58 -3.96 1.00 -7.65
N LEU A 59 -3.13 1.70 -8.40
CA LEU A 59 -2.92 3.13 -8.15
C LEU A 59 -4.27 3.81 -7.99
N THR A 60 -5.22 3.38 -8.82
CA THR A 60 -6.55 3.95 -8.78
C THR A 60 -7.13 3.87 -7.36
N VAL A 61 -7.09 2.68 -6.81
CA VAL A 61 -7.60 2.46 -5.46
C VAL A 61 -6.69 3.17 -4.46
N ILE A 62 -5.39 3.03 -4.68
CA ILE A 62 -4.41 3.65 -3.80
C ILE A 62 -4.67 5.16 -3.75
N PHE A 63 -4.74 5.76 -4.92
CA PHE A 63 -4.98 7.19 -5.03
C PHE A 63 -6.22 7.59 -4.23
N GLU A 64 -7.21 6.72 -4.26
CA GLU A 64 -8.46 6.97 -3.55
C GLU A 64 -8.20 7.01 -2.04
N VAL A 65 -7.58 5.95 -1.55
CA VAL A 65 -7.27 5.85 -0.13
C VAL A 65 -6.24 6.92 0.24
N LYS A 66 -5.27 7.10 -0.64
CA LYS A 66 -4.23 8.09 -0.41
C LYS A 66 -4.85 9.48 -0.36
N ALA A 67 -5.61 9.80 -1.40
CA ALA A 67 -6.27 11.09 -1.48
C ALA A 67 -7.10 11.32 -0.21
N ILE A 68 -7.67 10.22 0.28
CA ILE A 68 -8.48 10.29 1.48
C ILE A 68 -7.63 10.78 2.66
N VAL A 69 -6.48 10.13 2.82
CA VAL A 69 -5.57 10.48 3.90
C VAL A 69 -4.89 11.81 3.57
N PHE A 70 -4.64 11.99 2.28
CA PHE A 70 -4.00 13.22 1.81
C PHE A 70 -5.04 14.30 1.49
N GLN A 71 -6.18 14.18 2.14
CA GLN A 71 -7.27 15.14 1.94
C GLN A 71 -7.00 16.41 2.73
N ASP A 72 -8.00 17.28 2.74
CA ASP A 72 -7.90 18.53 3.47
C ASP A 72 -8.79 18.49 4.71
N GLY A 73 -8.31 19.10 5.77
CA GLY A 73 -9.05 19.14 7.02
C GLY A 73 -8.44 18.19 8.05
N PRO A 74 -9.14 18.09 9.21
CA PRO A 74 -8.67 17.22 10.29
C PRO A 74 -8.94 15.75 9.96
N GLY A 75 -9.57 15.54 8.81
CA GLY A 75 -9.87 14.19 8.36
C GLY A 75 -8.63 13.50 7.79
N SER A 76 -7.77 14.31 7.19
CA SER A 76 -6.55 13.80 6.60
C SER A 76 -5.75 13.01 7.64
N HIS A 77 -5.13 11.94 7.17
CA HIS A 77 -4.34 11.09 8.05
C HIS A 77 -2.86 11.19 7.66
N PRO A 78 -2.12 12.03 8.42
CA PRO A 78 -0.70 12.22 8.16
C PRO A 78 0.11 11.02 8.64
N ASP A 79 -0.59 10.11 9.31
CA ASP A 79 0.05 8.91 9.83
C ASP A 79 0.15 7.86 8.72
N GLN A 80 -0.92 7.78 7.94
CA GLN A 80 -0.96 6.83 6.84
C GLN A 80 -0.38 7.44 5.58
N GLN A 81 -0.26 8.77 5.59
CA GLN A 81 0.28 9.49 4.45
C GLN A 81 1.60 8.84 4.00
N PRO A 82 2.49 8.59 5.00
CA PRO A 82 3.78 7.98 4.72
C PRO A 82 3.62 6.49 4.43
N TYR A 83 2.54 5.93 4.94
CA TYR A 83 2.27 4.51 4.74
C TYR A 83 1.75 4.24 3.33
N ILE A 84 0.76 5.02 2.94
CA ILE A 84 0.17 4.88 1.61
C ILE A 84 1.17 5.35 0.56
N THR A 85 1.93 6.38 0.93
CA THR A 85 2.93 6.93 0.02
C THR A 85 3.83 5.82 -0.52
N VAL A 86 4.22 4.93 0.38
CA VAL A 86 5.09 3.82 0.02
C VAL A 86 4.32 2.88 -0.93
N TRP A 87 3.04 2.72 -0.65
CA TRP A 87 2.20 1.86 -1.45
C TRP A 87 2.23 2.39 -2.89
N GLN A 88 2.02 3.69 -3.02
CA GLN A 88 2.02 4.33 -4.31
C GLN A 88 3.32 4.03 -5.06
N ASP A 89 4.39 3.93 -4.29
CA ASP A 89 5.70 3.65 -4.85
C ASP A 89 5.74 2.20 -5.32
N LEU A 90 5.11 1.34 -4.54
CA LEU A 90 5.07 -0.08 -4.87
C LEU A 90 4.51 -0.27 -6.28
N VAL A 91 3.45 0.47 -6.55
CA VAL A 91 2.81 0.41 -7.86
C VAL A 91 3.78 0.93 -8.92
N GLN A 92 4.26 2.13 -8.69
CA GLN A 92 5.19 2.76 -9.63
C GLN A 92 6.29 1.77 -10.01
N ASN A 93 7.18 1.50 -9.06
CA ASN A 93 8.28 0.58 -9.29
C ASN A 93 7.83 -0.82 -8.89
N SER A 94 7.19 -1.50 -9.84
CA SER A 94 6.72 -2.85 -9.60
C SER A 94 7.91 -3.78 -9.34
N PRO A 95 8.00 -4.27 -8.07
CA PRO A 95 9.07 -5.16 -7.67
C PRO A 95 8.85 -6.57 -8.23
N PRO A 96 9.91 -7.40 -8.13
CA PRO A 96 9.84 -8.77 -8.62
C PRO A 96 9.02 -9.64 -7.66
N TRP A 97 8.98 -9.22 -6.41
CA TRP A 97 8.24 -9.95 -5.40
C TRP A 97 6.76 -9.59 -5.53
N ILE A 98 6.50 -8.64 -6.42
CA ILE A 98 5.14 -8.19 -6.65
C ILE A 98 4.70 -8.62 -8.05
N LYS A 99 5.26 -7.95 -9.04
CA LYS A 99 4.94 -8.24 -10.42
C LYS A 99 3.43 -8.49 -10.56
N SER A 100 2.67 -7.44 -10.32
CA SER A 100 1.22 -7.53 -10.41
C SER A 100 0.82 -8.33 -11.65
N GLY A 101 -0.29 -9.04 -11.52
CA GLY A 101 -0.80 -9.84 -12.63
C GLY A 101 -2.32 -9.93 -12.58
N PRO A 102 -2.91 -10.37 -13.73
CA PRO A 102 -4.35 -10.50 -13.83
C PRO A 102 -4.83 -11.75 -13.09
N SER A 103 -5.93 -11.57 -12.35
CA SER A 103 -6.50 -12.67 -11.59
C SER A 103 -7.82 -12.23 -10.95
N SER A 104 -8.59 -13.21 -10.53
CA SER A 104 -9.87 -12.94 -9.90
C SER A 104 -10.78 -12.20 -10.88
N GLY A 105 -12.09 -12.36 -10.66
CA GLY A 105 -13.07 -11.71 -11.51
C GLY A 105 -14.42 -12.40 -11.40
N GLY A 1 -13.56 -11.87 -15.70
CA GLY A 1 -13.09 -11.37 -14.42
C GLY A 1 -11.56 -11.37 -14.35
N SER A 2 -11.04 -11.85 -13.23
CA SER A 2 -9.61 -11.91 -13.03
C SER A 2 -9.29 -12.56 -11.68
N SER A 3 -8.22 -13.33 -11.68
CA SER A 3 -7.79 -14.02 -10.47
C SER A 3 -6.31 -14.37 -10.56
N GLY A 4 -5.75 -14.73 -9.41
CA GLY A 4 -4.35 -15.10 -9.35
C GLY A 4 -4.12 -16.27 -8.38
N SER A 5 -2.87 -16.64 -8.24
CA SER A 5 -2.51 -17.74 -7.36
C SER A 5 -2.34 -17.22 -5.92
N SER A 6 -2.31 -18.16 -4.98
CA SER A 6 -2.16 -17.81 -3.58
C SER A 6 -1.10 -16.72 -3.43
N GLY A 7 -1.54 -15.59 -2.91
CA GLY A 7 -0.64 -14.46 -2.70
C GLY A 7 -1.42 -13.15 -2.57
N THR A 8 -1.15 -12.43 -1.50
CA THR A 8 -1.81 -11.16 -1.26
C THR A 8 -0.80 -10.02 -1.23
N PRO A 9 -1.32 -8.78 -1.38
CA PRO A 9 -0.47 -7.60 -1.38
C PRO A 9 0.00 -7.27 0.03
N LEU A 10 -0.95 -7.22 0.95
CA LEU A 10 -0.64 -6.91 2.34
C LEU A 10 0.44 -7.88 2.84
N SER A 11 0.28 -9.14 2.47
CA SER A 11 1.23 -10.16 2.87
C SER A 11 2.56 -9.97 2.13
N LEU A 12 2.44 -9.75 0.83
CA LEU A 12 3.61 -9.54 0.00
C LEU A 12 4.42 -8.35 0.54
N THR A 13 3.70 -7.32 0.91
CA THR A 13 4.33 -6.12 1.45
C THR A 13 4.99 -6.42 2.80
N LEU A 14 4.20 -6.98 3.70
CA LEU A 14 4.70 -7.32 5.03
C LEU A 14 5.87 -8.29 4.89
N ASP A 15 5.69 -9.26 4.00
CA ASP A 15 6.72 -10.26 3.76
C ASP A 15 8.02 -9.55 3.39
N HIS A 16 7.89 -8.30 2.95
CA HIS A 16 9.05 -7.52 2.56
C HIS A 16 9.05 -6.19 3.33
N TRP A 17 8.64 -6.28 4.59
CA TRP A 17 8.61 -5.10 5.44
C TRP A 17 9.94 -4.37 5.29
N SER A 18 11.00 -5.14 5.19
CA SER A 18 12.33 -4.59 5.05
C SER A 18 12.36 -3.59 3.87
N GLU A 19 11.71 -3.99 2.80
CA GLU A 19 11.65 -3.16 1.61
C GLU A 19 10.78 -1.93 1.86
N ILE A 20 9.63 -2.17 2.48
CA ILE A 20 8.71 -1.09 2.79
C ILE A 20 9.37 -0.11 3.74
N ARG A 21 10.22 -0.65 4.61
CA ARG A 21 10.93 0.17 5.58
C ARG A 21 12.00 1.01 4.87
N SER A 22 12.55 0.45 3.81
CA SER A 22 13.57 1.13 3.05
C SER A 22 12.96 2.30 2.28
N ARG A 23 11.81 2.03 1.67
CA ARG A 23 11.12 3.05 0.90
C ARG A 23 10.82 4.28 1.78
N ALA A 24 10.58 4.00 3.05
CA ALA A 24 10.29 5.07 4.00
C ALA A 24 11.52 5.96 4.15
N HIS A 25 12.67 5.30 4.22
CA HIS A 25 13.93 6.02 4.38
C HIS A 25 14.15 6.92 3.17
N ASN A 26 13.86 6.38 2.00
CA ASN A 26 14.03 7.13 0.76
C ASN A 26 12.96 8.22 0.68
N LEU A 27 11.78 7.88 1.19
CA LEU A 27 10.67 8.82 1.18
C LEU A 27 10.82 9.80 2.35
N SER A 28 11.78 9.49 3.21
CA SER A 28 12.04 10.34 4.36
C SER A 28 10.85 10.29 5.32
N VAL A 29 10.33 9.08 5.51
CA VAL A 29 9.19 8.90 6.39
C VAL A 29 9.36 7.60 7.17
N GLU A 30 8.77 7.57 8.36
CA GLU A 30 8.85 6.39 9.21
C GLU A 30 7.48 5.72 9.33
N ILE A 31 7.49 4.40 9.32
CA ILE A 31 6.26 3.64 9.44
C ILE A 31 6.51 2.41 10.33
N LYS A 32 5.42 1.83 10.80
CA LYS A 32 5.50 0.66 11.64
C LYS A 32 4.87 -0.53 10.92
N LYS A 33 5.13 -1.71 11.46
CA LYS A 33 4.60 -2.94 10.88
C LYS A 33 3.25 -3.27 11.55
N GLY A 34 3.00 -2.59 12.65
CA GLY A 34 1.77 -2.80 13.39
C GLY A 34 0.61 -2.04 12.74
N PRO A 35 0.85 -0.73 12.49
CA PRO A 35 -0.16 0.12 11.90
C PRO A 35 -0.30 -0.16 10.40
N TRP A 36 0.84 -0.42 9.77
CA TRP A 36 0.86 -0.71 8.35
C TRP A 36 -0.19 -1.80 8.07
N ARG A 37 -0.27 -2.74 9.00
CA ARG A 37 -1.22 -3.83 8.87
C ARG A 37 -2.63 -3.35 9.21
N THR A 38 -2.73 -2.68 10.36
CA THR A 38 -4.01 -2.16 10.81
C THR A 38 -4.65 -1.28 9.73
N PHE A 39 -3.87 -0.33 9.25
CA PHE A 39 -4.33 0.59 8.22
C PHE A 39 -4.75 -0.18 6.96
N CYS A 40 -4.11 -1.32 6.77
CA CYS A 40 -4.40 -2.15 5.61
C CYS A 40 -5.22 -3.35 6.08
N ALA A 41 -5.77 -3.23 7.28
CA ALA A 41 -6.56 -4.29 7.87
C ALA A 41 -8.04 -3.97 7.68
N SER A 42 -8.44 -2.83 8.24
CA SER A 42 -9.81 -2.39 8.16
C SER A 42 -9.89 -0.86 8.24
N GLU A 43 -8.90 -0.23 7.63
CA GLU A 43 -8.83 1.23 7.62
C GLU A 43 -8.94 1.76 6.19
N TRP A 44 -8.13 1.18 5.32
CA TRP A 44 -8.13 1.58 3.92
C TRP A 44 -9.35 0.96 3.24
N PRO A 45 -9.59 -0.34 3.56
CA PRO A 45 -10.72 -1.06 2.99
C PRO A 45 -12.02 -0.62 3.65
N THR A 46 -11.91 0.35 4.53
CA THR A 46 -13.07 0.87 5.24
C THR A 46 -13.39 2.30 4.79
N PHE A 47 -12.73 2.69 3.71
CA PHE A 47 -12.91 4.03 3.16
C PHE A 47 -13.96 4.03 2.05
N ASP A 48 -14.43 2.84 1.72
CA ASP A 48 -15.43 2.69 0.67
C ASP A 48 -14.89 3.28 -0.63
N VAL A 49 -14.29 2.42 -1.43
CA VAL A 49 -13.73 2.86 -2.71
C VAL A 49 -13.46 1.63 -3.58
N GLY A 50 -12.45 0.88 -3.19
CA GLY A 50 -12.08 -0.33 -3.92
C GLY A 50 -10.86 -0.99 -3.30
N TRP A 51 -10.77 -0.89 -1.98
CA TRP A 51 -9.66 -1.48 -1.25
C TRP A 51 -10.18 -2.71 -0.51
N PRO A 52 -9.67 -3.89 -0.93
CA PRO A 52 -10.08 -5.15 -0.32
C PRO A 52 -9.43 -5.32 1.06
N PRO A 53 -9.90 -6.37 1.78
CA PRO A 53 -9.37 -6.67 3.11
C PRO A 53 -7.98 -7.29 3.02
N GLU A 54 -7.50 -7.44 1.79
CA GLU A 54 -6.20 -8.03 1.55
C GLU A 54 -5.27 -6.99 0.91
N GLY A 55 -5.86 -5.89 0.48
CA GLY A 55 -5.10 -4.83 -0.15
C GLY A 55 -5.03 -5.04 -1.68
N THR A 56 -4.43 -4.07 -2.34
CA THR A 56 -4.29 -4.13 -3.78
C THR A 56 -3.18 -3.19 -4.25
N PHE A 57 -2.65 -3.48 -5.44
CA PHE A 57 -1.59 -2.68 -6.01
C PHE A 57 -2.11 -1.85 -7.19
N ASP A 58 -3.24 -1.21 -6.97
CA ASP A 58 -3.84 -0.38 -8.00
C ASP A 58 -3.70 1.10 -7.62
N LEU A 59 -2.81 1.77 -8.32
CA LEU A 59 -2.57 3.18 -8.06
C LEU A 59 -3.90 3.93 -8.10
N THR A 60 -4.83 3.40 -8.88
CA THR A 60 -6.14 4.00 -9.01
C THR A 60 -6.84 4.04 -7.66
N VAL A 61 -6.91 2.88 -7.03
CA VAL A 61 -7.55 2.76 -5.72
C VAL A 61 -6.70 3.47 -4.68
N ILE A 62 -5.39 3.30 -4.80
CA ILE A 62 -4.46 3.90 -3.87
C ILE A 62 -4.70 5.42 -3.83
N PHE A 63 -4.76 6.01 -5.02
CA PHE A 63 -5.00 7.43 -5.14
C PHE A 63 -6.24 7.85 -4.36
N GLU A 64 -7.23 6.96 -4.36
CA GLU A 64 -8.47 7.23 -3.67
C GLU A 64 -8.26 7.24 -2.16
N VAL A 65 -7.63 6.16 -1.68
CA VAL A 65 -7.36 6.04 -0.26
C VAL A 65 -6.37 7.12 0.16
N LYS A 66 -5.40 7.38 -0.71
CA LYS A 66 -4.39 8.38 -0.44
C LYS A 66 -5.06 9.76 -0.37
N ALA A 67 -5.84 10.05 -1.40
CA ALA A 67 -6.54 11.33 -1.47
C ALA A 67 -7.37 11.52 -0.20
N ILE A 68 -7.73 10.40 0.41
CA ILE A 68 -8.52 10.44 1.62
C ILE A 68 -7.63 10.84 2.80
N VAL A 69 -6.51 10.14 2.92
CA VAL A 69 -5.56 10.42 3.99
C VAL A 69 -4.91 11.77 3.73
N PHE A 70 -4.80 12.12 2.47
CA PHE A 70 -4.19 13.38 2.08
C PHE A 70 -5.26 14.45 1.83
N GLN A 71 -6.38 14.29 2.50
CA GLN A 71 -7.48 15.23 2.37
C GLN A 71 -7.25 16.46 3.25
N ASP A 72 -8.29 17.27 3.36
CA ASP A 72 -8.21 18.48 4.17
C ASP A 72 -8.94 18.25 5.49
N GLY A 73 -8.62 19.09 6.46
CA GLY A 73 -9.25 18.98 7.78
C GLY A 73 -8.51 17.98 8.66
N PRO A 74 -9.11 17.72 9.85
CA PRO A 74 -8.52 16.77 10.79
C PRO A 74 -8.73 15.33 10.33
N GLY A 75 -9.45 15.20 9.23
CA GLY A 75 -9.74 13.89 8.67
C GLY A 75 -8.48 13.25 8.08
N SER A 76 -7.67 14.10 7.46
CA SER A 76 -6.44 13.63 6.86
C SER A 76 -5.65 12.77 7.85
N HIS A 77 -4.84 11.88 7.29
CA HIS A 77 -4.05 10.99 8.12
C HIS A 77 -2.56 11.17 7.77
N PRO A 78 -1.85 11.95 8.63
CA PRO A 78 -0.44 12.21 8.42
C PRO A 78 0.40 10.98 8.79
N ASP A 79 -0.27 10.02 9.41
CA ASP A 79 0.41 8.80 9.83
C ASP A 79 0.37 7.79 8.67
N GLN A 80 -0.75 7.77 7.98
CA GLN A 80 -0.92 6.86 6.84
C GLN A 80 -0.40 7.51 5.56
N GLN A 81 -0.24 8.82 5.62
CA GLN A 81 0.24 9.57 4.48
C GLN A 81 1.49 8.90 3.89
N PRO A 82 2.45 8.59 4.81
CA PRO A 82 3.69 7.96 4.40
C PRO A 82 3.47 6.47 4.08
N TYR A 83 2.41 5.93 4.65
CA TYR A 83 2.07 4.53 4.45
C TYR A 83 1.42 4.33 3.07
N ILE A 84 0.43 5.16 2.79
CA ILE A 84 -0.27 5.07 1.52
C ILE A 84 0.68 5.47 0.38
N THR A 85 1.67 6.27 0.74
CA THR A 85 2.65 6.72 -0.23
C THR A 85 3.48 5.55 -0.73
N VAL A 86 4.01 4.79 0.21
CA VAL A 86 4.83 3.64 -0.12
C VAL A 86 4.05 2.72 -1.07
N TRP A 87 2.76 2.58 -0.76
CA TRP A 87 1.89 1.73 -1.56
C TRP A 87 1.85 2.30 -2.98
N GLN A 88 1.87 3.62 -3.05
CA GLN A 88 1.84 4.30 -4.34
C GLN A 88 3.16 4.07 -5.09
N ASP A 89 4.23 4.05 -4.34
CA ASP A 89 5.55 3.83 -4.91
C ASP A 89 5.71 2.36 -5.29
N LEU A 90 5.01 1.52 -4.53
CA LEU A 90 5.07 0.09 -4.77
C LEU A 90 4.46 -0.22 -6.15
N VAL A 91 3.25 0.26 -6.35
CA VAL A 91 2.55 0.05 -7.61
C VAL A 91 3.39 0.63 -8.75
N GLN A 92 3.92 1.83 -8.52
CA GLN A 92 4.74 2.49 -9.51
C GLN A 92 5.97 1.65 -9.84
N ASN A 93 6.83 1.50 -8.84
CA ASN A 93 8.04 0.72 -9.01
C ASN A 93 7.75 -0.75 -8.70
N SER A 94 6.75 -1.28 -9.38
CA SER A 94 6.36 -2.66 -9.20
C SER A 94 7.60 -3.53 -8.97
N PRO A 95 7.70 -4.06 -7.73
CA PRO A 95 8.83 -4.90 -7.36
C PRO A 95 8.69 -6.30 -7.99
N PRO A 96 9.83 -7.05 -7.98
CA PRO A 96 9.85 -8.38 -8.54
C PRO A 96 9.15 -9.37 -7.61
N TRP A 97 9.10 -9.01 -6.33
CA TRP A 97 8.47 -9.86 -5.33
C TRP A 97 6.96 -9.63 -5.42
N ILE A 98 6.59 -8.61 -6.18
CA ILE A 98 5.17 -8.29 -6.34
C ILE A 98 4.69 -8.85 -7.68
N LYS A 99 5.36 -8.43 -8.75
CA LYS A 99 5.00 -8.89 -10.08
C LYS A 99 6.25 -9.43 -10.78
N SER A 100 6.10 -9.71 -12.06
CA SER A 100 7.20 -10.23 -12.85
C SER A 100 6.90 -10.08 -14.35
N GLY A 101 5.73 -10.56 -14.73
CA GLY A 101 5.30 -10.49 -16.12
C GLY A 101 6.24 -11.29 -17.02
N PRO A 102 5.83 -12.56 -17.28
CA PRO A 102 6.63 -13.44 -18.12
C PRO A 102 6.48 -13.06 -19.59
N SER A 103 5.24 -12.90 -20.02
CA SER A 103 4.95 -12.54 -21.39
C SER A 103 4.06 -11.30 -21.43
N SER A 104 2.91 -11.41 -20.79
CA SER A 104 1.96 -10.31 -20.75
C SER A 104 1.39 -10.17 -19.34
N GLY A 105 0.83 -8.99 -19.07
CA GLY A 105 0.25 -8.73 -17.78
C GLY A 105 1.16 -9.21 -16.64
N GLY A 1 -3.38 -6.06 -12.39
CA GLY A 1 -3.02 -5.61 -11.05
C GLY A 1 -4.24 -5.07 -10.30
N SER A 2 -4.92 -5.98 -9.60
CA SER A 2 -6.10 -5.61 -8.84
C SER A 2 -6.33 -6.62 -7.72
N SER A 3 -6.73 -7.83 -8.12
CA SER A 3 -7.00 -8.89 -7.16
C SER A 3 -7.13 -10.22 -7.89
N GLY A 4 -7.01 -11.29 -7.12
CA GLY A 4 -7.12 -12.63 -7.67
C GLY A 4 -5.79 -13.39 -7.55
N SER A 5 -5.87 -14.69 -7.74
CA SER A 5 -4.69 -15.54 -7.65
C SER A 5 -4.10 -15.46 -6.24
N SER A 6 -3.42 -16.54 -5.87
CA SER A 6 -2.81 -16.61 -4.55
C SER A 6 -1.83 -15.45 -4.36
N GLY A 7 -1.51 -15.19 -3.10
CA GLY A 7 -0.59 -14.12 -2.77
C GLY A 7 -1.33 -12.78 -2.63
N THR A 8 -1.10 -12.14 -1.50
CA THR A 8 -1.74 -10.86 -1.23
C THR A 8 -0.72 -9.74 -1.27
N PRO A 9 -1.23 -8.48 -1.41
CA PRO A 9 -0.37 -7.31 -1.47
C PRO A 9 0.16 -6.97 -0.08
N LEU A 10 -0.75 -6.90 0.88
CA LEU A 10 -0.38 -6.58 2.24
C LEU A 10 0.63 -7.60 2.75
N SER A 11 0.38 -8.86 2.41
CA SER A 11 1.26 -9.94 2.82
C SER A 11 2.62 -9.79 2.13
N LEU A 12 2.57 -9.49 0.85
CA LEU A 12 3.79 -9.33 0.07
C LEU A 12 4.60 -8.17 0.65
N THR A 13 3.89 -7.11 1.02
CA THR A 13 4.54 -5.93 1.59
C THR A 13 5.14 -6.27 2.96
N LEU A 14 4.31 -6.87 3.80
CA LEU A 14 4.75 -7.24 5.13
C LEU A 14 5.94 -8.20 5.02
N ASP A 15 5.80 -9.18 4.14
CA ASP A 15 6.85 -10.16 3.93
C ASP A 15 8.16 -9.43 3.60
N HIS A 16 8.02 -8.28 2.95
CA HIS A 16 9.17 -7.49 2.58
C HIS A 16 9.14 -6.15 3.32
N TRP A 17 8.71 -6.22 4.57
CA TRP A 17 8.63 -5.03 5.40
C TRP A 17 9.96 -4.27 5.28
N SER A 18 11.03 -5.04 5.22
CA SER A 18 12.36 -4.46 5.10
C SER A 18 12.40 -3.50 3.91
N GLU A 19 11.79 -3.93 2.81
CA GLU A 19 11.76 -3.13 1.61
C GLU A 19 10.86 -1.90 1.81
N ILE A 20 9.69 -2.16 2.39
CA ILE A 20 8.75 -1.08 2.65
C ILE A 20 9.36 -0.07 3.61
N ARG A 21 10.15 -0.59 4.55
CA ARG A 21 10.81 0.27 5.52
C ARG A 21 11.93 1.06 4.86
N SER A 22 12.49 0.47 3.81
CA SER A 22 13.57 1.12 3.08
C SER A 22 13.04 2.33 2.32
N ARG A 23 11.96 2.11 1.59
CA ARG A 23 11.34 3.18 0.82
C ARG A 23 11.05 4.38 1.71
N ALA A 24 10.59 4.09 2.92
CA ALA A 24 10.27 5.12 3.88
C ALA A 24 11.52 5.98 4.14
N HIS A 25 12.64 5.29 4.28
CA HIS A 25 13.90 5.98 4.53
C HIS A 25 14.25 6.87 3.34
N ASN A 26 14.10 6.31 2.15
CA ASN A 26 14.39 7.04 0.93
C ASN A 26 13.39 8.18 0.78
N LEU A 27 12.16 7.92 1.21
CA LEU A 27 11.11 8.91 1.13
C LEU A 27 11.25 9.89 2.29
N SER A 28 12.03 9.48 3.28
CA SER A 28 12.26 10.32 4.45
C SER A 28 11.02 10.30 5.35
N VAL A 29 10.48 9.10 5.53
CA VAL A 29 9.30 8.93 6.36
C VAL A 29 9.47 7.69 7.23
N GLU A 30 8.73 7.66 8.33
CA GLU A 30 8.79 6.55 9.26
C GLU A 30 7.41 5.88 9.38
N ILE A 31 7.43 4.55 9.36
CA ILE A 31 6.20 3.79 9.47
C ILE A 31 6.44 2.56 10.35
N LYS A 32 5.35 1.91 10.72
CA LYS A 32 5.43 0.72 11.54
C LYS A 32 4.80 -0.46 10.80
N LYS A 33 5.05 -1.64 11.33
CA LYS A 33 4.50 -2.86 10.74
C LYS A 33 3.17 -3.19 11.39
N GLY A 34 2.98 -2.66 12.60
CA GLY A 34 1.75 -2.89 13.33
C GLY A 34 0.58 -2.14 12.70
N PRO A 35 0.81 -0.82 12.44
CA PRO A 35 -0.21 0.02 11.84
C PRO A 35 -0.36 -0.28 10.35
N TRP A 36 0.78 -0.51 9.71
CA TRP A 36 0.80 -0.80 8.30
C TRP A 36 -0.24 -1.90 8.03
N ARG A 37 -0.29 -2.85 8.95
CA ARG A 37 -1.23 -3.95 8.82
C ARG A 37 -2.64 -3.49 9.20
N THR A 38 -2.73 -2.85 10.35
CA THR A 38 -4.01 -2.36 10.84
C THR A 38 -4.67 -1.47 9.79
N PHE A 39 -3.92 -0.49 9.33
CA PHE A 39 -4.42 0.43 8.32
C PHE A 39 -4.91 -0.32 7.09
N CYS A 40 -4.28 -1.46 6.83
CA CYS A 40 -4.65 -2.27 5.68
C CYS A 40 -5.43 -3.49 6.19
N ALA A 41 -5.87 -3.38 7.44
CA ALA A 41 -6.62 -4.46 8.05
C ALA A 41 -8.12 -4.15 7.96
N SER A 42 -8.46 -2.92 8.31
CA SER A 42 -9.85 -2.49 8.26
C SER A 42 -9.93 -0.96 8.43
N GLU A 43 -8.97 -0.28 7.81
CA GLU A 43 -8.92 1.16 7.89
C GLU A 43 -9.04 1.77 6.48
N TRP A 44 -8.25 1.22 5.56
CA TRP A 44 -8.26 1.69 4.19
C TRP A 44 -9.54 1.17 3.52
N PRO A 45 -9.83 -0.13 3.77
CA PRO A 45 -11.01 -0.75 3.20
C PRO A 45 -12.28 -0.29 3.92
N THR A 46 -12.09 0.62 4.86
CA THR A 46 -13.20 1.15 5.63
C THR A 46 -13.38 2.64 5.34
N PHE A 47 -12.86 3.06 4.21
CA PHE A 47 -12.95 4.46 3.81
C PHE A 47 -14.08 4.66 2.79
N ASP A 48 -14.48 3.56 2.18
CA ASP A 48 -15.55 3.61 1.19
C ASP A 48 -14.99 4.19 -0.12
N VAL A 49 -14.46 3.30 -0.94
CA VAL A 49 -13.90 3.70 -2.22
C VAL A 49 -13.79 2.47 -3.12
N GLY A 50 -13.30 1.39 -2.54
CA GLY A 50 -13.14 0.15 -3.29
C GLY A 50 -11.79 -0.50 -2.98
N TRP A 51 -11.42 -0.45 -1.71
CA TRP A 51 -10.16 -1.03 -1.28
C TRP A 51 -10.47 -2.35 -0.55
N PRO A 52 -9.78 -3.42 -1.00
CA PRO A 52 -9.97 -4.74 -0.41
C PRO A 52 -9.29 -4.82 0.95
N PRO A 53 -9.61 -5.92 1.70
CA PRO A 53 -9.03 -6.14 3.01
C PRO A 53 -7.57 -6.59 2.90
N GLU A 54 -7.30 -7.32 1.84
CA GLU A 54 -5.95 -7.82 1.61
C GLU A 54 -5.08 -6.74 0.97
N GLY A 55 -5.75 -5.82 0.28
CA GLY A 55 -5.05 -4.73 -0.38
C GLY A 55 -5.03 -4.94 -1.90
N THR A 56 -4.50 -3.94 -2.59
CA THR A 56 -4.42 -3.99 -4.04
C THR A 56 -3.29 -3.09 -4.55
N PHE A 57 -2.65 -3.54 -5.62
CA PHE A 57 -1.55 -2.79 -6.21
C PHE A 57 -2.04 -1.96 -7.40
N ASP A 58 -3.15 -1.27 -7.19
CA ASP A 58 -3.73 -0.44 -8.23
C ASP A 58 -3.61 1.04 -7.82
N LEU A 59 -2.70 1.73 -8.48
CA LEU A 59 -2.49 3.15 -8.20
C LEU A 59 -3.84 3.85 -8.10
N THR A 60 -4.73 3.48 -9.01
CA THR A 60 -6.06 4.07 -9.04
C THR A 60 -6.74 3.92 -7.68
N VAL A 61 -6.69 2.71 -7.15
CA VAL A 61 -7.28 2.43 -5.86
C VAL A 61 -6.47 3.11 -4.76
N ILE A 62 -5.18 3.17 -4.99
CA ILE A 62 -4.27 3.79 -4.03
C ILE A 62 -4.59 5.29 -3.94
N PHE A 63 -4.60 5.93 -5.09
CA PHE A 63 -4.89 7.35 -5.16
C PHE A 63 -6.21 7.68 -4.47
N GLU A 64 -7.09 6.68 -4.44
CA GLU A 64 -8.39 6.84 -3.82
C GLU A 64 -8.25 6.94 -2.30
N VAL A 65 -7.56 5.97 -1.74
CA VAL A 65 -7.34 5.93 -0.30
C VAL A 65 -6.34 7.02 0.09
N LYS A 66 -5.37 7.22 -0.78
CA LYS A 66 -4.35 8.23 -0.54
C LYS A 66 -5.01 9.60 -0.45
N ALA A 67 -5.78 9.92 -1.47
CA ALA A 67 -6.48 11.20 -1.52
C ALA A 67 -7.31 11.38 -0.24
N ILE A 68 -7.80 10.26 0.25
CA ILE A 68 -8.61 10.27 1.47
C ILE A 68 -7.74 10.70 2.65
N VAL A 69 -6.61 10.00 2.80
CA VAL A 69 -5.69 10.30 3.88
C VAL A 69 -5.06 11.67 3.63
N PHE A 70 -4.83 11.97 2.37
CA PHE A 70 -4.23 13.25 1.99
C PHE A 70 -5.29 14.34 1.87
N GLN A 71 -6.50 13.99 2.29
CA GLN A 71 -7.61 14.93 2.25
C GLN A 71 -7.33 16.13 3.16
N ASP A 72 -8.34 16.97 3.30
CA ASP A 72 -8.23 18.15 4.14
C ASP A 72 -9.15 18.01 5.35
N GLY A 73 -8.71 18.58 6.46
CA GLY A 73 -9.49 18.52 7.69
C GLY A 73 -8.89 17.51 8.66
N PRO A 74 -9.63 17.29 9.78
CA PRO A 74 -9.18 16.36 10.80
C PRO A 74 -9.38 14.90 10.34
N GLY A 75 -9.98 14.77 9.17
CA GLY A 75 -10.23 13.45 8.61
C GLY A 75 -8.98 12.90 7.92
N SER A 76 -8.08 13.81 7.58
CA SER A 76 -6.85 13.44 6.93
C SER A 76 -5.99 12.60 7.87
N HIS A 77 -5.27 11.66 7.28
CA HIS A 77 -4.40 10.77 8.05
C HIS A 77 -2.95 10.97 7.62
N PRO A 78 -2.24 11.84 8.38
CA PRO A 78 -0.84 12.13 8.08
C PRO A 78 0.06 10.96 8.51
N ASP A 79 -0.54 10.04 9.25
CA ASP A 79 0.19 8.88 9.73
C ASP A 79 0.25 7.83 8.62
N GLN A 80 -0.84 7.74 7.86
CA GLN A 80 -0.91 6.79 6.77
C GLN A 80 -0.36 7.41 5.49
N GLN A 81 -0.25 8.73 5.50
CA GLN A 81 0.28 9.44 4.35
C GLN A 81 1.58 8.81 3.86
N PRO A 82 2.50 8.55 4.84
CA PRO A 82 3.78 7.94 4.53
C PRO A 82 3.62 6.45 4.24
N TYR A 83 2.55 5.89 4.79
CA TYR A 83 2.28 4.47 4.60
C TYR A 83 1.73 4.20 3.19
N ILE A 84 0.73 4.98 2.82
CA ILE A 84 0.11 4.84 1.51
C ILE A 84 1.10 5.30 0.44
N THR A 85 1.87 6.32 0.79
CA THR A 85 2.85 6.86 -0.14
C THR A 85 3.77 5.75 -0.67
N VAL A 86 4.16 4.88 0.24
CA VAL A 86 5.03 3.77 -0.12
C VAL A 86 4.29 2.84 -1.08
N TRP A 87 3.04 2.59 -0.76
CA TRP A 87 2.21 1.72 -1.58
C TRP A 87 2.29 2.21 -3.03
N GLN A 88 2.09 3.51 -3.19
CA GLN A 88 2.15 4.13 -4.51
C GLN A 88 3.49 3.79 -5.19
N ASP A 89 4.51 3.64 -4.37
CA ASP A 89 5.84 3.33 -4.87
C ASP A 89 5.89 1.85 -5.27
N LEU A 90 5.08 1.06 -4.58
CA LEU A 90 5.02 -0.36 -4.84
C LEU A 90 4.44 -0.60 -6.24
N VAL A 91 3.27 0.00 -6.47
CA VAL A 91 2.60 -0.12 -7.75
C VAL A 91 3.45 0.51 -8.83
N GLN A 92 4.16 1.57 -8.45
CA GLN A 92 5.01 2.28 -9.38
C GLN A 92 6.22 1.43 -9.74
N ASN A 93 7.09 1.24 -8.75
CA ASN A 93 8.29 0.46 -8.95
C ASN A 93 7.98 -1.02 -8.69
N SER A 94 6.99 -1.53 -9.42
CA SER A 94 6.59 -2.92 -9.27
C SER A 94 7.81 -3.80 -9.04
N PRO A 95 7.90 -4.34 -7.79
CA PRO A 95 9.01 -5.20 -7.42
C PRO A 95 8.87 -6.59 -8.06
N PRO A 96 9.98 -7.37 -7.98
CA PRO A 96 9.99 -8.71 -8.54
C PRO A 96 9.20 -9.68 -7.65
N TRP A 97 9.10 -9.32 -6.38
CA TRP A 97 8.36 -10.14 -5.43
C TRP A 97 6.87 -9.86 -5.59
N ILE A 98 6.58 -8.89 -6.45
CA ILE A 98 5.20 -8.52 -6.71
C ILE A 98 4.84 -8.88 -8.16
N LYS A 99 5.42 -8.13 -9.08
CA LYS A 99 5.18 -8.36 -10.49
C LYS A 99 3.78 -7.82 -10.86
N SER A 100 3.72 -7.17 -12.01
CA SER A 100 2.48 -6.61 -12.48
C SER A 100 2.13 -7.17 -13.86
N GLY A 101 0.91 -7.67 -13.99
CA GLY A 101 0.45 -8.24 -15.24
C GLY A 101 0.34 -7.15 -16.32
N PRO A 102 1.07 -7.38 -17.44
CA PRO A 102 1.07 -6.44 -18.54
C PRO A 102 -0.24 -6.54 -19.34
N SER A 103 -1.23 -5.76 -18.90
CA SER A 103 -2.51 -5.75 -19.56
C SER A 103 -3.00 -4.31 -19.74
N SER A 104 -3.62 -4.08 -20.89
CA SER A 104 -4.13 -2.75 -21.21
C SER A 104 -5.02 -2.81 -22.45
N GLY A 105 -5.83 -1.77 -22.61
CA GLY A 105 -6.74 -1.70 -23.75
C GLY A 105 -7.50 -3.02 -23.93
N GLY A 1 0.35 -14.31 -14.93
CA GLY A 1 -0.48 -15.44 -14.54
C GLY A 1 -1.54 -15.00 -13.51
N SER A 2 -2.61 -15.78 -13.46
CA SER A 2 -3.69 -15.49 -12.53
C SER A 2 -4.02 -16.73 -11.70
N SER A 3 -4.35 -17.80 -12.40
CA SER A 3 -4.68 -19.05 -11.75
C SER A 3 -3.48 -19.58 -10.96
N GLY A 4 -3.69 -19.79 -9.67
CA GLY A 4 -2.64 -20.28 -8.80
C GLY A 4 -1.41 -19.38 -8.88
N SER A 5 -1.33 -18.45 -7.93
CA SER A 5 -0.22 -17.53 -7.88
C SER A 5 0.35 -17.46 -6.46
N SER A 6 -0.55 -17.30 -5.50
CA SER A 6 -0.16 -17.22 -4.11
C SER A 6 0.74 -16.00 -3.88
N GLY A 7 0.21 -15.05 -3.14
CA GLY A 7 0.96 -13.84 -2.84
C GLY A 7 0.02 -12.63 -2.72
N THR A 8 -0.10 -12.13 -1.50
CA THR A 8 -0.96 -10.99 -1.25
C THR A 8 -0.12 -9.72 -1.09
N PRO A 9 -0.80 -8.55 -1.26
CA PRO A 9 -0.13 -7.28 -1.14
C PRO A 9 0.14 -6.94 0.33
N LEU A 10 -0.83 -7.26 1.16
CA LEU A 10 -0.70 -7.00 2.59
C LEU A 10 0.35 -7.94 3.18
N SER A 11 0.36 -9.16 2.67
CA SER A 11 1.31 -10.16 3.14
C SER A 11 2.69 -9.88 2.56
N LEU A 12 2.72 -9.65 1.26
CA LEU A 12 3.97 -9.38 0.58
C LEU A 12 4.69 -8.23 1.27
N THR A 13 3.98 -7.10 1.38
CA THR A 13 4.53 -5.93 2.03
C THR A 13 5.09 -6.29 3.41
N LEU A 14 4.30 -7.06 4.14
CA LEU A 14 4.70 -7.48 5.47
C LEU A 14 5.88 -8.46 5.37
N ASP A 15 5.84 -9.25 4.32
CA ASP A 15 6.91 -10.23 4.09
C ASP A 15 8.14 -9.51 3.52
N HIS A 16 7.96 -8.24 3.22
CA HIS A 16 9.05 -7.44 2.68
C HIS A 16 9.10 -6.09 3.40
N TRP A 17 8.79 -6.12 4.69
CA TRP A 17 8.80 -4.93 5.50
C TRP A 17 10.12 -4.19 5.24
N SER A 18 11.17 -4.97 5.11
CA SER A 18 12.49 -4.41 4.86
C SER A 18 12.44 -3.49 3.64
N GLU A 19 11.76 -3.95 2.61
CA GLU A 19 11.63 -3.17 1.39
C GLU A 19 10.76 -1.94 1.64
N ILE A 20 9.65 -2.17 2.31
CA ILE A 20 8.73 -1.09 2.62
C ILE A 20 9.44 -0.04 3.47
N ARG A 21 10.31 -0.52 4.34
CA ARG A 21 11.06 0.37 5.22
C ARG A 21 12.10 1.15 4.42
N SER A 22 12.57 0.53 3.34
CA SER A 22 13.55 1.16 2.48
C SER A 22 12.93 2.35 1.76
N ARG A 23 11.76 2.11 1.20
CA ARG A 23 11.05 3.16 0.47
C ARG A 23 10.77 4.35 1.40
N ALA A 24 10.49 4.03 2.65
CA ALA A 24 10.21 5.05 3.64
C ALA A 24 11.48 5.81 3.97
N HIS A 25 12.59 5.09 3.96
CA HIS A 25 13.88 5.68 4.25
C HIS A 25 14.26 6.66 3.13
N ASN A 26 14.09 6.20 1.90
CA ASN A 26 14.41 7.01 0.75
C ASN A 26 13.45 8.21 0.68
N LEU A 27 12.25 7.98 1.19
CA LEU A 27 11.23 9.02 1.20
C LEU A 27 11.38 9.86 2.47
N SER A 28 12.18 9.34 3.40
CA SER A 28 12.41 10.02 4.66
C SER A 28 11.13 10.04 5.49
N VAL A 29 10.60 8.84 5.73
CA VAL A 29 9.38 8.71 6.51
C VAL A 29 9.46 7.44 7.36
N GLU A 30 8.88 7.52 8.54
CA GLU A 30 8.88 6.39 9.46
C GLU A 30 7.49 5.75 9.51
N ILE A 31 7.49 4.43 9.52
CA ILE A 31 6.23 3.69 9.57
C ILE A 31 6.41 2.45 10.45
N LYS A 32 5.29 1.90 10.89
CA LYS A 32 5.30 0.73 11.74
C LYS A 32 4.67 -0.45 10.98
N LYS A 33 4.88 -1.63 11.52
CA LYS A 33 4.33 -2.84 10.92
C LYS A 33 2.97 -3.16 11.56
N GLY A 34 2.76 -2.56 12.72
CA GLY A 34 1.51 -2.78 13.44
C GLY A 34 0.37 -2.01 12.79
N PRO A 35 0.61 -0.69 12.54
CA PRO A 35 -0.38 0.16 11.94
C PRO A 35 -0.51 -0.13 10.43
N TRP A 36 0.62 -0.39 9.82
CA TRP A 36 0.66 -0.69 8.39
C TRP A 36 -0.40 -1.76 8.11
N ARG A 37 -0.39 -2.79 8.95
CA ARG A 37 -1.34 -3.88 8.80
C ARG A 37 -2.75 -3.41 9.17
N THR A 38 -2.85 -2.77 10.33
CA THR A 38 -4.12 -2.27 10.79
C THR A 38 -4.78 -1.38 9.73
N PHE A 39 -4.00 -0.40 9.27
CA PHE A 39 -4.48 0.52 8.27
C PHE A 39 -4.95 -0.23 7.02
N CYS A 40 -4.34 -1.38 6.79
CA CYS A 40 -4.68 -2.19 5.63
C CYS A 40 -5.50 -3.39 6.13
N ALA A 41 -5.96 -3.29 7.37
CA ALA A 41 -6.75 -4.35 7.96
C ALA A 41 -8.24 -4.00 7.84
N SER A 42 -8.59 -2.85 8.38
CA SER A 42 -9.96 -2.38 8.33
C SER A 42 -10.02 -0.86 8.44
N GLU A 43 -9.06 -0.21 7.79
CA GLU A 43 -8.97 1.23 7.82
C GLU A 43 -9.15 1.79 6.40
N TRP A 44 -8.38 1.23 5.48
CA TRP A 44 -8.44 1.66 4.09
C TRP A 44 -9.70 1.07 3.46
N PRO A 45 -9.92 -0.25 3.76
CA PRO A 45 -11.08 -0.95 3.24
C PRO A 45 -12.36 -0.52 3.97
N THR A 46 -12.19 0.41 4.90
CA THR A 46 -13.31 0.91 5.67
C THR A 46 -13.49 2.41 5.44
N PHE A 47 -12.94 2.88 4.33
CA PHE A 47 -13.02 4.29 3.99
C PHE A 47 -14.18 4.54 3.01
N ASP A 48 -14.62 3.47 2.38
CA ASP A 48 -15.71 3.56 1.42
C ASP A 48 -15.17 4.12 0.10
N VAL A 49 -14.61 3.23 -0.70
CA VAL A 49 -14.05 3.62 -1.98
C VAL A 49 -13.95 2.39 -2.88
N GLY A 50 -13.30 1.36 -2.34
CA GLY A 50 -13.13 0.12 -3.09
C GLY A 50 -11.78 -0.51 -2.78
N TRP A 51 -11.44 -0.53 -1.51
CA TRP A 51 -10.18 -1.11 -1.07
C TRP A 51 -10.47 -2.47 -0.44
N PRO A 52 -9.75 -3.50 -0.97
CA PRO A 52 -9.93 -4.86 -0.47
C PRO A 52 -9.25 -5.03 0.90
N PRO A 53 -9.64 -6.13 1.59
CA PRO A 53 -9.08 -6.43 2.90
C PRO A 53 -7.65 -6.95 2.77
N GLU A 54 -7.43 -7.74 1.72
CA GLU A 54 -6.11 -8.31 1.48
C GLU A 54 -5.14 -7.24 1.00
N GLY A 55 -5.70 -6.23 0.33
CA GLY A 55 -4.90 -5.14 -0.19
C GLY A 55 -4.91 -5.12 -1.71
N THR A 56 -4.30 -4.08 -2.27
CA THR A 56 -4.23 -3.94 -3.72
C THR A 56 -3.15 -2.94 -4.10
N PHE A 57 -2.56 -3.16 -5.27
CA PHE A 57 -1.52 -2.29 -5.77
C PHE A 57 -2.00 -1.47 -6.97
N ASP A 58 -3.26 -1.09 -6.91
CA ASP A 58 -3.86 -0.31 -7.98
C ASP A 58 -3.73 1.19 -7.65
N LEU A 59 -2.87 1.85 -8.40
CA LEU A 59 -2.65 3.28 -8.20
C LEU A 59 -4.00 3.98 -8.08
N THR A 60 -4.91 3.61 -8.98
CA THR A 60 -6.24 4.20 -8.98
C THR A 60 -6.89 4.06 -7.61
N VAL A 61 -6.75 2.88 -7.04
CA VAL A 61 -7.31 2.61 -5.72
C VAL A 61 -6.46 3.29 -4.65
N ILE A 62 -5.15 3.24 -4.87
CA ILE A 62 -4.22 3.85 -3.93
C ILE A 62 -4.47 5.36 -3.87
N PHE A 63 -4.46 5.97 -5.04
CA PHE A 63 -4.69 7.41 -5.13
C PHE A 63 -6.00 7.81 -4.46
N GLU A 64 -6.92 6.86 -4.44
CA GLU A 64 -8.23 7.09 -3.84
C GLU A 64 -8.09 7.17 -2.31
N VAL A 65 -7.46 6.15 -1.76
CA VAL A 65 -7.26 6.10 -0.31
C VAL A 65 -6.23 7.15 0.09
N LYS A 66 -5.21 7.28 -0.74
CA LYS A 66 -4.14 8.25 -0.48
C LYS A 66 -4.74 9.65 -0.40
N ALA A 67 -5.56 9.96 -1.40
CA ALA A 67 -6.20 11.27 -1.46
C ALA A 67 -7.07 11.46 -0.23
N ILE A 68 -7.49 10.34 0.34
CA ILE A 68 -8.33 10.36 1.53
C ILE A 68 -7.46 10.66 2.76
N VAL A 69 -6.29 10.05 2.77
CA VAL A 69 -5.36 10.24 3.87
C VAL A 69 -4.64 11.58 3.71
N PHE A 70 -4.51 12.00 2.46
CA PHE A 70 -3.85 13.26 2.15
C PHE A 70 -4.87 14.37 1.95
N GLN A 71 -5.96 14.27 2.70
CA GLN A 71 -7.02 15.26 2.62
C GLN A 71 -6.73 16.43 3.55
N ASP A 72 -7.54 17.48 3.42
CA ASP A 72 -7.38 18.66 4.25
C ASP A 72 -8.57 18.78 5.19
N GLY A 73 -9.26 17.66 5.37
CA GLY A 73 -10.42 17.63 6.24
C GLY A 73 -10.13 16.86 7.53
N PRO A 74 -11.23 16.49 8.24
CA PRO A 74 -11.10 15.75 9.48
C PRO A 74 -10.75 14.29 9.21
N GLY A 75 -10.71 13.95 7.94
CA GLY A 75 -10.39 12.58 7.53
C GLY A 75 -8.93 12.49 7.09
N SER A 76 -8.12 13.40 7.58
CA SER A 76 -6.71 13.42 7.25
C SER A 76 -5.94 12.43 8.12
N HIS A 77 -4.92 11.84 7.53
CA HIS A 77 -4.10 10.86 8.24
C HIS A 77 -2.64 11.03 7.83
N PRO A 78 -1.90 11.86 8.62
CA PRO A 78 -0.50 12.11 8.35
C PRO A 78 0.36 10.90 8.75
N ASP A 79 -0.29 9.95 9.39
CA ASP A 79 0.40 8.74 9.83
C ASP A 79 0.42 7.72 8.69
N GLN A 80 -0.67 7.69 7.94
CA GLN A 80 -0.78 6.76 6.82
C GLN A 80 -0.22 7.41 5.55
N GLN A 81 -0.10 8.73 5.60
CA GLN A 81 0.42 9.47 4.46
C GLN A 81 1.72 8.84 3.96
N PRO A 82 2.63 8.58 4.93
CA PRO A 82 3.92 7.98 4.60
C PRO A 82 3.76 6.50 4.29
N TYR A 83 2.70 5.92 4.83
CA TYR A 83 2.43 4.50 4.62
C TYR A 83 1.90 4.25 3.21
N ILE A 84 0.89 5.03 2.84
CA ILE A 84 0.28 4.90 1.53
C ILE A 84 1.29 5.31 0.47
N THR A 85 2.14 6.26 0.84
CA THR A 85 3.16 6.75 -0.08
C THR A 85 3.99 5.58 -0.63
N VAL A 86 4.38 4.70 0.27
CA VAL A 86 5.18 3.54 -0.11
C VAL A 86 4.36 2.66 -1.06
N TRP A 87 3.08 2.51 -0.73
CA TRP A 87 2.19 1.71 -1.54
C TRP A 87 2.22 2.26 -2.97
N GLN A 88 2.10 3.57 -3.06
CA GLN A 88 2.10 4.24 -4.36
C GLN A 88 3.42 3.97 -5.09
N ASP A 89 4.52 4.17 -4.36
CA ASP A 89 5.84 3.95 -4.91
C ASP A 89 5.96 2.51 -5.37
N LEU A 90 5.34 1.61 -4.61
CA LEU A 90 5.38 0.20 -4.92
C LEU A 90 4.80 -0.02 -6.32
N VAL A 91 3.63 0.56 -6.53
CA VAL A 91 2.95 0.44 -7.81
C VAL A 91 3.88 0.93 -8.93
N GLN A 92 4.49 2.08 -8.67
CA GLN A 92 5.40 2.68 -9.64
C GLN A 92 6.53 1.71 -9.96
N ASN A 93 7.36 1.45 -8.96
CA ASN A 93 8.48 0.55 -9.13
C ASN A 93 8.02 -0.89 -8.86
N SER A 94 7.00 -1.29 -9.60
CA SER A 94 6.44 -2.63 -9.45
C SER A 94 7.58 -3.63 -9.20
N PRO A 95 7.56 -4.21 -7.97
CA PRO A 95 8.57 -5.19 -7.59
C PRO A 95 8.32 -6.53 -8.27
N PRO A 96 9.35 -7.41 -8.21
CA PRO A 96 9.26 -8.73 -8.80
C PRO A 96 8.38 -9.65 -7.95
N TRP A 97 8.32 -9.33 -6.66
CA TRP A 97 7.52 -10.12 -5.74
C TRP A 97 6.06 -9.69 -5.88
N ILE A 98 5.85 -8.63 -6.64
CA ILE A 98 4.52 -8.11 -6.88
C ILE A 98 4.07 -8.50 -8.29
N LYS A 99 4.78 -7.95 -9.26
CA LYS A 99 4.46 -8.23 -10.66
C LYS A 99 5.76 -8.46 -11.43
N SER A 100 5.66 -9.31 -12.45
CA SER A 100 6.81 -9.62 -13.27
C SER A 100 6.40 -9.72 -14.74
N GLY A 101 7.02 -8.88 -15.56
CA GLY A 101 6.71 -8.87 -16.98
C GLY A 101 5.35 -8.24 -17.24
N PRO A 102 5.37 -6.95 -17.65
CA PRO A 102 4.14 -6.23 -17.94
C PRO A 102 3.55 -6.69 -19.28
N SER A 103 2.42 -7.39 -19.19
CA SER A 103 1.75 -7.87 -20.37
C SER A 103 0.25 -8.01 -20.10
N SER A 104 -0.47 -6.92 -20.35
CA SER A 104 -1.90 -6.89 -20.13
C SER A 104 -2.53 -5.76 -20.95
N GLY A 105 -3.44 -6.14 -21.85
CA GLY A 105 -4.12 -5.18 -22.68
C GLY A 105 -4.02 -5.57 -24.15
#